data_8TJC
#
_entry.id   8TJC
#
_cell.length_a   89.410
_cell.length_b   93.876
_cell.length_c   205.066
_cell.angle_alpha   90.00
_cell.angle_beta   90.00
_cell.angle_gamma   90.00
#
_symmetry.space_group_name_H-M   'P 21 21 21'
#
loop_
_entity.id
_entity.type
_entity.pdbx_description
1 polymer 'N-acetyllactosaminide beta-1,3-N-acetylglucosaminyltransferase 2'
2 branched 2-acetamido-2-deoxy-beta-D-glucopyranose-(1-4)-2-acetamido-2-deoxy-beta-D-glucopyranose
3 branched alpha-D-mannopyranose-(1-3)-beta-D-mannopyranose-(1-4)-2-acetamido-2-deoxy-beta-D-glucopyranose-(1-4)-2-acetamido-2-deoxy-beta-D-glucopyranose
4 branched alpha-D-mannopyranose-(1-6)-beta-D-mannopyranose-(1-4)-2-acetamido-2-deoxy-beta-D-glucopyranose-(1-4)-2-acetamido-2-deoxy-beta-D-glucopyranose
5 branched alpha-D-mannopyranose-(1-2)-alpha-D-mannopyranose-(1-3)-beta-D-mannopyranose-(1-4)-2-acetamido-2-deoxy-beta-D-glucopyranose-(1-4)-2-acetamido-2-deoxy-beta-D-glucopyranose
6 branched beta-D-mannopyranose-(1-4)-2-acetamido-2-deoxy-beta-D-glucopyranose-(1-4)-2-acetamido-2-deoxy-beta-D-glucopyranose
7 non-polymer 'MANGANESE (II) ION'
8 non-polymer (6M)-1-[(2R)-3,3-dimethylbutan-2-yl]-6-[(5S)-5-methyl-4-oxo-5-phenyl-4,5-dihydro-1H-imidazol-2-yl]-1,3-dihydro-2H-benzimidazol-2-one
9 non-polymer 2-acetamido-2-deoxy-beta-D-glucopyranose
10 non-polymer DI(HYDROXYETHYL)ETHER
11 water water
#
_entity_poly.entity_id   1
_entity_poly.type   'polypeptide(L)'
_entity_poly.pdbx_seq_one_letter_code
;MSVGRRRIKLLGILMMANVFIYFIMEVSKSSSQEKNGKGEVIIPKEKFWKISTPPEAYWNREQEKLNRQYNPILSMLTNQ
TGEAGRLSNISHLNYCEPDLRVTSVVTGFNNLPDRFKDFLLYLRCRNYSLLIDQPDKCAKKPFLLLAIKSLTPHFARRQA
IRESWGQESNAGNQTVVRVFLLGQTPPEDNHPDLSDMLKFESEKHQDILMWNYRDTFFNLSLKEVLFLRWVSTSCPDTEF
VFKGDDDVFVNTHHILNYLNSLSKTKAKDLFIGDVIHNAGPHRDKKLKYYIPEVVYSGLYPPYAGGGGFLYSGHLALRLY
HITDQVHLYPIDDVYTGMCLQKLGLVPEKHKGFRTFDIEEKNKNNICSYVDLMLVHSRKPQEMIDIWSQLQSAHLKC
;
_entity_poly.pdbx_strand_id   A,B,C,D
#
# COMPACT_ATOMS: atom_id res chain seq x y z
N GLU A 56 4.08 36.84 13.65
CA GLU A 56 5.12 37.59 14.34
C GLU A 56 5.61 36.85 15.58
N ALA A 57 4.75 36.00 16.14
CA ALA A 57 5.11 35.24 17.33
C ALA A 57 6.26 34.30 17.02
N TYR A 58 7.03 33.96 18.06
CA TYR A 58 8.29 33.26 17.84
C TYR A 58 8.06 31.86 17.25
N TRP A 59 7.14 31.09 17.84
CA TRP A 59 6.92 29.74 17.35
C TRP A 59 6.41 29.75 15.91
N ASN A 60 5.46 30.64 15.60
CA ASN A 60 4.94 30.73 14.25
C ASN A 60 6.03 31.09 13.26
N ARG A 61 6.91 32.02 13.66
CA ARG A 61 8.01 32.43 12.78
C ARG A 61 8.99 31.29 12.54
N GLU A 62 9.32 30.54 13.59
CA GLU A 62 10.29 29.45 13.44
C GLU A 62 9.71 28.27 12.70
N GLN A 63 8.40 28.01 12.85
CA GLN A 63 7.80 26.87 12.19
C GLN A 63 7.70 27.08 10.68
N GLU A 64 7.41 28.32 10.25
CA GLU A 64 7.39 28.59 8.82
C GLU A 64 8.79 28.54 8.23
N LYS A 65 9.81 28.95 9.00
CA LYS A 65 11.19 28.71 8.59
C LYS A 65 11.43 27.23 8.34
N LEU A 66 10.83 26.38 9.17
CA LEU A 66 11.00 24.93 9.00
C LEU A 66 10.22 24.41 7.80
N ASN A 67 9.05 25.00 7.53
CA ASN A 67 8.29 24.59 6.34
C ASN A 67 9.07 24.90 5.06
N ARG A 68 9.74 26.06 5.02
CA ARG A 68 10.58 26.39 3.87
C ARG A 68 11.77 25.46 3.77
N GLN A 69 12.30 24.99 4.91
CA GLN A 69 13.44 24.10 4.88
C GLN A 69 13.08 22.76 4.23
N TYR A 70 11.88 22.26 4.51
CA TYR A 70 11.46 20.95 4.01
C TYR A 70 10.72 21.03 2.69
N ASN A 71 10.46 22.22 2.17
CA ASN A 71 9.80 22.32 0.88
C ASN A 71 10.84 22.17 -0.24
N PRO A 72 10.61 21.29 -1.21
CA PRO A 72 11.63 21.08 -2.26
C PRO A 72 12.01 22.34 -3.00
N ILE A 73 11.07 23.25 -3.24
CA ILE A 73 11.39 24.46 -3.99
C ILE A 73 11.98 25.53 -3.09
N LEU A 74 11.26 25.88 -2.01
CA LEU A 74 11.61 27.04 -1.20
C LEU A 74 12.93 26.85 -0.45
N SER A 75 13.40 25.61 -0.28
CA SER A 75 14.62 25.38 0.50
C SER A 75 15.89 25.81 -0.22
N MET A 76 15.79 26.33 -1.44
CA MET A 76 16.98 26.73 -2.20
C MET A 76 17.30 28.21 -1.99
N ILE A 90 22.43 25.94 12.14
CA ILE A 90 22.37 24.92 13.19
C ILE A 90 21.14 24.05 13.01
N SER A 91 21.16 22.88 13.63
CA SER A 91 20.05 21.94 13.52
C SER A 91 18.96 22.27 14.52
N HIS A 92 17.73 21.93 14.13
CA HIS A 92 16.58 22.04 15.02
C HIS A 92 16.28 20.72 15.73
N LEU A 93 17.16 19.73 15.59
CA LEU A 93 16.91 18.39 16.11
C LEU A 93 17.96 17.93 17.11
N ASN A 94 19.23 18.28 16.92
CA ASN A 94 20.30 17.81 17.80
C ASN A 94 21.22 18.94 18.24
N TYR A 95 20.72 20.17 18.29
CA TYR A 95 21.47 21.30 18.84
C TYR A 95 21.09 21.41 20.31
N CYS A 96 21.94 20.91 21.19
CA CYS A 96 21.61 20.76 22.60
C CYS A 96 22.36 21.74 23.49
N GLU A 97 23.00 22.75 22.92
CA GLU A 97 23.51 23.85 23.71
C GLU A 97 22.49 24.97 23.75
N PRO A 98 22.55 25.85 24.75
CA PRO A 98 21.56 26.93 24.85
C PRO A 98 21.52 27.78 23.60
N ASP A 99 20.33 27.95 23.04
CA ASP A 99 20.11 28.74 21.82
C ASP A 99 19.89 30.18 22.24
N LEU A 100 20.99 30.93 22.33
CA LEU A 100 20.99 32.24 22.98
C LEU A 100 20.35 33.35 22.15
N ARG A 101 20.12 33.14 20.86
CA ARG A 101 19.49 34.23 20.10
C ARG A 101 18.03 34.41 20.45
N VAL A 102 17.43 33.51 21.24
CA VAL A 102 16.06 33.74 21.69
C VAL A 102 15.99 34.84 22.73
N THR A 103 17.10 35.14 23.41
CA THR A 103 17.13 36.24 24.35
C THR A 103 17.06 37.60 23.67
N SER A 104 17.26 37.66 22.36
CA SER A 104 17.20 38.91 21.62
C SER A 104 15.92 39.06 20.80
N VAL A 105 15.44 37.96 20.19
CA VAL A 105 14.31 38.06 19.27
C VAL A 105 12.96 37.86 19.94
N VAL A 106 12.92 37.35 21.16
CA VAL A 106 11.67 37.14 21.89
C VAL A 106 11.49 38.33 22.82
N THR A 107 10.58 39.24 22.44
CA THR A 107 10.38 40.46 23.20
C THR A 107 9.91 40.15 24.62
N GLY A 108 10.59 40.73 25.59
CA GLY A 108 10.26 40.48 26.99
C GLY A 108 10.71 39.15 27.52
N PHE A 109 11.80 38.60 26.96
CA PHE A 109 12.22 37.24 27.28
C PHE A 109 12.55 37.10 28.77
N ASN A 110 13.47 37.91 29.27
CA ASN A 110 13.97 37.74 30.63
C ASN A 110 12.89 37.93 31.68
N ASN A 111 11.73 38.46 31.32
CA ASN A 111 10.59 38.54 32.22
C ASN A 111 9.63 37.37 32.10
N LEU A 112 9.87 36.47 31.14
CA LEU A 112 9.00 35.31 30.98
C LEU A 112 9.21 34.34 32.14
N PRO A 113 8.20 33.53 32.46
CA PRO A 113 8.38 32.50 33.49
C PRO A 113 9.50 31.54 33.11
N ASP A 114 10.05 30.89 34.14
CA ASP A 114 11.23 30.06 33.95
C ASP A 114 10.97 28.94 32.94
N ARG A 115 9.78 28.34 32.97
CA ARG A 115 9.49 27.25 32.04
C ARG A 115 9.54 27.71 30.60
N PHE A 116 9.12 28.95 30.32
CA PHE A 116 9.21 29.47 28.95
C PHE A 116 10.66 29.71 28.55
N LYS A 117 11.48 30.21 29.47
CA LYS A 117 12.89 30.43 29.16
C LYS A 117 13.58 29.13 28.80
N ASP A 118 13.38 28.08 29.61
CA ASP A 118 14.02 26.80 29.35
C ASP A 118 13.49 26.14 28.09
N PHE A 119 12.20 26.34 27.78
CA PHE A 119 11.65 25.77 26.57
C PHE A 119 12.31 26.36 25.32
N LEU A 120 12.48 27.68 25.30
CA LEU A 120 13.02 28.34 24.11
C LEU A 120 14.51 28.06 23.94
N LEU A 121 15.26 27.96 25.04
CA LEU A 121 16.70 27.82 24.95
C LEU A 121 17.13 26.42 24.49
N TYR A 122 16.27 25.41 24.66
CA TYR A 122 16.65 24.04 24.30
C TYR A 122 15.63 23.41 23.37
N LEU A 123 14.83 24.22 22.68
CA LEU A 123 13.82 23.73 21.75
C LEU A 123 14.43 22.89 20.63
N ARG A 124 15.72 23.07 20.33
CA ARG A 124 16.35 22.41 19.21
C ARG A 124 17.05 21.10 19.60
N CYS A 125 16.83 20.62 20.82
CA CYS A 125 17.43 19.36 21.28
C CYS A 125 16.31 18.35 21.52
N ARG A 126 16.35 17.25 20.77
CA ARG A 126 15.41 16.16 21.00
C ARG A 126 16.04 14.79 20.80
N ASN A 127 17.37 14.70 20.69
CA ASN A 127 18.05 13.42 20.53
C ASN A 127 18.47 12.88 21.91
N TYR A 128 17.46 12.51 22.69
CA TYR A 128 17.68 11.96 24.02
C TYR A 128 17.62 10.44 23.97
N SER A 129 18.34 9.81 24.91
CA SER A 129 18.49 8.37 24.93
C SER A 129 17.63 7.74 26.02
N LEU A 130 17.33 6.46 25.82
CA LEU A 130 16.64 5.69 26.84
C LEU A 130 17.61 5.28 27.95
N LEU A 131 17.22 5.53 29.20
CA LEU A 131 17.96 5.00 30.34
C LEU A 131 17.38 3.70 30.85
N ILE A 132 16.07 3.52 30.75
CA ILE A 132 15.41 2.25 31.06
C ILE A 132 14.57 1.85 29.87
N ASP A 133 14.74 0.61 29.40
CA ASP A 133 14.06 0.15 28.21
C ASP A 133 13.48 -1.24 28.46
N GLN A 134 12.37 -1.53 27.78
CA GLN A 134 11.79 -2.87 27.71
C GLN A 134 11.83 -3.32 26.26
N PRO A 135 13.01 -3.68 25.76
CA PRO A 135 13.15 -3.94 24.32
C PRO A 135 12.33 -5.11 23.82
N ASP A 136 11.94 -6.03 24.71
CA ASP A 136 11.14 -7.18 24.34
C ASP A 136 9.68 -7.03 24.73
N LYS A 137 9.24 -5.80 24.99
CA LYS A 137 7.86 -5.56 25.40
C LYS A 137 6.88 -6.02 24.31
N CYS A 138 7.23 -5.81 23.05
CA CYS A 138 6.37 -6.16 21.93
C CYS A 138 6.91 -7.34 21.13
N ALA A 139 7.57 -8.28 21.81
CA ALA A 139 7.99 -9.51 21.15
C ALA A 139 6.81 -10.23 20.53
N LYS A 140 5.79 -10.51 21.33
CA LYS A 140 4.49 -10.89 20.79
C LYS A 140 3.80 -9.63 20.26
N LYS A 141 3.34 -9.69 19.02
CA LYS A 141 2.71 -8.52 18.41
C LYS A 141 1.46 -8.15 19.19
N PRO A 142 1.33 -6.90 19.63
CA PRO A 142 0.17 -6.52 20.44
C PRO A 142 -0.98 -5.97 19.60
N PHE A 143 -2.19 -6.22 20.09
CA PHE A 143 -3.37 -5.61 19.49
C PHE A 143 -3.62 -4.22 20.05
N LEU A 144 -3.26 -3.98 21.31
CA LEU A 144 -3.45 -2.69 21.95
C LEU A 144 -2.27 -2.41 22.86
N LEU A 145 -1.53 -1.34 22.56
CA LEU A 145 -0.42 -0.89 23.40
C LEU A 145 -0.91 0.26 24.26
N LEU A 146 -0.92 0.05 25.58
CA LEU A 146 -1.26 1.11 26.52
C LEU A 146 0.02 1.83 26.94
N ALA A 147 0.08 3.13 26.65
CA ALA A 147 1.25 3.96 26.96
C ALA A 147 0.80 5.07 27.91
N ILE A 148 1.17 4.95 29.17
CA ILE A 148 0.67 5.82 30.23
C ILE A 148 1.77 6.80 30.63
N LYS A 149 1.47 8.09 30.59
CA LYS A 149 2.42 9.09 31.05
C LYS A 149 2.41 9.16 32.58
N SER A 150 3.60 9.22 33.16
CA SER A 150 3.72 9.21 34.61
C SER A 150 4.99 9.96 35.02
N LEU A 151 5.06 10.28 36.30
CA LEU A 151 6.24 10.88 36.91
C LEU A 151 6.81 9.91 37.92
N THR A 152 8.13 10.00 38.12
CA THR A 152 8.87 9.06 38.96
C THR A 152 8.21 8.74 40.30
N PRO A 153 7.76 9.70 41.12
CA PRO A 153 7.20 9.33 42.44
C PRO A 153 5.79 8.76 42.41
N HIS A 154 5.16 8.62 41.23
CA HIS A 154 3.78 8.14 41.14
C HIS A 154 3.74 6.60 41.19
N PHE A 155 4.29 6.06 42.28
CA PHE A 155 4.34 4.60 42.40
C PHE A 155 2.95 4.01 42.59
N ALA A 156 2.08 4.69 43.33
CA ALA A 156 0.75 4.18 43.60
C ALA A 156 -0.16 4.27 42.38
N ARG A 157 -0.05 5.36 41.62
CA ARG A 157 -0.84 5.48 40.40
C ARG A 157 -0.51 4.37 39.42
N ARG A 158 0.79 4.12 39.20
CA ARG A 158 1.19 3.07 38.27
C ARG A 158 0.73 1.70 38.75
N GLN A 159 1.00 1.38 40.02
CA GLN A 159 0.63 0.06 40.54
C GLN A 159 -0.87 -0.16 40.46
N ALA A 160 -1.66 0.89 40.76
CA ALA A 160 -3.12 0.76 40.66
C ALA A 160 -3.55 0.47 39.23
N ILE A 161 -2.85 1.07 38.25
CA ILE A 161 -3.20 0.82 36.85
C ILE A 161 -2.84 -0.61 36.46
N ARG A 162 -1.70 -1.11 36.97
CA ARG A 162 -1.32 -2.50 36.70
C ARG A 162 -2.39 -3.47 37.19
N GLU A 163 -2.98 -3.20 38.35
CA GLU A 163 -3.96 -4.10 38.94
C GLU A 163 -5.36 -3.90 38.40
N SER A 164 -5.63 -2.83 37.66
CA SER A 164 -6.98 -2.50 37.23
C SER A 164 -7.01 -2.56 35.70
N TRP A 165 -7.29 -1.44 35.04
CA TRP A 165 -7.54 -1.45 33.60
C TRP A 165 -6.27 -1.60 32.77
N GLY A 166 -5.09 -1.47 33.36
CA GLY A 166 -3.86 -1.58 32.61
C GLY A 166 -3.25 -2.97 32.65
N GLN A 167 -4.05 -3.96 33.05
CA GLN A 167 -3.58 -5.34 33.08
C GLN A 167 -3.17 -5.79 31.69
N GLU A 168 -2.06 -6.51 31.61
CA GLU A 168 -1.64 -7.14 30.37
C GLU A 168 -2.36 -8.47 30.18
N SER A 169 -2.61 -8.82 28.92
CA SER A 169 -3.40 -10.00 28.61
C SER A 169 -3.00 -10.56 27.25
N ASN A 170 -3.34 -11.83 27.05
CA ASN A 170 -3.11 -12.56 25.81
C ASN A 170 -4.38 -13.30 25.40
N ALA A 171 -5.53 -12.62 25.48
CA ALA A 171 -6.83 -13.26 25.32
C ALA A 171 -7.11 -13.51 23.84
N GLY A 172 -6.79 -14.71 23.38
CA GLY A 172 -7.15 -15.20 22.05
C GLY A 172 -7.01 -14.20 20.92
N ASN A 173 -5.78 -14.00 20.44
CA ASN A 173 -5.40 -13.12 19.35
C ASN A 173 -5.23 -11.67 19.82
N GLN A 174 -5.95 -11.26 20.85
CA GLN A 174 -5.96 -9.87 21.31
C GLN A 174 -5.01 -9.73 22.49
N THR A 175 -3.76 -9.39 22.19
CA THR A 175 -2.74 -9.20 23.21
C THR A 175 -2.66 -7.72 23.58
N VAL A 176 -2.60 -7.44 24.87
CA VAL A 176 -2.52 -6.07 25.40
C VAL A 176 -1.23 -5.96 26.23
N VAL A 177 -0.40 -4.98 25.89
CA VAL A 177 0.83 -4.71 26.63
C VAL A 177 0.77 -3.29 27.17
N ARG A 178 1.68 -2.99 28.09
CA ARG A 178 1.63 -1.75 28.87
C ARG A 178 3.02 -1.18 29.06
N VAL A 179 3.13 0.13 28.90
CA VAL A 179 4.37 0.85 29.19
C VAL A 179 4.00 2.14 29.92
N PHE A 180 4.86 2.55 30.84
CA PHE A 180 4.80 3.86 31.46
C PHE A 180 5.90 4.74 30.88
N LEU A 181 5.57 6.00 30.62
CA LEU A 181 6.47 6.94 29.95
C LEU A 181 7.01 7.93 30.97
N LEU A 182 8.32 7.90 31.20
CA LEU A 182 8.95 8.72 32.23
C LEU A 182 10.12 9.51 31.65
N GLY A 183 10.26 10.74 32.12
CA GLY A 183 11.49 11.48 32.00
C GLY A 183 12.29 11.41 33.27
N GLN A 184 13.20 12.37 33.43
CA GLN A 184 14.04 12.43 34.62
C GLN A 184 13.52 13.48 35.59
N THR A 185 13.68 13.20 36.89
CA THR A 185 13.43 14.15 37.97
C THR A 185 14.73 14.25 38.76
N PRO A 186 15.68 15.05 38.28
CA PRO A 186 17.06 14.94 38.76
C PRO A 186 17.25 15.65 40.08
N PRO A 187 18.32 15.33 40.81
CA PRO A 187 18.55 15.99 42.12
C PRO A 187 18.85 17.47 42.00
N GLU A 188 19.41 17.94 40.88
CA GLU A 188 19.73 19.35 40.76
C GLU A 188 18.50 20.25 40.72
N ASP A 189 17.30 19.68 40.61
CA ASP A 189 16.06 20.44 40.73
C ASP A 189 15.34 20.14 42.04
N ASN A 190 16.07 19.62 43.04
CA ASN A 190 15.56 19.34 44.38
C ASN A 190 14.55 18.21 44.42
N HIS A 191 14.59 17.32 43.43
CA HIS A 191 13.75 16.12 43.52
C HIS A 191 14.41 15.09 44.42
N PRO A 192 13.65 14.38 45.25
CA PRO A 192 14.23 13.30 46.04
C PRO A 192 14.74 12.18 45.14
N ASP A 193 15.95 11.70 45.43
CA ASP A 193 16.56 10.64 44.63
C ASP A 193 15.78 9.35 44.85
N LEU A 194 14.94 9.00 43.88
CA LEU A 194 14.14 7.78 43.92
C LEU A 194 14.57 6.79 42.84
N SER A 195 15.79 6.91 42.33
CA SER A 195 16.24 6.07 41.22
C SER A 195 16.33 4.60 41.64
N ASP A 196 16.75 4.34 42.86
CA ASP A 196 16.86 2.96 43.33
C ASP A 196 15.50 2.27 43.35
N MET A 197 14.49 2.96 43.84
CA MET A 197 13.14 2.42 43.85
C MET A 197 12.58 2.28 42.44
N LEU A 198 12.93 3.22 41.55
CA LEU A 198 12.49 3.13 40.17
C LEU A 198 13.12 1.94 39.45
N LYS A 199 14.43 1.74 39.64
CA LYS A 199 15.09 0.58 39.05
C LYS A 199 14.54 -0.71 39.65
N PHE A 200 14.21 -0.70 40.94
CA PHE A 200 13.55 -1.85 41.55
C PHE A 200 12.16 -2.07 40.93
N GLU A 201 11.41 -0.98 40.75
CA GLU A 201 10.07 -1.11 40.18
C GLU A 201 10.15 -1.57 38.72
N SER A 202 11.16 -1.13 37.98
CA SER A 202 11.29 -1.56 36.59
C SER A 202 11.61 -3.04 36.49
N GLU A 203 12.53 -3.53 37.32
CA GLU A 203 12.90 -4.94 37.25
C GLU A 203 11.76 -5.85 37.68
N LYS A 204 10.88 -5.38 38.56
CA LYS A 204 9.77 -6.20 39.04
C LYS A 204 8.67 -6.31 37.99
N HIS A 205 8.26 -5.18 37.40
CA HIS A 205 7.11 -5.17 36.51
C HIS A 205 7.47 -5.04 35.04
N GLN A 206 8.68 -4.56 34.72
CA GLN A 206 9.18 -4.52 33.35
C GLN A 206 8.24 -3.78 32.41
N ASP A 207 7.79 -2.59 32.84
CA ASP A 207 6.88 -1.79 32.03
C ASP A 207 7.22 -0.31 32.12
N ILE A 208 8.47 0.01 32.43
CA ILE A 208 8.90 1.39 32.58
C ILE A 208 9.85 1.73 31.44
N LEU A 209 9.53 2.80 30.70
CA LEU A 209 10.43 3.39 29.73
C LEU A 209 10.83 4.77 30.24
N MET A 210 12.12 5.06 30.21
CA MET A 210 12.64 6.27 30.82
C MET A 210 13.74 6.87 29.97
N TRP A 211 13.60 8.17 29.66
CA TRP A 211 14.55 8.90 28.83
C TRP A 211 15.27 9.95 29.68
N ASN A 212 16.46 10.36 29.19
CA ASN A 212 17.33 11.26 29.94
C ASN A 212 17.06 12.73 29.59
N TYR A 213 15.82 13.15 29.81
CA TYR A 213 15.44 14.55 29.71
C TYR A 213 14.66 14.93 30.97
N ARG A 214 14.62 16.23 31.24
CA ARG A 214 13.91 16.72 32.41
C ARG A 214 12.40 16.62 32.18
N ASP A 215 11.73 15.83 33.02
CA ASP A 215 10.30 15.57 32.90
C ASP A 215 9.51 16.72 33.53
N THR A 216 9.33 17.78 32.74
CA THR A 216 8.58 18.95 33.17
C THR A 216 7.35 19.10 32.29
N PHE A 217 6.45 19.99 32.72
CA PHE A 217 5.20 20.21 32.00
C PHE A 217 5.45 20.65 30.56
N PHE A 218 6.44 21.52 30.36
CA PHE A 218 6.70 22.04 29.02
C PHE A 218 7.58 21.12 28.18
N ASN A 219 7.95 19.95 28.70
CA ASN A 219 8.69 18.96 27.93
C ASN A 219 7.83 17.74 27.59
N LEU A 220 6.51 17.87 27.68
CA LEU A 220 5.66 16.72 27.41
C LEU A 220 5.59 16.40 25.91
N SER A 221 5.65 17.41 25.04
CA SER A 221 5.74 17.12 23.62
C SER A 221 7.03 16.38 23.31
N LEU A 222 8.07 16.61 24.12
CA LEU A 222 9.28 15.79 24.03
C LEU A 222 8.98 14.35 24.44
N LYS A 223 8.20 14.17 25.51
CA LYS A 223 7.77 12.83 25.90
C LYS A 223 6.95 12.18 24.78
N GLU A 224 6.15 12.97 24.08
CA GLU A 224 5.36 12.44 22.97
C GLU A 224 6.27 12.01 21.82
N VAL A 225 7.22 12.86 21.43
CA VAL A 225 8.09 12.54 20.30
C VAL A 225 8.96 11.33 20.63
N LEU A 226 9.50 11.28 21.85
CA LEU A 226 10.40 10.19 22.21
C LEU A 226 9.67 8.86 22.28
N PHE A 227 8.40 8.87 22.70
CA PHE A 227 7.62 7.63 22.71
C PHE A 227 7.35 7.14 21.28
N LEU A 228 6.99 8.05 20.38
CA LEU A 228 6.76 7.67 18.98
C LEU A 228 8.03 7.08 18.38
N ARG A 229 9.20 7.64 18.72
CA ARG A 229 10.45 7.06 18.28
C ARG A 229 10.59 5.62 18.79
N TRP A 230 10.22 5.39 20.05
CA TRP A 230 10.31 4.05 20.61
C TRP A 230 9.34 3.08 19.93
N VAL A 231 8.14 3.57 19.59
CA VAL A 231 7.19 2.72 18.87
C VAL A 231 7.75 2.34 17.50
N SER A 232 8.38 3.29 16.81
CA SER A 232 8.90 3.01 15.48
C SER A 232 10.12 2.10 15.51
N THR A 233 10.85 2.03 16.63
CA THR A 233 12.02 1.17 16.72
C THR A 233 11.79 -0.10 17.52
N SER A 234 10.76 -0.15 18.35
CA SER A 234 10.58 -1.27 19.27
C SER A 234 9.17 -1.84 19.31
N CYS A 235 8.18 -1.16 18.75
CA CYS A 235 6.84 -1.73 18.72
C CYS A 235 6.08 -1.29 17.47
N PRO A 236 6.63 -1.47 16.26
CA PRO A 236 5.97 -0.92 15.07
C PRO A 236 4.75 -1.71 14.63
N ASP A 237 4.61 -2.96 15.05
CA ASP A 237 3.52 -3.81 14.59
C ASP A 237 2.27 -3.71 15.44
N THR A 238 2.27 -2.88 16.48
CA THR A 238 1.10 -2.80 17.36
C THR A 238 -0.10 -2.32 16.55
N GLU A 239 -1.21 -3.07 16.67
CA GLU A 239 -2.41 -2.73 15.91
C GLU A 239 -2.95 -1.37 16.32
N PHE A 240 -3.04 -1.12 17.63
CA PHE A 240 -3.60 0.13 18.13
C PHE A 240 -2.77 0.61 19.31
N VAL A 241 -2.83 1.92 19.54
CA VAL A 241 -2.09 2.58 20.61
C VAL A 241 -3.04 3.46 21.38
N PHE A 242 -3.03 3.34 22.70
CA PHE A 242 -3.69 4.28 23.59
C PHE A 242 -2.63 5.00 24.41
N LYS A 243 -2.68 6.32 24.41
CA LYS A 243 -1.78 7.15 25.22
C LYS A 243 -2.61 8.00 26.17
N GLY A 244 -2.33 7.89 27.47
CA GLY A 244 -3.11 8.60 28.46
C GLY A 244 -2.32 8.95 29.71
N ASP A 245 -2.97 9.70 30.59
CA ASP A 245 -2.41 10.13 31.86
C ASP A 245 -2.53 9.02 32.90
N ASP A 246 -1.69 9.09 33.93
CA ASP A 246 -1.72 8.07 34.97
C ASP A 246 -2.77 8.33 36.04
N ASP A 247 -3.68 9.29 35.81
CA ASP A 247 -4.76 9.55 36.74
C ASP A 247 -6.13 9.55 36.06
N VAL A 248 -6.24 8.93 34.89
CA VAL A 248 -7.52 8.78 34.20
C VAL A 248 -7.92 7.31 34.24
N PHE A 249 -9.19 7.05 34.50
CA PHE A 249 -9.70 5.69 34.43
C PHE A 249 -10.09 5.39 32.99
N VAL A 250 -9.62 4.26 32.48
CA VAL A 250 -9.87 3.84 31.10
C VAL A 250 -10.65 2.53 31.13
N ASN A 251 -11.78 2.50 30.45
CA ASN A 251 -12.54 1.24 30.31
C ASN A 251 -11.92 0.47 29.17
N THR A 252 -10.91 -0.34 29.49
CA THR A 252 -10.22 -1.12 28.47
C THR A 252 -11.15 -2.12 27.79
N HIS A 253 -12.12 -2.64 28.52
CA HIS A 253 -13.10 -3.56 27.92
C HIS A 253 -13.89 -2.86 26.83
N HIS A 254 -14.43 -1.66 27.14
CA HIS A 254 -15.19 -0.92 26.13
C HIS A 254 -14.32 -0.49 24.96
N ILE A 255 -13.04 -0.20 25.22
CA ILE A 255 -12.15 0.19 24.14
C ILE A 255 -11.89 -0.98 23.20
N LEU A 256 -11.66 -2.17 23.75
CA LEU A 256 -11.43 -3.34 22.91
C LEU A 256 -12.67 -3.68 22.09
N ASN A 257 -13.85 -3.58 22.70
CA ASN A 257 -15.08 -3.83 21.95
C ASN A 257 -15.25 -2.83 20.82
N TYR A 258 -14.88 -1.57 21.05
CA TYR A 258 -14.99 -0.55 20.01
C TYR A 258 -13.97 -0.79 18.90
N LEU A 259 -12.74 -1.17 19.27
CA LEU A 259 -11.72 -1.43 18.26
C LEU A 259 -12.14 -2.57 17.34
N ASN A 260 -12.82 -3.58 17.88
CA ASN A 260 -13.22 -4.74 17.09
C ASN A 260 -14.39 -4.43 16.16
N SER A 261 -15.13 -3.35 16.41
CA SER A 261 -16.25 -2.97 15.57
C SER A 261 -15.85 -2.03 14.43
N LEU A 262 -14.56 -1.86 14.19
CA LEU A 262 -14.07 -0.90 13.21
C LEU A 262 -13.89 -1.54 11.84
N SER A 263 -14.34 -0.84 10.81
CA SER A 263 -14.04 -1.24 9.44
C SER A 263 -12.54 -1.14 9.19
N LYS A 264 -12.05 -1.97 8.26
CA LYS A 264 -10.61 -2.04 8.01
C LYS A 264 -10.06 -0.69 7.55
N THR A 265 -10.90 0.15 6.95
CA THR A 265 -10.44 1.46 6.49
C THR A 265 -10.45 2.48 7.63
N LYS A 266 -11.45 2.41 8.52
CA LYS A 266 -11.50 3.32 9.65
C LYS A 266 -10.41 3.03 10.68
N ALA A 267 -9.83 1.83 10.65
CA ALA A 267 -8.79 1.43 11.60
C ALA A 267 -7.39 1.80 11.13
N LYS A 268 -7.24 2.26 9.89
CA LYS A 268 -5.91 2.60 9.39
C LYS A 268 -5.50 3.99 9.81
N ASP A 269 -6.42 4.94 9.77
CA ASP A 269 -6.18 6.33 10.16
C ASP A 269 -7.01 6.69 11.39
N LEU A 270 -7.19 5.74 12.30
CA LEU A 270 -7.97 5.98 13.50
C LEU A 270 -7.24 6.96 14.42
N PHE A 271 -7.96 7.97 14.89
CA PHE A 271 -7.46 8.87 15.92
C PHE A 271 -8.68 9.55 16.53
N ILE A 272 -9.08 9.09 17.73
CA ILE A 272 -10.27 9.61 18.38
C ILE A 272 -9.92 10.06 19.79
N GLY A 273 -10.76 10.95 20.31
CA GLY A 273 -10.59 11.47 21.66
C GLY A 273 -11.59 12.58 21.90
N ASP A 274 -11.28 13.41 22.89
CA ASP A 274 -12.06 14.61 23.16
C ASP A 274 -11.42 15.76 22.37
N VAL A 275 -11.93 15.99 21.16
CA VAL A 275 -11.34 16.93 20.22
C VAL A 275 -12.04 18.28 20.36
N ILE A 276 -11.25 19.35 20.29
CA ILE A 276 -11.76 20.72 20.33
C ILE A 276 -11.31 21.43 19.05
N HIS A 277 -12.25 22.09 18.39
CA HIS A 277 -11.97 22.81 17.15
C HIS A 277 -11.92 24.32 17.42
N ASN A 278 -11.03 25.00 16.69
CA ASN A 278 -10.89 26.45 16.76
C ASN A 278 -10.59 26.92 18.18
N ALA A 279 -9.70 26.22 18.87
CA ALA A 279 -9.27 26.62 20.20
C ALA A 279 -8.09 27.59 20.09
N GLY A 280 -7.97 28.45 21.08
CA GLY A 280 -6.91 29.43 21.11
C GLY A 280 -6.00 29.23 22.30
N PRO A 281 -4.86 29.93 22.31
CA PRO A 281 -3.95 29.83 23.45
C PRO A 281 -4.45 30.66 24.61
N HIS A 282 -4.45 30.06 25.81
CA HIS A 282 -4.84 30.78 27.01
C HIS A 282 -3.88 31.95 27.24
N ARG A 283 -4.45 33.13 27.46
CA ARG A 283 -3.65 34.35 27.63
C ARG A 283 -3.61 34.84 29.08
N ASP A 284 -4.33 34.19 29.99
CA ASP A 284 -4.22 34.54 31.40
C ASP A 284 -2.90 34.01 31.95
N LYS A 285 -2.09 34.90 32.51
CA LYS A 285 -0.77 34.53 33.01
C LYS A 285 -0.82 33.51 34.14
N LYS A 286 -1.98 33.38 34.81
CA LYS A 286 -2.07 32.58 36.02
C LYS A 286 -2.62 31.17 35.79
N LEU A 287 -3.05 30.82 34.58
CA LEU A 287 -3.60 29.50 34.37
C LEU A 287 -2.54 28.51 33.92
N LYS A 288 -2.95 27.25 33.79
CA LYS A 288 -2.04 26.15 33.53
C LYS A 288 -1.54 26.14 32.09
N TYR A 289 -2.38 26.55 31.14
CA TYR A 289 -2.05 26.49 29.72
C TYR A 289 -1.71 27.87 29.16
N TYR A 290 -1.18 28.75 29.99
CA TYR A 290 -0.84 30.10 29.57
C TYR A 290 0.22 30.07 28.47
N ILE A 291 -0.07 30.77 27.37
CA ILE A 291 0.88 30.96 26.28
C ILE A 291 0.82 32.43 25.89
N PRO A 292 1.91 33.18 26.04
CA PRO A 292 1.89 34.60 25.66
C PRO A 292 1.97 34.78 24.15
N GLU A 293 1.63 36.00 23.73
CA GLU A 293 1.60 36.30 22.30
C GLU A 293 2.99 36.36 21.69
N VAL A 294 4.04 36.59 22.49
CA VAL A 294 5.40 36.57 21.97
C VAL A 294 5.81 35.16 21.56
N VAL A 295 5.11 34.13 22.03
CA VAL A 295 5.44 32.75 21.72
C VAL A 295 4.57 32.20 20.60
N TYR A 296 3.25 32.34 20.73
CA TYR A 296 2.33 31.78 19.74
C TYR A 296 1.24 32.78 19.43
N SER A 297 0.94 32.92 18.14
CA SER A 297 -0.15 33.77 17.67
C SER A 297 -1.11 32.94 16.84
N GLY A 298 -2.37 33.37 16.81
CA GLY A 298 -3.38 32.68 16.05
C GLY A 298 -4.09 31.60 16.85
N LEU A 299 -4.73 30.70 16.11
CA LEU A 299 -5.53 29.64 16.70
C LEU A 299 -4.79 28.31 16.67
N TYR A 300 -5.19 27.41 17.58
CA TYR A 300 -4.67 26.06 17.58
C TYR A 300 -5.37 25.22 16.52
N PRO A 301 -4.69 24.23 15.95
CA PRO A 301 -5.35 23.24 15.11
C PRO A 301 -6.25 22.35 15.95
N PRO A 302 -7.12 21.56 15.33
CA PRO A 302 -7.93 20.62 16.12
C PRO A 302 -7.06 19.58 16.80
N TYR A 303 -7.37 19.30 18.06
CA TYR A 303 -6.57 18.35 18.83
C TYR A 303 -7.40 17.73 19.94
N ALA A 304 -7.07 16.48 20.27
CA ALA A 304 -7.69 15.79 21.39
C ALA A 304 -6.83 15.98 22.64
N GLY A 305 -7.46 16.44 23.71
CA GLY A 305 -6.76 16.62 24.98
C GLY A 305 -7.61 16.17 26.15
N GLY A 306 -7.07 16.36 27.35
CA GLY A 306 -7.81 16.16 28.57
C GLY A 306 -7.57 14.85 29.28
N GLY A 307 -6.63 14.02 28.84
CA GLY A 307 -6.33 12.81 29.57
C GLY A 307 -5.91 11.61 28.77
N GLY A 308 -6.30 11.55 27.49
CA GLY A 308 -5.91 10.42 26.66
C GLY A 308 -6.62 10.36 25.31
N PHE A 309 -5.99 9.70 24.35
CA PHE A 309 -6.61 9.48 23.04
C PHE A 309 -6.20 8.11 22.51
N LEU A 310 -6.89 7.69 21.45
CA LEU A 310 -6.74 6.35 20.87
C LEU A 310 -6.44 6.49 19.39
N TYR A 311 -5.46 5.73 18.91
CA TYR A 311 -5.09 5.82 17.50
C TYR A 311 -4.39 4.53 17.07
N SER A 312 -4.21 4.40 15.75
CA SER A 312 -3.67 3.19 15.15
C SER A 312 -2.16 3.22 15.10
N GLY A 313 -1.56 2.03 15.14
CA GLY A 313 -0.12 1.94 14.96
C GLY A 313 0.35 2.39 13.60
N HIS A 314 -0.50 2.20 12.58
CA HIS A 314 -0.20 2.78 11.26
C HIS A 314 -0.08 4.29 11.35
N LEU A 315 -0.98 4.93 12.11
CA LEU A 315 -0.92 6.37 12.28
C LEU A 315 0.29 6.79 13.10
N ALA A 316 0.65 6.00 14.12
CA ALA A 316 1.78 6.35 14.97
C ALA A 316 3.07 6.37 14.18
N LEU A 317 3.24 5.43 13.23
CA LEU A 317 4.44 5.40 12.42
C LEU A 317 4.47 6.57 11.44
N ARG A 318 3.31 6.96 10.91
CA ARG A 318 3.24 8.18 10.11
C ARG A 318 3.50 9.41 10.97
N LEU A 319 2.96 9.41 12.20
CA LEU A 319 3.14 10.55 13.08
C LEU A 319 4.60 10.78 13.42
N TYR A 320 5.33 9.71 13.73
CA TYR A 320 6.74 9.89 14.11
C TYR A 320 7.55 10.43 12.94
N HIS A 321 7.22 10.00 11.72
CA HIS A 321 7.95 10.51 10.56
C HIS A 321 7.78 12.02 10.41
N ILE A 322 6.57 12.53 10.68
CA ILE A 322 6.31 13.95 10.52
C ILE A 322 6.82 14.79 11.67
N THR A 323 7.20 14.19 12.80
CA THR A 323 7.60 14.98 13.97
C THR A 323 8.83 15.84 13.68
N ASP A 324 9.74 15.36 12.83
CA ASP A 324 10.92 16.14 12.47
C ASP A 324 10.56 17.46 11.81
N GLN A 325 9.39 17.56 11.20
CA GLN A 325 8.98 18.75 10.47
C GLN A 325 8.15 19.73 11.29
N VAL A 326 7.95 19.44 12.58
CA VAL A 326 7.15 20.29 13.44
C VAL A 326 7.96 20.61 14.69
N HIS A 327 8.16 21.89 14.97
CA HIS A 327 8.87 22.30 16.17
C HIS A 327 8.07 21.91 17.41
N LEU A 328 8.80 21.58 18.48
CA LEU A 328 8.16 21.23 19.74
C LEU A 328 7.30 22.40 20.23
N TYR A 329 6.22 22.05 20.93
CA TYR A 329 5.30 23.04 21.47
C TYR A 329 5.08 22.75 22.95
N PRO A 330 4.96 23.80 23.78
CA PRO A 330 4.87 23.57 25.23
C PRO A 330 3.67 22.73 25.67
N ILE A 331 2.60 22.70 24.90
CA ILE A 331 1.42 21.89 25.20
C ILE A 331 1.45 20.66 24.31
N ASP A 332 1.65 19.48 24.92
CA ASP A 332 1.90 18.27 24.14
C ASP A 332 0.70 17.91 23.26
N ASP A 333 -0.51 18.04 23.79
CA ASP A 333 -1.69 17.67 23.01
C ASP A 333 -1.90 18.59 21.82
N VAL A 334 -1.49 19.86 21.95
CA VAL A 334 -1.52 20.76 20.80
C VAL A 334 -0.50 20.33 19.76
N TYR A 335 0.69 19.90 20.20
CA TYR A 335 1.72 19.48 19.28
C TYR A 335 1.28 18.29 18.45
N THR A 336 0.60 17.32 19.08
CA THR A 336 0.08 16.18 18.33
C THR A 336 -0.92 16.63 17.27
N GLY A 337 -1.75 17.62 17.60
CA GLY A 337 -2.67 18.16 16.60
C GLY A 337 -1.95 18.81 15.44
N MET A 338 -0.88 19.56 15.74
CA MET A 338 -0.06 20.17 14.69
C MET A 338 0.53 19.10 13.77
N CYS A 339 0.94 17.96 14.33
CA CYS A 339 1.45 16.87 13.51
C CYS A 339 0.34 16.27 12.65
N LEU A 340 -0.84 16.06 13.23
CA LEU A 340 -1.96 15.52 12.47
C LEU A 340 -2.33 16.43 11.31
N GLN A 341 -2.41 17.74 11.57
CA GLN A 341 -2.75 18.69 10.51
C GLN A 341 -1.73 18.65 9.39
N LYS A 342 -0.44 18.64 9.73
CA LYS A 342 0.59 18.56 8.70
C LYS A 342 0.47 17.27 7.89
N LEU A 343 0.02 16.19 8.52
CA LEU A 343 -0.22 14.94 7.81
C LEU A 343 -1.47 15.00 6.94
N GLY A 344 -2.31 16.01 7.10
CA GLY A 344 -3.53 16.12 6.35
C GLY A 344 -4.76 15.49 6.99
N LEU A 345 -4.64 15.02 8.23
CA LEU A 345 -5.74 14.35 8.91
C LEU A 345 -6.39 15.27 9.93
N VAL A 346 -7.56 14.85 10.41
CA VAL A 346 -8.30 15.59 11.42
C VAL A 346 -8.69 14.62 12.52
N PRO A 347 -8.39 14.92 13.78
CA PRO A 347 -8.80 14.01 14.87
C PRO A 347 -10.29 14.04 15.08
N GLU A 348 -10.87 12.86 15.27
CA GLU A 348 -12.32 12.69 15.37
C GLU A 348 -12.76 12.69 16.83
N LYS A 349 -13.80 13.46 17.13
CA LYS A 349 -14.32 13.52 18.49
C LYS A 349 -15.13 12.25 18.81
N HIS A 350 -14.95 11.74 20.02
CA HIS A 350 -15.70 10.59 20.51
C HIS A 350 -16.23 10.92 21.89
N LYS A 351 -17.55 10.78 22.07
CA LYS A 351 -18.21 11.25 23.28
C LYS A 351 -17.91 10.39 24.50
N GLY A 352 -17.30 9.22 24.32
CA GLY A 352 -16.93 8.39 25.46
C GLY A 352 -15.74 8.90 26.24
N PHE A 353 -15.04 9.92 25.73
CA PHE A 353 -13.88 10.50 26.40
C PHE A 353 -14.36 11.63 27.30
N ARG A 354 -14.58 11.33 28.58
CA ARG A 354 -15.07 12.32 29.53
C ARG A 354 -13.88 12.93 30.26
N THR A 355 -13.27 13.93 29.61
CA THR A 355 -12.13 14.61 30.19
C THR A 355 -12.53 15.53 31.33
N PHE A 356 -13.78 15.96 31.35
CA PHE A 356 -14.40 16.40 32.59
C PHE A 356 -15.12 15.21 33.21
N ASP A 357 -15.34 15.27 34.52
CA ASP A 357 -15.91 14.13 35.21
C ASP A 357 -17.34 13.87 34.71
N ILE A 358 -17.85 12.68 35.04
CA ILE A 358 -19.25 12.39 34.80
C ILE A 358 -20.11 13.28 35.69
N GLU A 359 -21.37 13.47 35.28
CA GLU A 359 -22.30 14.27 36.07
C GLU A 359 -22.39 13.71 37.49
N GLU A 360 -22.47 14.63 38.47
CA GLU A 360 -22.47 14.24 39.87
C GLU A 360 -23.61 13.27 40.18
N LYS A 361 -24.72 13.35 39.45
CA LYS A 361 -25.85 12.48 39.71
C LYS A 361 -25.55 11.02 39.34
N ASN A 362 -24.62 10.80 38.41
CA ASN A 362 -24.32 9.46 37.91
C ASN A 362 -22.92 8.99 38.29
N LYS A 363 -22.19 9.74 39.12
CA LYS A 363 -20.83 9.33 39.47
C LYS A 363 -20.82 8.13 40.41
N ASN A 364 -21.97 7.66 40.89
CA ASN A 364 -22.04 6.50 41.77
C ASN A 364 -22.57 5.24 41.08
N ASN A 365 -23.24 5.39 39.94
CA ASN A 365 -23.76 4.24 39.21
C ASN A 365 -22.66 3.63 38.36
N ILE A 366 -22.39 2.34 38.58
CA ILE A 366 -21.39 1.65 37.77
C ILE A 366 -21.83 1.55 36.31
N CYS A 367 -23.12 1.76 36.04
CA CYS A 367 -23.60 1.79 34.66
C CYS A 367 -22.91 2.88 33.86
N SER A 368 -22.64 4.03 34.49
CA SER A 368 -22.05 5.16 33.79
C SER A 368 -20.65 4.87 33.28
N TYR A 369 -20.00 3.81 33.78
CA TYR A 369 -18.65 3.47 33.38
C TYR A 369 -18.60 2.37 32.33
N VAL A 370 -19.72 1.69 32.06
CA VAL A 370 -19.72 0.66 31.03
C VAL A 370 -19.72 1.29 29.65
N ASP A 371 -20.29 2.48 29.51
CA ASP A 371 -20.54 3.09 28.20
C ASP A 371 -19.55 4.20 27.87
N LEU A 372 -18.48 4.36 28.63
CA LEU A 372 -17.42 5.30 28.29
C LEU A 372 -16.11 4.56 28.10
N MET A 373 -15.17 5.24 27.44
CA MET A 373 -13.82 4.71 27.28
C MET A 373 -12.85 5.24 28.31
N LEU A 374 -13.09 6.44 28.82
CA LEU A 374 -12.12 7.14 29.65
C LEU A 374 -12.85 8.18 30.48
N VAL A 375 -12.40 8.37 31.71
CA VAL A 375 -12.93 9.42 32.59
C VAL A 375 -11.76 10.01 33.37
N HIS A 376 -11.80 11.33 33.56
CA HIS A 376 -10.76 12.06 34.26
C HIS A 376 -11.41 12.86 35.38
N SER A 377 -10.88 12.74 36.60
CA SER A 377 -9.74 11.92 37.01
C SER A 377 -10.08 11.06 38.23
N ARG A 378 -9.31 10.00 38.46
CA ARG A 378 -9.55 9.07 39.55
C ARG A 378 -8.25 8.78 40.30
N LYS A 379 -8.36 8.67 41.63
CA LYS A 379 -7.25 8.34 42.50
C LYS A 379 -6.94 6.84 42.42
N PRO A 380 -5.75 6.42 42.87
CA PRO A 380 -5.40 4.99 42.76
C PRO A 380 -6.43 4.04 43.36
N GLN A 381 -6.95 4.37 44.55
CA GLN A 381 -7.95 3.51 45.18
C GLN A 381 -9.22 3.44 44.34
N GLU A 382 -9.64 4.59 43.78
CA GLU A 382 -10.89 4.63 43.03
C GLU A 382 -10.80 3.79 41.75
N MET A 383 -9.64 3.76 41.10
CA MET A 383 -9.48 2.96 39.89
C MET A 383 -9.70 1.48 40.19
N ILE A 384 -9.10 0.99 41.28
CA ILE A 384 -9.24 -0.41 41.64
C ILE A 384 -10.69 -0.71 41.99
N ASP A 385 -11.36 0.20 42.70
CA ASP A 385 -12.75 0.00 43.06
C ASP A 385 -13.65 -0.06 41.83
N ILE A 386 -13.52 0.92 40.94
CA ILE A 386 -14.38 0.96 39.75
C ILE A 386 -14.15 -0.26 38.89
N TRP A 387 -12.89 -0.67 38.71
CA TRP A 387 -12.58 -1.82 37.86
C TRP A 387 -13.17 -3.10 38.44
N SER A 388 -13.09 -3.27 39.76
CA SER A 388 -13.65 -4.46 40.38
C SER A 388 -15.16 -4.51 40.20
N GLN A 389 -15.84 -3.37 40.36
CA GLN A 389 -17.27 -3.31 40.12
C GLN A 389 -17.62 -3.51 38.65
N LEU A 390 -16.69 -3.22 37.74
CA LEU A 390 -16.96 -3.40 36.32
C LEU A 390 -17.01 -4.87 35.93
N GLN A 391 -16.27 -5.72 36.65
CA GLN A 391 -16.25 -7.15 36.35
C GLN A 391 -17.57 -7.84 36.63
N SER A 392 -18.56 -7.14 37.17
CA SER A 392 -19.89 -7.71 37.38
C SER A 392 -20.98 -6.72 37.02
N ALA A 393 -20.66 -5.60 36.37
CA ALA A 393 -21.68 -4.64 35.96
C ALA A 393 -22.53 -5.14 34.80
N HIS A 394 -22.21 -6.30 34.22
CA HIS A 394 -23.02 -6.82 33.13
C HIS A 394 -24.35 -7.35 33.62
N LEU A 395 -24.40 -7.91 34.83
CA LEU A 395 -25.64 -8.41 35.39
C LEU A 395 -26.43 -7.32 36.10
N LYS A 396 -25.73 -6.43 36.82
CA LYS A 396 -26.43 -5.36 37.54
C LYS A 396 -26.99 -4.32 36.58
N CYS A 397 -26.22 -3.95 35.56
CA CYS A 397 -26.67 -2.95 34.61
C CYS A 397 -27.31 -3.62 33.39
N GLU B 46 34.45 -57.33 -25.57
CA GLU B 46 35.33 -58.05 -24.65
C GLU B 46 35.33 -57.39 -23.28
N LYS B 47 34.80 -58.09 -22.29
CA LYS B 47 34.67 -57.57 -20.93
C LYS B 47 35.51 -58.41 -19.97
N PHE B 48 36.11 -57.75 -18.99
CA PHE B 48 36.94 -58.44 -18.02
C PHE B 48 36.07 -59.34 -17.13
N TRP B 49 36.60 -60.52 -16.82
CA TRP B 49 35.79 -61.56 -16.20
C TRP B 49 35.59 -61.35 -14.70
N LYS B 50 36.53 -60.67 -14.02
CA LYS B 50 36.37 -60.49 -12.59
C LYS B 50 35.40 -59.35 -12.26
N ILE B 51 35.25 -58.38 -13.15
CA ILE B 51 34.42 -57.22 -12.91
C ILE B 51 33.06 -57.44 -13.57
N SER B 52 31.99 -57.22 -12.82
CA SER B 52 30.64 -57.22 -13.36
C SER B 52 30.52 -55.98 -14.25
N THR B 53 31.15 -56.07 -15.45
CA THR B 53 31.42 -55.05 -16.46
C THR B 53 31.03 -53.65 -16.02
N PRO B 54 32.00 -52.74 -15.92
CA PRO B 54 31.78 -51.49 -15.17
C PRO B 54 30.66 -50.67 -15.78
N PRO B 55 29.51 -50.60 -15.11
CA PRO B 55 28.37 -49.91 -15.69
C PRO B 55 28.59 -48.40 -15.69
N GLU B 56 28.17 -47.75 -16.76
CA GLU B 56 28.12 -46.29 -16.76
C GLU B 56 27.02 -45.85 -15.81
N ALA B 57 27.38 -45.02 -14.84
CA ALA B 57 26.45 -44.65 -13.78
C ALA B 57 25.19 -44.03 -14.35
N TYR B 58 24.06 -44.30 -13.69
CA TYR B 58 22.77 -43.85 -14.20
C TYR B 58 22.69 -42.33 -14.28
N TRP B 59 23.09 -41.65 -13.21
CA TRP B 59 23.05 -40.18 -13.22
C TRP B 59 24.00 -39.62 -14.26
N ASN B 60 25.22 -40.15 -14.32
CA ASN B 60 26.19 -39.67 -15.31
C ASN B 60 25.69 -39.93 -16.72
N ARG B 61 25.04 -41.07 -16.96
CA ARG B 61 24.46 -41.34 -18.26
C ARG B 61 23.29 -40.40 -18.52
N GLU B 62 22.33 -40.33 -17.59
CA GLU B 62 21.13 -39.52 -17.79
C GLU B 62 21.48 -38.04 -17.94
N GLN B 63 22.46 -37.57 -17.18
CA GLN B 63 22.87 -36.17 -17.29
C GLN B 63 23.59 -35.90 -18.60
N GLU B 64 24.32 -36.90 -19.11
CA GLU B 64 25.01 -36.73 -20.39
C GLU B 64 24.02 -36.54 -21.53
N LYS B 65 22.95 -37.34 -21.55
CA LYS B 65 21.90 -37.13 -22.54
C LYS B 65 21.30 -35.74 -22.41
N LEU B 66 20.95 -35.35 -21.18
CA LEU B 66 20.39 -34.03 -20.93
C LEU B 66 21.30 -32.92 -21.45
N ASN B 67 22.62 -33.13 -21.41
CA ASN B 67 23.56 -32.14 -21.91
C ASN B 67 23.38 -31.94 -23.41
N ARG B 68 23.28 -33.04 -24.17
CA ARG B 68 23.17 -32.94 -25.62
C ARG B 68 21.85 -32.31 -26.03
N GLN B 69 20.79 -32.47 -25.23
CA GLN B 69 19.51 -31.84 -25.55
C GLN B 69 19.64 -30.32 -25.53
N TYR B 70 20.34 -29.79 -24.52
CA TYR B 70 20.52 -28.34 -24.42
C TYR B 70 21.66 -27.83 -25.28
N ASN B 71 22.52 -28.72 -25.77
CA ASN B 71 23.47 -28.37 -26.80
C ASN B 71 22.70 -28.10 -28.08
N PRO B 72 22.76 -26.89 -28.65
CA PRO B 72 21.99 -26.60 -29.87
C PRO B 72 22.38 -27.47 -31.05
N ILE B 73 23.58 -28.06 -31.04
CA ILE B 73 24.00 -28.94 -32.12
C ILE B 73 23.31 -30.29 -31.98
N ILE B 90 9.45 -37.79 -23.20
CA ILE B 90 9.30 -37.63 -21.76
C ILE B 90 10.08 -36.42 -21.27
N SER B 91 9.49 -35.65 -20.37
CA SER B 91 10.14 -34.46 -19.85
C SER B 91 10.84 -34.78 -18.53
N HIS B 92 11.94 -34.06 -18.28
CA HIS B 92 12.73 -34.25 -17.08
C HIS B 92 12.34 -33.29 -15.97
N LEU B 93 11.24 -32.56 -16.12
CA LEU B 93 10.85 -31.55 -15.15
C LEU B 93 9.47 -31.74 -14.55
N ASN B 94 8.50 -32.27 -15.31
CA ASN B 94 7.14 -32.39 -14.80
C ASN B 94 6.54 -33.76 -15.11
N TYR B 95 7.37 -34.79 -15.24
CA TYR B 95 6.88 -36.17 -15.30
C TYR B 95 6.87 -36.71 -13.88
N CYS B 96 5.69 -36.84 -13.30
CA CYS B 96 5.55 -37.21 -11.90
C CYS B 96 4.95 -38.61 -11.72
N GLU B 97 5.09 -39.48 -12.71
CA GLU B 97 4.79 -40.89 -12.56
C GLU B 97 6.05 -41.66 -12.21
N PRO B 98 5.92 -42.88 -11.69
CA PRO B 98 7.11 -43.70 -11.47
C PRO B 98 7.75 -44.10 -12.80
N ASP B 99 9.02 -43.69 -12.98
CA ASP B 99 9.79 -44.06 -14.16
C ASP B 99 10.32 -45.48 -13.95
N LEU B 100 9.47 -46.45 -14.28
CA LEU B 100 9.73 -47.84 -13.91
C LEU B 100 10.85 -48.48 -14.71
N ARG B 101 11.40 -47.81 -15.73
CA ARG B 101 12.51 -48.40 -16.47
C ARG B 101 13.73 -48.57 -15.58
N VAL B 102 13.87 -47.73 -14.54
CA VAL B 102 15.05 -47.78 -13.69
C VAL B 102 15.12 -49.12 -12.95
N THR B 103 13.97 -49.76 -12.73
CA THR B 103 13.97 -51.09 -12.12
C THR B 103 14.70 -52.12 -12.97
N SER B 104 15.03 -51.78 -14.22
CA SER B 104 15.79 -52.64 -15.10
C SER B 104 17.14 -52.07 -15.47
N VAL B 105 17.21 -50.77 -15.81
CA VAL B 105 18.43 -50.20 -16.34
C VAL B 105 19.55 -50.18 -15.30
N VAL B 106 19.22 -49.97 -14.02
CA VAL B 106 20.21 -49.97 -12.96
C VAL B 106 20.21 -51.34 -12.30
N THR B 107 21.41 -51.89 -12.09
CA THR B 107 21.54 -53.24 -11.55
C THR B 107 21.30 -53.24 -10.05
N GLY B 108 20.69 -54.31 -9.55
CA GLY B 108 20.43 -54.43 -8.12
C GLY B 108 19.45 -53.40 -7.59
N PHE B 109 18.53 -52.93 -8.42
CA PHE B 109 17.55 -51.95 -7.97
C PHE B 109 16.70 -52.49 -6.83
N ASN B 110 16.41 -53.80 -6.84
CA ASN B 110 15.54 -54.37 -5.82
C ASN B 110 16.19 -54.35 -4.44
N ASN B 111 17.52 -54.38 -4.37
CA ASN B 111 18.23 -54.44 -3.10
C ASN B 111 18.79 -53.10 -2.66
N LEU B 112 18.62 -52.05 -3.46
CA LEU B 112 19.06 -50.73 -3.05
C LEU B 112 18.21 -50.22 -1.89
N PRO B 113 18.74 -49.31 -1.08
CA PRO B 113 17.94 -48.73 0.00
C PRO B 113 16.73 -47.98 -0.54
N ASP B 114 15.75 -47.76 0.35
CA ASP B 114 14.49 -47.19 -0.07
C ASP B 114 14.65 -45.77 -0.60
N ARG B 115 15.53 -44.98 0.03
CA ARG B 115 15.72 -43.61 -0.42
C ARG B 115 16.31 -43.56 -1.83
N PHE B 116 17.06 -44.58 -2.24
CA PHE B 116 17.56 -44.62 -3.60
C PHE B 116 16.46 -45.02 -4.58
N LYS B 117 15.63 -45.99 -4.20
CA LYS B 117 14.49 -46.38 -5.04
C LYS B 117 13.60 -45.18 -5.32
N ASP B 118 13.20 -44.45 -4.28
CA ASP B 118 12.33 -43.31 -4.45
C ASP B 118 13.01 -42.19 -5.23
N PHE B 119 14.32 -42.06 -5.13
CA PHE B 119 15.02 -41.00 -5.86
C PHE B 119 15.06 -41.29 -7.36
N LEU B 120 15.35 -42.53 -7.74
CA LEU B 120 15.41 -42.86 -9.16
C LEU B 120 14.03 -42.96 -9.77
N LEU B 121 13.02 -43.34 -8.99
CA LEU B 121 11.68 -43.52 -9.52
C LEU B 121 11.01 -42.18 -9.84
N TYR B 122 11.38 -41.11 -9.14
CA TYR B 122 10.70 -39.82 -9.28
C TYR B 122 11.69 -38.70 -9.56
N LEU B 123 12.78 -39.01 -10.26
CA LEU B 123 13.78 -37.99 -10.56
C LEU B 123 13.20 -36.88 -11.43
N ARG B 124 12.42 -37.25 -12.45
CA ARG B 124 12.00 -36.32 -13.49
C ARG B 124 10.82 -35.44 -13.08
N CYS B 125 10.47 -35.38 -11.79
CA CYS B 125 9.37 -34.55 -11.32
C CYS B 125 9.90 -33.49 -10.37
N ARG B 126 9.54 -32.23 -10.64
CA ARG B 126 9.92 -31.16 -9.73
C ARG B 126 8.95 -29.98 -9.73
N ASN B 127 7.75 -30.12 -10.29
CA ASN B 127 6.76 -29.04 -10.27
C ASN B 127 5.84 -29.22 -9.07
N TYR B 128 6.43 -29.07 -7.89
CA TYR B 128 5.69 -29.14 -6.64
C TYR B 128 5.27 -27.73 -6.23
N SER B 129 4.07 -27.62 -5.66
CA SER B 129 3.47 -26.32 -5.39
C SER B 129 3.63 -25.93 -3.92
N LEU B 130 3.35 -24.65 -3.66
CA LEU B 130 3.50 -24.06 -2.33
C LEU B 130 2.21 -24.23 -1.55
N LEU B 131 2.26 -25.00 -0.46
CA LEU B 131 1.10 -25.12 0.41
C LEU B 131 1.02 -23.95 1.39
N ILE B 132 2.15 -23.45 1.85
CA ILE B 132 2.22 -22.28 2.73
C ILE B 132 3.20 -21.29 2.12
N ASP B 133 2.75 -20.06 1.90
CA ASP B 133 3.55 -19.04 1.26
C ASP B 133 3.44 -17.73 2.01
N GLN B 134 4.52 -16.95 1.95
CA GLN B 134 4.52 -15.58 2.44
C GLN B 134 4.67 -14.65 1.24
N PRO B 135 3.58 -14.36 0.52
CA PRO B 135 3.71 -13.70 -0.78
C PRO B 135 4.25 -12.28 -0.72
N ASP B 136 4.12 -11.59 0.41
CA ASP B 136 4.60 -10.22 0.55
C ASP B 136 5.86 -10.15 1.42
N LYS B 137 6.60 -11.25 1.49
CA LYS B 137 7.80 -11.29 2.34
C LYS B 137 8.85 -10.29 1.88
N CYS B 138 8.91 -10.02 0.58
CA CYS B 138 9.92 -9.12 0.03
C CYS B 138 9.27 -7.88 -0.60
N ALA B 139 8.16 -7.42 -0.03
CA ALA B 139 7.48 -6.23 -0.56
C ALA B 139 8.42 -5.03 -0.56
N LYS B 140 9.22 -4.87 0.48
CA LYS B 140 10.31 -3.90 0.50
C LYS B 140 11.60 -4.62 0.15
N LYS B 141 12.28 -4.13 -0.88
CA LYS B 141 13.42 -4.80 -1.47
C LYS B 141 14.46 -5.14 -0.40
N PRO B 142 14.72 -6.43 -0.15
CA PRO B 142 15.65 -6.80 0.93
C PRO B 142 17.10 -6.66 0.52
N PHE B 143 17.94 -6.39 1.51
CA PHE B 143 19.39 -6.43 1.29
C PHE B 143 19.92 -7.85 1.45
N LEU B 144 19.44 -8.57 2.46
CA LEU B 144 19.87 -9.93 2.74
C LEU B 144 18.65 -10.79 2.99
N LEU B 145 18.56 -11.91 2.28
CA LEU B 145 17.50 -12.90 2.48
C LEU B 145 18.09 -14.09 3.22
N LEU B 146 17.62 -14.31 4.44
CA LEU B 146 17.99 -15.49 5.21
C LEU B 146 17.01 -16.61 4.88
N ALA B 147 17.54 -17.75 4.45
CA ALA B 147 16.73 -18.89 4.04
C ALA B 147 17.26 -20.12 4.76
N ILE B 148 16.51 -20.61 5.75
CA ILE B 148 16.98 -21.65 6.65
C ILE B 148 16.23 -22.94 6.36
N LYS B 149 16.97 -23.99 6.03
CA LYS B 149 16.38 -25.31 5.89
C LYS B 149 15.95 -25.83 7.26
N SER B 150 14.72 -26.36 7.33
CA SER B 150 14.23 -26.89 8.59
C SER B 150 13.24 -28.01 8.30
N LEU B 151 13.03 -28.86 9.31
CA LEU B 151 12.02 -29.89 9.27
C LEU B 151 10.87 -29.51 10.19
N THR B 152 9.69 -30.04 9.88
CA THR B 152 8.46 -29.68 10.59
C THR B 152 8.59 -29.69 12.12
N PRO B 153 9.19 -30.70 12.76
CA PRO B 153 9.21 -30.71 14.24
C PRO B 153 10.26 -29.79 14.87
N HIS B 154 11.02 -29.03 14.08
CA HIS B 154 12.14 -28.25 14.61
C HIS B 154 11.67 -26.87 15.08
N PHE B 155 10.70 -26.88 16.01
CA PHE B 155 10.10 -25.63 16.44
C PHE B 155 11.04 -24.79 17.29
N ALA B 156 11.75 -25.44 18.22
CA ALA B 156 12.67 -24.70 19.08
C ALA B 156 13.85 -24.15 18.28
N ARG B 157 14.35 -24.92 17.32
CA ARG B 157 15.42 -24.44 16.47
C ARG B 157 15.01 -23.17 15.73
N ARG B 158 13.80 -23.17 15.18
CA ARG B 158 13.36 -22.00 14.41
C ARG B 158 13.11 -20.80 15.32
N GLN B 159 12.48 -21.02 16.47
CA GLN B 159 12.22 -19.92 17.39
C GLN B 159 13.52 -19.32 17.90
N ALA B 160 14.52 -20.15 18.17
CA ALA B 160 15.81 -19.64 18.63
C ALA B 160 16.46 -18.76 17.57
N ILE B 161 16.39 -19.18 16.31
CA ILE B 161 16.95 -18.38 15.22
C ILE B 161 16.20 -17.07 15.10
N ARG B 162 14.87 -17.11 15.24
CA ARG B 162 14.07 -15.89 15.19
C ARG B 162 14.52 -14.88 16.23
N GLU B 163 14.96 -15.34 17.41
CA GLU B 163 15.34 -14.47 18.50
C GLU B 163 16.80 -14.07 18.46
N SER B 164 17.67 -14.92 17.94
CA SER B 164 19.09 -14.61 17.89
C SER B 164 19.49 -14.00 16.55
N TRP B 165 20.25 -14.76 15.75
CA TRP B 165 20.88 -14.20 14.56
C TRP B 165 19.94 -14.07 13.37
N GLY B 166 18.76 -14.69 13.41
CA GLY B 166 17.84 -14.61 12.30
C GLY B 166 16.77 -13.54 12.48
N GLN B 167 17.07 -12.53 13.29
CA GLN B 167 16.15 -11.42 13.47
C GLN B 167 15.99 -10.64 12.17
N GLU B 168 14.75 -10.28 11.85
CA GLU B 168 14.46 -9.46 10.68
C GLU B 168 14.73 -8.01 11.02
N SER B 169 15.90 -7.51 10.65
CA SER B 169 16.33 -6.16 10.97
C SER B 169 16.02 -5.19 9.82
N ASN B 170 15.90 -3.92 10.18
CA ASN B 170 15.66 -2.83 9.24
C ASN B 170 16.63 -1.69 9.51
N ALA B 171 17.91 -2.02 9.62
CA ALA B 171 18.93 -1.05 10.01
C ALA B 171 19.48 -0.33 8.79
N GLY B 172 19.41 1.00 8.80
CA GLY B 172 19.93 1.80 7.70
C GLY B 172 19.27 1.53 6.37
N ASN B 173 18.01 1.11 6.39
CA ASN B 173 17.29 0.65 5.19
C ASN B 173 18.12 -0.40 4.44
N GLN B 174 18.68 -1.33 5.21
CA GLN B 174 19.33 -2.52 4.67
C GLN B 174 18.50 -3.70 5.17
N THR B 175 17.37 -3.93 4.50
CA THR B 175 16.37 -4.86 5.00
C THR B 175 16.93 -6.28 5.09
N VAL B 176 16.64 -6.94 6.20
CA VAL B 176 16.94 -8.36 6.39
C VAL B 176 15.61 -9.08 6.60
N VAL B 177 15.35 -10.08 5.76
CA VAL B 177 14.14 -10.87 5.85
C VAL B 177 14.52 -12.32 6.09
N ARG B 178 13.57 -13.08 6.62
CA ARG B 178 13.83 -14.45 7.03
C ARG B 178 12.71 -15.36 6.54
N VAL B 179 13.10 -16.52 6.01
CA VAL B 179 12.17 -17.59 5.66
C VAL B 179 12.78 -18.92 6.05
N PHE B 180 11.95 -19.84 6.52
CA PHE B 180 12.34 -21.23 6.71
C PHE B 180 11.74 -22.07 5.59
N LEU B 181 12.53 -23.00 5.06
CA LEU B 181 12.13 -23.81 3.91
C LEU B 181 11.78 -25.21 4.39
N LEU B 182 10.54 -25.62 4.15
CA LEU B 182 10.02 -26.88 4.66
C LEU B 182 9.36 -27.68 3.55
N GLY B 183 9.55 -29.00 3.59
CA GLY B 183 8.72 -29.93 2.89
C GLY B 183 7.63 -30.47 3.80
N GLN B 184 7.13 -31.65 3.47
CA GLN B 184 6.09 -32.31 4.25
C GLN B 184 6.66 -33.53 4.96
N THR B 185 6.26 -33.70 6.22
CA THR B 185 6.53 -34.91 6.97
C THR B 185 5.21 -35.67 7.14
N PRO B 186 4.81 -36.47 6.16
CA PRO B 186 3.43 -36.97 6.11
C PRO B 186 3.23 -38.13 7.08
N PRO B 187 2.00 -38.39 7.48
CA PRO B 187 1.74 -39.52 8.39
C PRO B 187 2.09 -40.87 7.80
N GLU B 188 2.03 -41.01 6.47
CA GLU B 188 2.36 -42.28 5.83
C GLU B 188 3.85 -42.62 5.90
N ASP B 189 4.67 -41.76 6.52
CA ASP B 189 6.06 -42.08 6.81
C ASP B 189 6.33 -42.14 8.31
N ASN B 190 5.28 -42.39 9.10
CA ASN B 190 5.37 -42.50 10.56
C ASN B 190 5.77 -41.20 11.22
N HIS B 191 5.49 -40.07 10.58
CA HIS B 191 5.75 -38.81 11.26
C HIS B 191 4.54 -38.39 12.09
N PRO B 192 4.75 -37.82 13.26
CA PRO B 192 3.61 -37.29 14.04
C PRO B 192 3.01 -36.08 13.34
N ASP B 193 1.68 -35.99 13.41
CA ASP B 193 0.98 -34.87 12.76
C ASP B 193 1.22 -33.59 13.53
N LEU B 194 2.00 -32.68 12.94
CA LEU B 194 2.26 -31.37 13.51
C LEU B 194 1.82 -30.24 12.59
N SER B 195 1.02 -30.55 11.57
CA SER B 195 0.61 -29.54 10.60
C SER B 195 -0.27 -28.47 11.24
N ASP B 196 -1.14 -28.88 12.18
CA ASP B 196 -1.92 -27.89 12.92
C ASP B 196 -1.02 -26.90 13.62
N MET B 197 0.08 -27.37 14.20
CA MET B 197 1.02 -26.48 14.87
C MET B 197 1.79 -25.64 13.85
N LEU B 198 2.27 -26.26 12.77
CA LEU B 198 3.04 -25.54 11.78
C LEU B 198 2.23 -24.42 11.15
N LYS B 199 0.97 -24.68 10.81
CA LYS B 199 0.10 -23.63 10.31
C LYS B 199 -0.05 -22.52 11.34
N PHE B 200 -0.31 -22.90 12.60
CA PHE B 200 -0.41 -21.91 13.67
C PHE B 200 0.87 -21.09 13.78
N GLU B 201 2.02 -21.76 13.78
CA GLU B 201 3.30 -21.06 13.79
C GLU B 201 3.46 -20.17 12.56
N SER B 202 2.98 -20.63 11.41
CA SER B 202 3.15 -19.88 10.17
C SER B 202 2.35 -18.57 10.21
N GLU B 203 1.14 -18.60 10.77
CA GLU B 203 0.37 -17.37 10.89
C GLU B 203 0.86 -16.46 12.01
N LYS B 204 1.62 -17.00 12.96
CA LYS B 204 2.15 -16.18 14.04
C LYS B 204 3.40 -15.43 13.60
N HIS B 205 4.33 -16.13 12.97
CA HIS B 205 5.62 -15.54 12.61
C HIS B 205 5.73 -15.17 11.14
N GLN B 206 4.91 -15.75 10.27
CA GLN B 206 4.84 -15.39 8.85
C GLN B 206 6.22 -15.50 8.19
N ASP B 207 6.87 -16.65 8.40
CA ASP B 207 8.20 -16.89 7.84
C ASP B 207 8.39 -18.34 7.42
N ILE B 208 7.31 -19.06 7.19
CA ILE B 208 7.36 -20.48 6.82
C ILE B 208 6.99 -20.61 5.35
N LEU B 209 7.88 -21.22 4.57
CA LEU B 209 7.61 -21.61 3.20
C LEU B 209 7.57 -23.13 3.14
N MET B 210 6.46 -23.68 2.67
CA MET B 210 6.25 -25.12 2.70
C MET B 210 5.68 -25.60 1.38
N TRP B 211 6.33 -26.61 0.79
CA TRP B 211 5.92 -27.22 -0.46
C TRP B 211 5.43 -28.64 -0.21
N ASN B 212 4.65 -29.17 -1.16
CA ASN B 212 4.05 -30.50 -1.02
C ASN B 212 4.94 -31.59 -1.64
N TYR B 213 6.12 -31.74 -1.06
CA TYR B 213 7.01 -32.85 -1.38
C TYR B 213 7.50 -33.46 -0.07
N ARG B 214 7.95 -34.71 -0.16
CA ARG B 214 8.41 -35.43 1.02
C ARG B 214 9.78 -34.89 1.43
N ASP B 215 9.84 -34.25 2.60
CA ASP B 215 11.05 -33.61 3.10
C ASP B 215 11.99 -34.68 3.65
N THR B 216 12.65 -35.38 2.73
CA THR B 216 13.63 -36.40 3.08
C THR B 216 15.03 -35.90 2.71
N PHE B 217 16.03 -36.67 3.15
CA PHE B 217 17.41 -36.28 2.89
C PHE B 217 17.71 -36.20 1.40
N PHE B 218 17.25 -37.18 0.63
CA PHE B 218 17.55 -37.24 -0.79
C PHE B 218 16.69 -36.30 -1.63
N ASN B 219 15.75 -35.58 -1.02
CA ASN B 219 14.96 -34.57 -1.70
C ASN B 219 15.41 -33.16 -1.35
N LEU B 220 16.65 -33.00 -0.88
CA LEU B 220 17.12 -31.67 -0.48
C LEU B 220 17.48 -30.81 -1.69
N SER B 221 18.01 -31.42 -2.75
CA SER B 221 18.24 -30.66 -3.97
C SER B 221 16.93 -30.17 -4.57
N LEU B 222 15.85 -30.94 -4.38
CA LEU B 222 14.51 -30.45 -4.67
C LEU B 222 14.18 -29.23 -3.81
N LYS B 223 14.55 -29.28 -2.52
CA LYS B 223 14.31 -28.15 -1.63
C LYS B 223 15.00 -26.89 -2.14
N GLU B 224 16.23 -27.03 -2.62
CA GLU B 224 16.96 -25.86 -3.13
C GLU B 224 16.32 -25.32 -4.41
N VAL B 225 16.00 -26.21 -5.36
CA VAL B 225 15.45 -25.76 -6.64
C VAL B 225 14.11 -25.06 -6.42
N LEU B 226 13.28 -25.60 -5.55
CA LEU B 226 12.00 -24.96 -5.26
C LEU B 226 12.20 -23.63 -4.53
N PHE B 227 13.28 -23.50 -3.78
CA PHE B 227 13.59 -22.22 -3.14
C PHE B 227 14.07 -21.21 -4.18
N LEU B 228 15.01 -21.61 -5.03
CA LEU B 228 15.46 -20.73 -6.11
C LEU B 228 14.31 -20.34 -7.02
N ARG B 229 13.31 -21.21 -7.18
CA ARG B 229 12.10 -20.83 -7.90
C ARG B 229 11.35 -19.74 -7.15
N TRP B 230 11.10 -19.96 -5.85
CA TRP B 230 10.37 -18.97 -5.06
C TRP B 230 11.09 -17.63 -5.03
N VAL B 231 12.44 -17.66 -5.04
CA VAL B 231 13.19 -16.41 -5.11
C VAL B 231 12.90 -15.69 -6.42
N SER B 232 12.83 -16.44 -7.53
CA SER B 232 12.62 -15.81 -8.83
C SER B 232 11.21 -15.25 -8.96
N THR B 233 10.21 -15.94 -8.41
CA THR B 233 8.83 -15.50 -8.54
C THR B 233 8.37 -14.59 -7.42
N SER B 234 9.09 -14.53 -6.30
CA SER B 234 8.60 -13.79 -5.14
C SER B 234 9.63 -12.90 -4.46
N CYS B 235 10.92 -13.02 -4.79
CA CYS B 235 11.92 -12.17 -4.16
C CYS B 235 13.10 -11.92 -5.10
N PRO B 236 12.86 -11.48 -6.34
CA PRO B 236 13.98 -11.38 -7.30
C PRO B 236 14.92 -10.23 -7.03
N ASP B 237 14.50 -9.22 -6.27
CA ASP B 237 15.28 -7.99 -6.10
C ASP B 237 16.21 -8.02 -4.91
N THR B 238 16.28 -9.13 -4.17
CA THR B 238 17.16 -9.17 -3.00
C THR B 238 18.62 -9.13 -3.45
N GLU B 239 19.42 -8.31 -2.74
CA GLU B 239 20.81 -8.12 -3.13
C GLU B 239 21.66 -9.35 -2.81
N PHE B 240 21.37 -10.01 -1.69
CA PHE B 240 22.17 -11.15 -1.27
C PHE B 240 21.26 -12.18 -0.62
N VAL B 241 21.73 -13.42 -0.61
CA VAL B 241 20.99 -14.55 -0.06
C VAL B 241 21.93 -15.39 0.78
N PHE B 242 21.54 -15.67 2.01
CA PHE B 242 22.19 -16.69 2.83
C PHE B 242 21.28 -17.89 2.93
N LYS B 243 21.84 -19.09 2.74
CA LYS B 243 21.09 -20.33 2.83
C LYS B 243 21.89 -21.31 3.68
N GLY B 244 21.27 -21.79 4.77
CA GLY B 244 21.96 -22.67 5.68
C GLY B 244 20.98 -23.54 6.45
N ASP B 245 21.53 -24.37 7.34
CA ASP B 245 20.77 -25.29 8.16
C ASP B 245 20.26 -24.62 9.43
N ASP B 246 19.29 -25.26 10.07
CA ASP B 246 18.66 -24.69 11.25
C ASP B 246 19.37 -25.05 12.55
N ASP B 247 20.58 -25.60 12.48
CA ASP B 247 21.38 -25.85 13.68
C ASP B 247 22.77 -25.25 13.58
N VAL B 248 22.96 -24.24 12.72
CA VAL B 248 24.23 -23.52 12.63
C VAL B 248 24.02 -22.12 13.19
N PHE B 249 25.04 -21.61 13.88
CA PHE B 249 25.03 -20.23 14.33
C PHE B 249 25.68 -19.35 13.26
N VAL B 250 25.05 -18.19 13.02
CA VAL B 250 25.46 -17.29 11.95
C VAL B 250 25.75 -15.92 12.56
N ASN B 251 26.99 -15.48 12.44
CA ASN B 251 27.35 -14.12 12.88
C ASN B 251 26.80 -13.14 11.84
N THR B 252 25.50 -12.85 11.97
CA THR B 252 24.85 -11.95 11.03
C THR B 252 25.51 -10.57 11.02
N HIS B 253 26.12 -10.16 12.13
CA HIS B 253 26.83 -8.89 12.16
C HIS B 253 28.05 -8.93 11.25
N HIS B 254 28.86 -9.98 11.36
CA HIS B 254 30.03 -10.14 10.49
C HIS B 254 29.63 -10.29 9.04
N ILE B 255 28.41 -10.75 8.76
CA ILE B 255 27.98 -10.92 7.37
C ILE B 255 27.60 -9.58 6.75
N LEU B 256 26.83 -8.78 7.48
CA LEU B 256 26.44 -7.47 6.97
C LEU B 256 27.66 -6.58 6.74
N ASN B 257 28.64 -6.68 7.63
CA ASN B 257 29.88 -5.92 7.45
C ASN B 257 30.63 -6.40 6.21
N TYR B 258 30.67 -7.71 5.98
CA TYR B 258 31.36 -8.24 4.82
C TYR B 258 30.64 -7.88 3.52
N LEU B 259 29.30 -7.94 3.54
CA LEU B 259 28.53 -7.61 2.34
C LEU B 259 28.70 -6.15 1.95
N ASN B 260 28.78 -5.26 2.95
CA ASN B 260 28.92 -3.83 2.69
C ASN B 260 30.34 -3.40 2.39
N SER B 261 31.30 -4.33 2.38
CA SER B 261 32.67 -4.05 2.02
C SER B 261 33.02 -4.58 0.63
N LEU B 262 32.01 -4.89 -0.17
CA LEU B 262 32.20 -5.58 -1.45
C LEU B 262 32.26 -4.58 -2.59
N SER B 263 33.14 -4.84 -3.55
CA SER B 263 33.10 -4.12 -4.81
C SER B 263 31.90 -4.59 -5.63
N LYS B 264 31.45 -3.72 -6.55
CA LYS B 264 30.36 -4.10 -7.42
C LYS B 264 30.72 -5.27 -8.33
N THR B 265 32.00 -5.58 -8.46
CA THR B 265 32.44 -6.65 -9.36
C THR B 265 32.49 -8.01 -8.69
N LYS B 266 32.79 -8.08 -7.39
CA LYS B 266 32.68 -9.36 -6.69
C LYS B 266 31.29 -9.60 -6.14
N ALA B 267 30.54 -8.52 -5.86
CA ALA B 267 29.18 -8.67 -5.37
C ALA B 267 28.28 -9.34 -6.40
N LYS B 268 28.54 -9.11 -7.70
CA LYS B 268 27.67 -9.65 -8.73
C LYS B 268 27.73 -11.17 -8.78
N ASP B 269 28.92 -11.74 -8.73
CA ASP B 269 29.13 -13.19 -8.80
C ASP B 269 29.55 -13.76 -7.45
N LEU B 270 29.06 -13.19 -6.36
CA LEU B 270 29.45 -13.65 -5.04
C LEU B 270 28.86 -15.03 -4.75
N PHE B 271 29.73 -15.97 -4.37
CA PHE B 271 29.30 -17.26 -3.86
C PHE B 271 30.45 -17.80 -3.00
N ILE B 272 30.31 -17.67 -1.68
CA ILE B 272 31.36 -18.09 -0.76
C ILE B 272 30.81 -19.15 0.20
N GLY B 273 31.73 -19.91 0.76
CA GLY B 273 31.37 -20.96 1.70
C GLY B 273 32.59 -21.79 2.04
N ASP B 274 32.33 -22.99 2.56
CA ASP B 274 33.39 -23.95 2.88
C ASP B 274 33.51 -24.91 1.69
N VAL B 275 34.34 -24.52 0.72
CA VAL B 275 34.46 -25.28 -0.52
C VAL B 275 35.49 -26.39 -0.34
N ILE B 276 35.19 -27.57 -0.88
CA ILE B 276 36.14 -28.66 -1.01
C ILE B 276 36.23 -29.03 -2.47
N HIS B 277 37.43 -29.39 -2.92
CA HIS B 277 37.68 -29.70 -4.32
C HIS B 277 38.00 -31.18 -4.49
N ASN B 278 37.63 -31.72 -5.66
CA ASN B 278 37.94 -33.10 -6.06
C ASN B 278 37.42 -34.13 -5.05
N ALA B 279 36.28 -33.84 -4.42
CA ALA B 279 35.67 -34.81 -3.53
C ALA B 279 34.97 -35.90 -4.32
N GLY B 280 34.82 -37.07 -3.70
CA GLY B 280 34.20 -38.20 -4.33
C GLY B 280 33.06 -38.78 -3.51
N PRO B 281 32.23 -39.60 -4.15
CA PRO B 281 31.12 -40.23 -3.43
C PRO B 281 31.64 -41.25 -2.43
N HIS B 282 30.94 -41.35 -1.29
CA HIS B 282 31.23 -42.38 -0.32
C HIS B 282 30.64 -43.71 -0.79
N ARG B 283 31.45 -44.77 -0.72
CA ARG B 283 31.02 -46.08 -1.18
C ARG B 283 30.70 -47.03 -0.03
N ASP B 284 31.07 -46.71 1.20
CA ASP B 284 30.70 -47.53 2.34
C ASP B 284 29.20 -47.42 2.56
N LYS B 285 28.50 -48.56 2.50
CA LYS B 285 27.04 -48.56 2.52
C LYS B 285 26.48 -48.00 3.83
N LYS B 286 27.24 -48.10 4.92
CA LYS B 286 26.75 -47.67 6.22
C LYS B 286 26.94 -46.17 6.47
N LEU B 287 27.54 -45.44 5.54
CA LEU B 287 27.75 -44.02 5.71
C LEU B 287 26.53 -43.22 5.26
N LYS B 288 26.43 -41.99 5.76
CA LYS B 288 25.29 -41.14 5.45
C LYS B 288 25.30 -40.74 3.98
N TYR B 289 26.44 -40.25 3.48
CA TYR B 289 26.57 -39.81 2.09
C TYR B 289 26.95 -40.94 1.15
N TYR B 290 26.50 -42.16 1.43
CA TYR B 290 26.80 -43.30 0.60
C TYR B 290 26.13 -43.17 -0.76
N ILE B 291 26.92 -43.25 -1.82
CA ILE B 291 26.43 -43.22 -3.19
C ILE B 291 27.04 -44.38 -3.95
N PRO B 292 26.29 -45.45 -4.23
CA PRO B 292 26.87 -46.58 -4.96
C PRO B 292 27.26 -46.20 -6.38
N GLU B 293 28.14 -47.00 -6.97
CA GLU B 293 28.68 -46.70 -8.29
C GLU B 293 27.68 -46.90 -9.41
N VAL B 294 26.57 -47.60 -9.16
CA VAL B 294 25.52 -47.70 -10.17
C VAL B 294 24.78 -46.39 -10.33
N VAL B 295 24.89 -45.49 -9.35
CA VAL B 295 24.19 -44.21 -9.37
C VAL B 295 25.08 -43.09 -9.85
N TYR B 296 26.29 -42.97 -9.29
CA TYR B 296 27.21 -41.91 -9.68
C TYR B 296 28.61 -42.49 -9.90
N SER B 297 29.31 -41.93 -10.89
CA SER B 297 30.67 -42.32 -11.21
C SER B 297 31.54 -41.08 -11.29
N GLY B 298 32.77 -41.19 -10.80
CA GLY B 298 33.73 -40.10 -10.90
C GLY B 298 33.77 -39.19 -9.70
N LEU B 299 34.17 -37.93 -9.92
CA LEU B 299 34.39 -36.97 -8.85
C LEU B 299 33.33 -35.89 -8.88
N TYR B 300 33.03 -35.35 -7.70
CA TYR B 300 32.10 -34.24 -7.59
C TYR B 300 32.77 -32.95 -8.05
N PRO B 301 31.99 -31.99 -8.56
CA PRO B 301 32.54 -30.66 -8.84
C PRO B 301 32.83 -29.93 -7.54
N PRO B 302 33.52 -28.79 -7.59
CA PRO B 302 33.74 -28.00 -6.37
C PRO B 302 32.40 -27.53 -5.79
N TYR B 303 32.18 -27.84 -4.52
CA TYR B 303 30.92 -27.50 -3.88
C TYR B 303 31.17 -26.93 -2.49
N ALA B 304 30.31 -26.00 -2.10
CA ALA B 304 30.33 -25.41 -0.76
C ALA B 304 29.26 -26.12 0.08
N GLY B 305 29.70 -26.94 1.02
CA GLY B 305 28.77 -27.63 1.89
C GLY B 305 28.93 -27.22 3.34
N GLY B 306 28.68 -28.15 4.25
CA GLY B 306 28.95 -27.93 5.66
C GLY B 306 27.86 -27.25 6.45
N GLY B 307 26.81 -26.74 5.79
CA GLY B 307 25.69 -26.19 6.52
C GLY B 307 25.32 -24.75 6.25
N GLY B 308 25.93 -24.14 5.22
CA GLY B 308 25.57 -22.78 4.88
C GLY B 308 26.52 -22.10 3.91
N PHE B 309 25.97 -21.29 3.01
CA PHE B 309 26.79 -20.49 2.12
C PHE B 309 26.07 -19.18 1.82
N LEU B 310 26.81 -18.23 1.25
CA LEU B 310 26.34 -16.87 1.01
C LEU B 310 26.56 -16.54 -0.46
N TYR B 311 25.54 -15.98 -1.11
CA TYR B 311 25.66 -15.68 -2.53
C TYR B 311 24.75 -14.53 -2.92
N SER B 312 25.00 -14.01 -4.12
CA SER B 312 24.32 -12.83 -4.62
C SER B 312 22.93 -13.16 -5.15
N GLY B 313 22.03 -12.18 -5.06
CA GLY B 313 20.72 -12.34 -5.64
C GLY B 313 20.74 -12.35 -7.15
N HIS B 314 21.68 -11.61 -7.76
CA HIS B 314 21.92 -11.70 -9.19
C HIS B 314 22.24 -13.14 -9.59
N LEU B 315 23.19 -13.77 -8.90
CA LEU B 315 23.56 -15.14 -9.19
C LEU B 315 22.48 -16.14 -8.78
N ALA B 316 21.56 -15.75 -7.88
CA ALA B 316 20.47 -16.64 -7.52
C ALA B 316 19.52 -16.85 -8.68
N LEU B 317 19.23 -15.79 -9.45
CA LEU B 317 18.35 -15.92 -10.60
C LEU B 317 19.00 -16.71 -11.71
N ARG B 318 20.30 -16.46 -11.98
CA ARG B 318 21.01 -17.26 -12.96
C ARG B 318 21.12 -18.72 -12.51
N LEU B 319 21.20 -18.95 -11.21
CA LEU B 319 21.29 -20.33 -10.72
C LEU B 319 19.98 -21.06 -10.93
N TYR B 320 18.84 -20.40 -10.69
CA TYR B 320 17.55 -21.04 -10.93
C TYR B 320 17.34 -21.33 -12.41
N HIS B 321 17.77 -20.40 -13.27
CA HIS B 321 17.62 -20.62 -14.71
C HIS B 321 18.38 -21.87 -15.16
N ILE B 322 19.56 -22.11 -14.59
CA ILE B 322 20.38 -23.24 -15.01
C ILE B 322 19.97 -24.55 -14.35
N THR B 323 19.07 -24.53 -13.37
CA THR B 323 18.65 -25.79 -12.73
C THR B 323 17.91 -26.69 -13.70
N ASP B 324 17.27 -26.11 -14.72
CA ASP B 324 16.56 -26.92 -15.72
C ASP B 324 17.50 -27.84 -16.48
N GLN B 325 18.79 -27.51 -16.55
CA GLN B 325 19.75 -28.27 -17.33
C GLN B 325 20.60 -29.22 -16.51
N VAL B 326 20.24 -29.45 -15.24
CA VAL B 326 20.98 -30.36 -14.37
C VAL B 326 19.99 -31.27 -13.67
N HIS B 327 20.16 -32.58 -13.83
CA HIS B 327 19.30 -33.53 -13.14
C HIS B 327 19.51 -33.43 -11.63
N LEU B 328 18.46 -33.73 -10.88
CA LEU B 328 18.54 -33.70 -9.43
C LEU B 328 19.58 -34.72 -8.94
N TYR B 329 20.10 -34.47 -7.74
CA TYR B 329 21.10 -35.33 -7.13
C TYR B 329 20.77 -35.50 -5.65
N PRO B 330 21.03 -36.69 -5.09
CA PRO B 330 20.65 -36.93 -3.68
C PRO B 330 21.37 -36.04 -2.68
N ILE B 331 22.51 -35.46 -3.03
CA ILE B 331 23.25 -34.58 -2.13
C ILE B 331 23.06 -33.15 -2.61
N ASP B 332 22.36 -32.35 -1.81
CA ASP B 332 21.94 -31.02 -2.27
C ASP B 332 23.14 -30.11 -2.50
N ASP B 333 24.11 -30.12 -1.59
CA ASP B 333 25.26 -29.23 -1.73
C ASP B 333 26.07 -29.57 -2.97
N VAL B 334 26.17 -30.87 -3.31
CA VAL B 334 26.83 -31.27 -4.53
C VAL B 334 26.06 -30.78 -5.75
N TYR B 335 24.73 -30.83 -5.68
CA TYR B 335 23.91 -30.36 -6.81
C TYR B 335 24.15 -28.89 -7.08
N THR B 336 24.37 -28.09 -6.02
CA THR B 336 24.67 -26.68 -6.22
C THR B 336 26.01 -26.50 -6.93
N GLY B 337 26.98 -27.38 -6.64
CA GLY B 337 28.25 -27.30 -7.33
C GLY B 337 28.12 -27.59 -8.81
N MET B 338 27.26 -28.54 -9.18
CA MET B 338 27.05 -28.85 -10.59
C MET B 338 26.46 -27.66 -11.33
N CYS B 339 25.50 -26.97 -10.72
CA CYS B 339 24.87 -25.83 -11.38
C CYS B 339 25.86 -24.68 -11.53
N LEU B 340 26.65 -24.39 -10.50
CA LEU B 340 27.67 -23.37 -10.63
C LEU B 340 28.70 -23.74 -11.69
N GLN B 341 29.12 -25.00 -11.70
CA GLN B 341 30.08 -25.45 -12.70
C GLN B 341 29.53 -25.32 -14.11
N LYS B 342 28.23 -25.58 -14.30
CA LYS B 342 27.62 -25.38 -15.60
C LYS B 342 27.53 -23.91 -15.97
N LEU B 343 27.60 -23.01 -14.99
CA LEU B 343 27.52 -21.57 -15.23
C LEU B 343 28.89 -20.94 -15.47
N GLY B 344 29.96 -21.73 -15.51
CA GLY B 344 31.28 -21.17 -15.69
C GLY B 344 31.82 -20.43 -14.49
N LEU B 345 31.34 -20.75 -13.30
CA LEU B 345 31.79 -20.13 -12.06
C LEU B 345 32.34 -21.18 -11.13
N VAL B 346 33.02 -20.73 -10.09
CA VAL B 346 33.61 -21.62 -9.08
C VAL B 346 33.34 -21.04 -7.70
N PRO B 347 32.81 -21.83 -6.76
CA PRO B 347 32.52 -21.29 -5.43
C PRO B 347 33.79 -20.92 -4.68
N GLU B 348 33.76 -19.75 -4.05
CA GLU B 348 34.92 -19.19 -3.38
C GLU B 348 34.99 -19.68 -1.94
N LYS B 349 36.17 -20.11 -1.52
CA LYS B 349 36.37 -20.55 -0.15
C LYS B 349 36.55 -19.35 0.77
N HIS B 350 35.89 -19.40 1.93
CA HIS B 350 36.04 -18.40 2.97
C HIS B 350 36.31 -19.12 4.29
N LYS B 351 37.42 -18.77 4.95
CA LYS B 351 37.83 -19.48 6.14
C LYS B 351 36.91 -19.20 7.33
N GLY B 352 36.10 -18.15 7.26
CA GLY B 352 35.12 -17.83 8.28
C GLY B 352 33.92 -18.77 8.33
N PHE B 353 33.89 -19.78 7.48
CA PHE B 353 32.81 -20.77 7.46
C PHE B 353 33.32 -22.02 8.17
N ARG B 354 33.34 -21.95 9.51
CA ARG B 354 33.79 -23.06 10.35
C ARG B 354 32.71 -24.13 10.40
N THR B 355 32.55 -24.82 9.27
CA THR B 355 31.57 -25.89 9.18
C THR B 355 31.92 -27.05 10.08
N PHE B 356 33.21 -27.25 10.34
CA PHE B 356 33.68 -28.11 11.42
C PHE B 356 34.08 -27.21 12.58
N ASP B 357 33.71 -27.62 13.80
CA ASP B 357 33.67 -26.71 14.94
C ASP B 357 35.03 -26.07 15.21
N ILE B 358 34.99 -24.95 15.92
CA ILE B 358 36.17 -24.18 16.27
C ILE B 358 37.02 -24.98 17.26
N GLU B 359 38.23 -24.49 17.53
CA GLU B 359 39.11 -25.11 18.52
C GLU B 359 38.35 -25.36 19.82
N GLU B 360 38.38 -26.62 20.27
CA GLU B 360 37.59 -27.02 21.42
C GLU B 360 37.90 -26.19 22.67
N LYS B 361 39.14 -25.69 22.77
CA LYS B 361 39.48 -24.78 23.87
C LYS B 361 38.79 -23.43 23.69
N ASN B 362 39.06 -22.77 22.56
CA ASN B 362 38.57 -21.42 22.29
C ASN B 362 37.06 -21.35 22.03
N LYS B 363 36.30 -22.39 22.32
CA LYS B 363 34.85 -22.36 22.16
C LYS B 363 34.16 -21.51 23.20
N ASN B 364 34.91 -20.88 24.11
CA ASN B 364 34.32 -20.03 25.14
C ASN B 364 34.67 -18.56 24.98
N ASN B 365 35.72 -18.24 24.23
CA ASN B 365 36.06 -16.85 23.93
C ASN B 365 35.08 -16.34 22.89
N ILE B 366 34.24 -15.38 23.28
CA ILE B 366 33.25 -14.84 22.35
C ILE B 366 33.92 -14.10 21.19
N CYS B 367 35.16 -13.65 21.37
CA CYS B 367 35.90 -13.06 20.26
C CYS B 367 36.20 -14.08 19.16
N SER B 368 36.18 -15.38 19.49
CA SER B 368 36.26 -16.38 18.43
C SER B 368 35.05 -16.33 17.51
N TYR B 369 33.92 -15.81 17.99
CA TYR B 369 32.72 -15.64 17.18
C TYR B 369 32.65 -14.28 16.49
N VAL B 370 33.50 -13.33 16.87
CA VAL B 370 33.47 -12.03 16.22
C VAL B 370 34.15 -12.06 14.86
N ASP B 371 35.03 -13.03 14.62
CA ASP B 371 35.78 -13.11 13.36
C ASP B 371 35.19 -14.08 12.36
N LEU B 372 34.32 -14.99 12.79
CA LEU B 372 33.75 -15.96 11.86
C LEU B 372 32.39 -15.50 11.36
N MET B 373 31.86 -16.24 10.39
CA MET B 373 30.54 -16.00 9.85
C MET B 373 29.58 -17.15 10.09
N LEU B 374 30.08 -18.36 10.31
CA LEU B 374 29.26 -19.55 10.44
C LEU B 374 30.01 -20.56 11.30
N VAL B 375 29.27 -21.23 12.20
CA VAL B 375 29.82 -22.30 13.00
C VAL B 375 28.77 -23.40 13.13
N HIS B 376 29.21 -24.64 12.96
CA HIS B 376 28.34 -25.81 13.01
C HIS B 376 28.90 -26.80 14.02
N SER B 377 28.07 -27.22 14.97
CA SER B 377 26.67 -26.86 15.13
C SER B 377 26.38 -26.36 16.55
N ARG B 378 25.22 -25.73 16.73
CA ARG B 378 24.82 -25.21 18.02
C ARG B 378 23.35 -25.54 18.28
N LYS B 379 23.02 -25.72 19.55
CA LYS B 379 21.67 -26.02 20.00
C LYS B 379 20.92 -24.72 20.30
N PRO B 380 19.58 -24.77 20.32
CA PRO B 380 18.80 -23.52 20.48
C PRO B 380 19.24 -22.62 21.61
N GLN B 381 19.54 -23.18 22.79
CA GLN B 381 20.01 -22.36 23.91
C GLN B 381 21.34 -21.69 23.56
N GLU B 382 22.25 -22.43 22.93
CA GLU B 382 23.55 -21.88 22.58
C GLU B 382 23.42 -20.73 21.59
N MET B 383 22.45 -20.81 20.69
CA MET B 383 22.21 -19.72 19.75
C MET B 383 21.92 -18.42 20.48
N ILE B 384 20.95 -18.46 21.40
CA ILE B 384 20.56 -17.26 22.14
C ILE B 384 21.70 -16.77 23.01
N ASP B 385 22.46 -17.69 23.60
CA ASP B 385 23.54 -17.32 24.51
C ASP B 385 24.68 -16.64 23.76
N ILE B 386 25.16 -17.27 22.68
CA ILE B 386 26.23 -16.68 21.89
C ILE B 386 25.80 -15.34 21.33
N TRP B 387 24.54 -15.23 20.92
CA TRP B 387 24.04 -13.97 20.38
C TRP B 387 24.04 -12.86 21.43
N SER B 388 23.48 -13.16 22.60
CA SER B 388 23.44 -12.15 23.67
C SER B 388 24.84 -11.74 24.09
N GLN B 389 25.77 -12.69 24.15
CA GLN B 389 27.16 -12.35 24.43
C GLN B 389 27.76 -11.49 23.32
N LEU B 390 27.37 -11.77 22.07
CA LEU B 390 27.96 -11.07 20.92
C LEU B 390 27.65 -9.58 20.96
N GLN B 391 26.48 -9.20 21.49
CA GLN B 391 26.09 -7.79 21.50
C GLN B 391 27.03 -6.95 22.35
N SER B 392 27.60 -7.53 23.41
CA SER B 392 28.53 -6.84 24.28
C SER B 392 29.98 -7.23 24.01
N ALA B 393 30.30 -7.57 22.76
CA ALA B 393 31.62 -8.04 22.40
C ALA B 393 32.50 -6.97 21.75
N HIS B 394 31.97 -5.78 21.49
CA HIS B 394 32.80 -4.70 20.99
C HIS B 394 33.49 -3.93 22.11
N LEU B 395 33.32 -4.35 23.36
CA LEU B 395 34.08 -3.83 24.49
C LEU B 395 35.30 -4.68 24.83
N LYS B 396 35.15 -6.00 24.79
CA LYS B 396 36.22 -6.90 25.21
C LYS B 396 37.20 -7.24 24.11
N CYS B 397 36.74 -7.30 22.86
CA CYS B 397 37.62 -7.64 21.74
C CYS B 397 38.01 -6.39 20.96
N GLU C 56 -19.44 34.73 -8.56
CA GLU C 56 -20.36 34.54 -9.68
C GLU C 56 -19.58 34.26 -10.97
N ALA C 57 -18.56 35.07 -11.23
CA ALA C 57 -17.63 34.74 -12.30
C ALA C 57 -16.88 33.46 -11.94
N TYR C 58 -16.61 32.63 -12.96
CA TYR C 58 -16.10 31.29 -12.67
C TYR C 58 -14.72 31.34 -12.03
N TRP C 59 -13.79 32.08 -12.63
CA TRP C 59 -12.41 32.06 -12.12
C TRP C 59 -12.34 32.60 -10.70
N ASN C 60 -13.05 33.70 -10.42
CA ASN C 60 -13.04 34.24 -9.07
C ASN C 60 -13.68 33.28 -8.08
N ARG C 61 -14.75 32.61 -8.49
CA ARG C 61 -15.39 31.61 -7.62
C ARG C 61 -14.43 30.46 -7.33
N GLU C 62 -13.72 29.97 -8.34
CA GLU C 62 -12.84 28.82 -8.16
C GLU C 62 -11.51 29.20 -7.53
N GLN C 63 -11.10 30.46 -7.62
CA GLN C 63 -9.83 30.87 -7.01
C GLN C 63 -9.96 30.95 -5.49
N GLU C 64 -11.03 31.56 -5.00
CA GLU C 64 -11.24 31.64 -3.55
C GLU C 64 -11.51 30.26 -2.96
N LYS C 65 -12.11 29.36 -3.74
CA LYS C 65 -12.20 27.97 -3.30
C LYS C 65 -10.81 27.35 -3.16
N LEU C 66 -9.93 27.63 -4.11
CA LEU C 66 -8.55 27.19 -4.00
C LEU C 66 -7.84 27.86 -2.82
N ASN C 67 -8.23 29.08 -2.49
CA ASN C 67 -7.58 29.80 -1.40
C ASN C 67 -7.91 29.21 -0.05
N ARG C 68 -9.20 28.91 0.19
CA ARG C 68 -9.58 28.33 1.48
C ARG C 68 -9.06 26.90 1.66
N GLN C 69 -8.66 26.24 0.57
CA GLN C 69 -7.93 24.99 0.73
C GLN C 69 -6.58 25.22 1.41
N TYR C 70 -5.89 26.28 1.03
CA TYR C 70 -4.57 26.60 1.54
C TYR C 70 -4.61 27.44 2.82
N ASN C 71 -5.79 27.65 3.39
CA ASN C 71 -5.89 28.39 4.65
C ASN C 71 -5.63 27.47 5.83
N ILE C 90 -10.93 16.11 -5.85
CA ILE C 90 -10.39 16.35 -7.19
C ILE C 90 -9.18 17.27 -7.11
N SER C 91 -8.20 17.02 -7.95
CA SER C 91 -6.96 17.80 -7.96
C SER C 91 -7.04 18.90 -9.00
N HIS C 92 -6.44 20.04 -8.67
CA HIS C 92 -6.37 21.19 -9.58
C HIS C 92 -5.04 21.27 -10.30
N LEU C 93 -4.18 20.26 -10.15
CA LEU C 93 -2.83 20.33 -10.69
C LEU C 93 -2.54 19.29 -11.77
N ASN C 94 -3.01 18.05 -11.60
CA ASN C 94 -2.71 17.02 -12.59
C ASN C 94 -3.94 16.16 -12.95
N TYR C 95 -5.14 16.69 -12.73
CA TYR C 95 -6.35 16.05 -13.26
C TYR C 95 -6.50 16.48 -14.72
N CYS C 96 -6.07 15.61 -15.63
CA CYS C 96 -5.97 15.96 -17.04
C CYS C 96 -7.11 15.38 -17.88
N GLU C 97 -8.21 15.03 -17.25
CA GLU C 97 -9.37 14.73 -18.06
C GLU C 97 -10.27 15.96 -18.17
N PRO C 98 -11.04 16.09 -19.26
CA PRO C 98 -11.89 17.29 -19.40
C PRO C 98 -12.95 17.40 -18.31
N ASP C 99 -12.80 18.39 -17.44
CA ASP C 99 -13.85 18.72 -16.47
C ASP C 99 -15.06 19.24 -17.23
N LEU C 100 -16.14 18.47 -17.22
CA LEU C 100 -17.35 18.83 -17.97
C LEU C 100 -18.39 19.52 -17.11
N ARG C 101 -18.14 19.68 -15.80
CA ARG C 101 -19.08 20.41 -14.95
C ARG C 101 -19.20 21.87 -15.39
N VAL C 102 -18.16 22.42 -16.01
CA VAL C 102 -18.18 23.82 -16.43
C VAL C 102 -19.18 24.07 -17.55
N THR C 103 -19.57 23.03 -18.29
CA THR C 103 -20.51 23.22 -19.39
C THR C 103 -21.86 23.70 -18.87
N SER C 104 -22.29 23.19 -17.72
CA SER C 104 -23.56 23.59 -17.13
C SER C 104 -23.41 24.70 -16.10
N VAL C 105 -22.20 24.91 -15.56
CA VAL C 105 -22.00 25.92 -14.54
C VAL C 105 -21.79 27.29 -15.14
N VAL C 106 -21.14 27.37 -16.30
CA VAL C 106 -20.78 28.63 -16.92
C VAL C 106 -21.90 29.07 -17.86
N THR C 107 -22.45 30.26 -17.61
CA THR C 107 -23.61 30.75 -18.37
C THR C 107 -23.21 31.08 -19.79
N GLY C 108 -23.86 30.44 -20.76
CA GLY C 108 -23.55 30.67 -22.16
C GLY C 108 -22.29 29.99 -22.64
N PHE C 109 -21.99 28.80 -22.11
CA PHE C 109 -20.75 28.12 -22.46
C PHE C 109 -20.64 27.86 -23.96
N ASN C 110 -21.68 27.26 -24.54
CA ASN C 110 -21.62 26.81 -25.93
C ASN C 110 -21.56 27.96 -26.93
N ASN C 111 -21.74 29.21 -26.48
CA ASN C 111 -21.61 30.37 -27.34
C ASN C 111 -20.26 31.06 -27.23
N LEU C 112 -19.43 30.67 -26.27
CA LEU C 112 -18.12 31.28 -26.10
C LEU C 112 -17.16 30.80 -27.19
N PRO C 113 -16.14 31.60 -27.51
CA PRO C 113 -15.12 31.12 -28.45
C PRO C 113 -14.44 29.86 -27.92
N ASP C 114 -13.93 29.06 -28.85
CA ASP C 114 -13.40 27.75 -28.51
C ASP C 114 -12.18 27.81 -27.61
N ARG C 115 -11.51 28.96 -27.52
CA ARG C 115 -10.38 29.07 -26.61
C ARG C 115 -10.84 29.11 -25.16
N PHE C 116 -11.98 29.77 -24.89
CA PHE C 116 -12.54 29.72 -23.55
C PHE C 116 -13.02 28.32 -23.20
N LYS C 117 -13.63 27.62 -24.16
CA LYS C 117 -14.06 26.26 -23.93
C LYS C 117 -12.89 25.36 -23.56
N ASP C 118 -11.83 25.38 -24.38
CA ASP C 118 -10.66 24.56 -24.09
C ASP C 118 -9.97 24.98 -22.80
N PHE C 119 -9.96 26.29 -22.50
CA PHE C 119 -9.32 26.74 -21.27
C PHE C 119 -10.05 26.25 -20.03
N LEU C 120 -11.39 26.29 -20.05
CA LEU C 120 -12.15 25.88 -18.89
C LEU C 120 -12.22 24.35 -18.75
N LEU C 121 -12.17 23.63 -19.87
CA LEU C 121 -12.28 22.18 -19.82
C LEU C 121 -11.04 21.53 -19.22
N TYR C 122 -9.86 22.10 -19.48
CA TYR C 122 -8.60 21.49 -19.07
C TYR C 122 -7.79 22.42 -18.17
N LEU C 123 -8.47 23.29 -17.42
CA LEU C 123 -7.77 24.22 -16.54
C LEU C 123 -6.97 23.48 -15.47
N ARG C 124 -7.40 22.27 -15.10
CA ARG C 124 -6.86 21.56 -13.94
C ARG C 124 -5.74 20.59 -14.31
N CYS C 125 -5.00 20.86 -15.39
CA CYS C 125 -3.90 19.99 -15.82
C CYS C 125 -2.69 20.85 -16.14
N ARG C 126 -1.59 20.65 -15.40
CA ARG C 126 -0.37 21.38 -15.68
C ARG C 126 0.89 20.51 -15.49
N ASN C 127 0.77 19.19 -15.57
CA ASN C 127 1.92 18.30 -15.47
C ASN C 127 2.33 17.79 -16.86
N TYR C 128 2.69 18.71 -17.72
CA TYR C 128 3.16 18.39 -19.07
C TYR C 128 4.67 18.22 -19.07
N SER C 129 5.14 17.31 -19.91
CA SER C 129 6.54 16.92 -19.89
C SER C 129 7.37 17.79 -20.83
N LEU C 130 8.69 17.74 -20.64
CA LEU C 130 9.64 18.41 -21.50
C LEU C 130 9.98 17.50 -22.68
N LEU C 131 9.74 17.98 -23.90
CA LEU C 131 10.10 17.23 -25.09
C LEU C 131 11.51 17.55 -25.57
N ILE C 132 11.87 18.83 -25.59
CA ILE C 132 13.22 19.27 -25.97
C ILE C 132 13.78 20.07 -24.80
N ASP C 133 14.93 19.64 -24.30
CA ASP C 133 15.56 20.26 -23.14
C ASP C 133 17.01 20.56 -23.43
N GLN C 134 17.53 21.59 -22.78
CA GLN C 134 18.95 21.91 -22.77
C GLN C 134 19.40 21.90 -21.30
N PRO C 135 19.63 20.70 -20.73
CA PRO C 135 19.88 20.62 -19.29
C PRO C 135 21.17 21.28 -18.85
N ASP C 136 22.13 21.46 -19.74
CA ASP C 136 23.40 22.09 -19.43
C ASP C 136 23.42 23.58 -19.71
N LYS C 137 22.25 24.19 -19.98
CA LYS C 137 22.21 25.61 -20.32
C LYS C 137 22.77 26.46 -19.19
N CYS C 138 22.56 26.05 -17.94
CA CYS C 138 23.08 26.77 -16.78
C CYS C 138 24.15 25.95 -16.05
N ALA C 139 24.98 25.24 -16.82
CA ALA C 139 26.10 24.52 -16.23
C ALA C 139 27.04 25.48 -15.51
N LYS C 140 27.36 26.61 -16.14
CA LYS C 140 28.05 27.71 -15.48
C LYS C 140 27.00 28.71 -15.00
N LYS C 141 27.16 29.18 -13.76
CA LYS C 141 26.17 30.04 -13.12
C LYS C 141 25.86 31.26 -13.98
N PRO C 142 24.63 31.42 -14.44
CA PRO C 142 24.29 32.61 -15.23
C PRO C 142 24.05 33.82 -14.33
N PHE C 143 24.41 34.99 -14.86
CA PHE C 143 24.05 36.24 -14.22
C PHE C 143 22.69 36.75 -14.70
N LEU C 144 22.34 36.49 -15.95
CA LEU C 144 21.06 36.89 -16.51
C LEU C 144 20.59 35.82 -17.49
N LEU C 145 19.44 35.24 -17.22
CA LEU C 145 18.84 34.24 -18.10
C LEU C 145 17.79 34.92 -18.97
N LEU C 146 18.00 34.89 -20.29
CA LEU C 146 17.05 35.42 -21.24
C LEU C 146 16.12 34.29 -21.68
N ALA C 147 14.83 34.44 -21.39
CA ALA C 147 13.82 33.44 -21.72
C ALA C 147 12.79 34.09 -22.63
N ILE C 148 12.79 33.69 -23.90
CA ILE C 148 12.00 34.34 -24.94
C ILE C 148 10.86 33.42 -25.35
N LYS C 149 9.64 33.92 -25.25
CA LYS C 149 8.47 33.15 -25.68
C LYS C 149 8.39 33.17 -27.20
N SER C 150 8.12 32.00 -27.80
CA SER C 150 8.11 31.89 -29.24
C SER C 150 7.17 30.78 -29.68
N LEU C 151 6.84 30.80 -30.96
CA LEU C 151 6.06 29.76 -31.62
C LEU C 151 6.93 29.04 -32.64
N THR C 152 6.62 27.77 -32.88
CA THR C 152 7.42 26.91 -33.76
C THR C 152 7.86 27.56 -35.07
N PRO C 153 6.99 28.19 -35.87
CA PRO C 153 7.44 28.72 -37.17
C PRO C 153 8.19 30.05 -37.10
N HIS C 154 8.50 30.58 -35.91
CA HIS C 154 9.17 31.88 -35.80
C HIS C 154 10.68 31.71 -35.85
N PHE C 155 11.16 31.12 -36.95
CA PHE C 155 12.60 30.87 -37.07
C PHE C 155 13.38 32.17 -37.26
N ALA C 156 12.88 33.06 -38.13
CA ALA C 156 13.58 34.31 -38.39
C ALA C 156 13.62 35.20 -37.15
N ARG C 157 12.51 35.26 -36.41
CA ARG C 157 12.48 36.01 -35.16
C ARG C 157 13.56 35.51 -34.20
N ARG C 158 13.67 34.19 -34.06
CA ARG C 158 14.61 33.61 -33.11
C ARG C 158 16.06 33.83 -33.56
N GLN C 159 16.31 33.71 -34.87
CA GLN C 159 17.67 33.90 -35.36
C GLN C 159 18.11 35.36 -35.24
N ALA C 160 17.20 36.29 -35.48
CA ALA C 160 17.51 37.70 -35.31
C ALA C 160 17.89 38.01 -33.86
N ILE C 161 17.14 37.45 -32.92
CA ILE C 161 17.46 37.64 -31.50
C ILE C 161 18.81 37.02 -31.17
N ARG C 162 19.09 35.85 -31.75
CA ARG C 162 20.38 35.19 -31.53
C ARG C 162 21.54 36.09 -31.93
N GLU C 163 21.37 36.84 -33.01
CA GLU C 163 22.44 37.66 -33.56
C GLU C 163 22.50 39.06 -32.95
N SER C 164 21.39 39.54 -32.38
CA SER C 164 21.35 40.90 -31.84
C SER C 164 21.43 40.89 -30.32
N TRP C 165 20.33 41.25 -29.65
CA TRP C 165 20.36 41.45 -28.21
C TRP C 165 20.31 40.15 -27.41
N GLY C 166 20.13 39.01 -28.06
CA GLY C 166 20.04 37.76 -27.35
C GLY C 166 21.32 36.95 -27.42
N GLN C 167 22.42 37.58 -27.83
CA GLN C 167 23.70 36.90 -27.82
C GLN C 167 24.08 36.47 -26.41
N GLU C 168 24.57 35.26 -26.28
CA GLU C 168 25.15 34.79 -25.03
C GLU C 168 26.53 35.40 -24.86
N SER C 169 26.83 35.87 -23.66
CA SER C 169 28.05 36.61 -23.40
C SER C 169 28.75 36.07 -22.16
N ASN C 170 29.92 36.63 -21.87
CA ASN C 170 30.70 36.26 -20.70
C ASN C 170 31.65 37.39 -20.35
N ALA C 171 31.13 38.63 -20.32
CA ALA C 171 31.96 39.81 -20.08
C ALA C 171 32.37 39.93 -18.63
N GLY C 172 33.14 38.97 -18.13
CA GLY C 172 33.63 39.00 -16.77
C GLY C 172 32.92 38.02 -15.85
N ASN C 173 32.69 36.80 -16.35
CA ASN C 173 31.89 35.78 -15.66
C ASN C 173 30.50 36.29 -15.28
N GLN C 174 30.08 37.38 -15.92
CA GLN C 174 28.69 37.82 -15.86
C GLN C 174 27.94 37.17 -17.01
N THR C 175 27.73 35.87 -16.86
CA THR C 175 27.25 35.04 -17.96
C THR C 175 25.79 35.37 -18.29
N VAL C 176 25.51 35.54 -19.58
CA VAL C 176 24.16 35.74 -20.09
C VAL C 176 23.81 34.54 -20.94
N VAL C 177 22.71 33.85 -20.59
CA VAL C 177 22.28 32.66 -21.31
C VAL C 177 20.91 32.92 -21.92
N ARG C 178 20.53 32.06 -22.87
CA ARG C 178 19.38 32.30 -23.72
C ARG C 178 18.61 31.00 -23.95
N VAL C 179 17.29 31.05 -23.74
CA VAL C 179 16.40 29.95 -24.06
C VAL C 179 15.15 30.51 -24.72
N PHE C 180 14.61 29.75 -25.68
CA PHE C 180 13.30 30.05 -26.25
C PHE C 180 12.28 29.06 -25.69
N LEU C 181 11.10 29.57 -25.35
CA LEU C 181 10.05 28.77 -24.72
C LEU C 181 8.96 28.48 -25.75
N LEU C 182 8.81 27.19 -26.09
CA LEU C 182 7.86 26.77 -27.11
C LEU C 182 6.93 25.70 -26.56
N GLY C 183 5.69 25.74 -27.02
CA GLY C 183 4.78 24.62 -26.93
C GLY C 183 4.75 23.86 -28.24
N GLN C 184 3.67 23.11 -28.45
CA GLN C 184 3.51 22.35 -29.66
C GLN C 184 2.45 22.97 -30.56
N THR C 185 2.67 22.83 -31.87
CA THR C 185 1.72 23.24 -32.90
C THR C 185 1.30 21.98 -33.64
N PRO C 186 0.37 21.21 -33.08
CA PRO C 186 0.14 19.84 -33.53
C PRO C 186 -0.58 19.80 -34.87
N PRO C 187 -0.46 18.69 -35.60
CA PRO C 187 -1.16 18.59 -36.89
C PRO C 187 -2.67 18.64 -36.78
N GLU C 188 -3.24 18.29 -35.62
CA GLU C 188 -4.68 18.29 -35.47
C GLU C 188 -5.28 19.68 -35.37
N ASP C 189 -4.46 20.71 -35.15
CA ASP C 189 -4.91 22.10 -35.25
C ASP C 189 -4.57 22.71 -36.59
N ASN C 190 -4.30 21.89 -37.60
CA ASN C 190 -3.97 22.32 -38.97
C ASN C 190 -2.65 23.07 -39.05
N HIS C 191 -1.77 22.88 -38.08
CA HIS C 191 -0.45 23.50 -38.18
C HIS C 191 0.43 22.70 -39.14
N PRO C 192 1.26 23.37 -39.93
CA PRO C 192 2.21 22.64 -40.78
C PRO C 192 3.28 21.97 -39.93
N ASP C 193 3.69 20.78 -40.35
CA ASP C 193 4.67 19.99 -39.61
C ASP C 193 6.05 20.59 -39.84
N LEU C 194 6.55 21.30 -38.84
CA LEU C 194 7.91 21.83 -38.85
C LEU C 194 8.77 21.21 -37.76
N SER C 195 8.36 20.06 -37.22
CA SER C 195 9.05 19.46 -36.08
C SER C 195 10.47 19.04 -36.46
N ASP C 196 10.63 18.40 -37.63
CA ASP C 196 11.97 18.02 -38.07
C ASP C 196 12.87 19.23 -38.21
N MET C 197 12.30 20.39 -38.57
CA MET C 197 13.08 21.61 -38.65
C MET C 197 13.41 22.16 -37.26
N LEU C 198 12.50 21.99 -36.30
CA LEU C 198 12.75 22.47 -34.94
C LEU C 198 13.91 21.73 -34.30
N LYS C 199 13.98 20.41 -34.50
CA LYS C 199 15.05 19.62 -33.90
C LYS C 199 16.40 20.00 -34.48
N PHE C 200 16.46 20.23 -35.79
CA PHE C 200 17.70 20.71 -36.41
C PHE C 200 18.13 22.04 -35.81
N GLU C 201 17.18 22.96 -35.61
CA GLU C 201 17.49 24.22 -34.95
C GLU C 201 17.94 23.99 -33.51
N SER C 202 17.33 23.03 -32.82
CA SER C 202 17.72 22.72 -31.45
C SER C 202 19.15 22.20 -31.40
N GLU C 203 19.47 21.23 -32.26
CA GLU C 203 20.82 20.66 -32.29
C GLU C 203 21.87 21.74 -32.55
N LYS C 204 21.57 22.67 -33.45
CA LYS C 204 22.57 23.62 -33.91
C LYS C 204 22.82 24.75 -32.92
N HIS C 205 21.75 25.31 -32.34
CA HIS C 205 21.88 26.46 -31.47
C HIS C 205 21.70 26.14 -29.99
N GLN C 206 21.12 24.99 -29.65
CA GLN C 206 21.00 24.52 -28.27
C GLN C 206 20.39 25.59 -27.36
N ASP C 207 19.22 26.10 -27.76
CA ASP C 207 18.54 27.12 -26.97
C ASP C 207 17.03 26.97 -27.01
N ILE C 208 16.52 25.78 -27.32
CA ILE C 208 15.09 25.53 -27.48
C ILE C 208 14.61 24.68 -26.33
N LEU C 209 13.57 25.14 -25.65
CA LEU C 209 12.83 24.36 -24.66
C LEU C 209 11.41 24.19 -25.16
N MET C 210 10.94 22.94 -25.22
CA MET C 210 9.63 22.66 -25.79
C MET C 210 8.90 21.61 -24.97
N TRP C 211 7.68 21.94 -24.55
CA TRP C 211 6.81 21.07 -23.77
C TRP C 211 5.66 20.58 -24.66
N ASN C 212 4.98 19.52 -24.21
CA ASN C 212 3.97 18.87 -25.06
C ASN C 212 2.54 19.37 -24.82
N TYR C 213 2.37 20.65 -24.48
CA TYR C 213 1.06 21.27 -24.45
C TYR C 213 0.82 22.07 -25.72
N ARG C 214 -0.45 22.35 -26.00
CA ARG C 214 -0.84 23.12 -27.18
C ARG C 214 -0.47 24.58 -26.99
N ASP C 215 0.45 25.09 -27.80
CA ASP C 215 0.94 26.46 -27.68
C ASP C 215 -0.09 27.42 -28.24
N THR C 216 -1.14 27.66 -27.46
CA THR C 216 -2.19 28.59 -27.82
C THR C 216 -2.11 29.83 -26.94
N PHE C 217 -2.80 30.88 -27.38
CA PHE C 217 -2.77 32.15 -26.66
C PHE C 217 -3.25 31.98 -25.21
N PHE C 218 -4.32 31.24 -25.01
CA PHE C 218 -4.88 31.04 -23.68
C PHE C 218 -4.12 29.99 -22.86
N ASN C 219 -3.03 29.44 -23.40
CA ASN C 219 -2.16 28.53 -22.66
C ASN C 219 -0.83 29.18 -22.32
N LEU C 220 -0.77 30.52 -22.33
CA LEU C 220 0.50 31.20 -22.09
C LEU C 220 0.85 31.23 -20.60
N SER C 221 -0.14 31.27 -19.71
CA SER C 221 0.17 31.11 -18.29
C SER C 221 0.73 29.72 -18.02
N LEU C 222 0.25 28.71 -18.76
CA LEU C 222 0.89 27.39 -18.75
C LEU C 222 2.35 27.50 -19.15
N LYS C 223 2.63 28.25 -20.22
CA LYS C 223 4.02 28.51 -20.61
C LYS C 223 4.80 29.17 -19.50
N GLU C 224 4.15 30.07 -18.75
CA GLU C 224 4.84 30.75 -17.66
C GLU C 224 5.18 29.78 -16.54
N VAL C 225 4.21 28.96 -16.12
CA VAL C 225 4.44 28.04 -15.00
C VAL C 225 5.49 27.00 -15.36
N LEU C 226 5.38 26.43 -16.56
CA LEU C 226 6.33 25.39 -16.96
C LEU C 226 7.74 25.93 -17.07
N PHE C 227 7.90 27.19 -17.50
CA PHE C 227 9.23 27.79 -17.49
C PHE C 227 9.73 27.98 -16.07
N LEU C 228 8.87 28.45 -15.17
CA LEU C 228 9.26 28.59 -13.77
C LEU C 228 9.69 27.25 -13.18
N ARG C 229 9.02 26.16 -13.56
CA ARG C 229 9.41 24.84 -13.11
C ARG C 229 10.80 24.48 -13.62
N TRP C 230 11.09 24.77 -14.90
CA TRP C 230 12.39 24.45 -15.47
C TRP C 230 13.50 25.22 -14.78
N VAL C 231 13.22 26.45 -14.34
CA VAL C 231 14.23 27.22 -13.62
C VAL C 231 14.53 26.57 -12.27
N SER C 232 13.49 26.10 -11.58
CA SER C 232 13.70 25.48 -10.27
C SER C 232 14.53 24.21 -10.39
N THR C 233 14.35 23.45 -11.47
CA THR C 233 15.05 22.18 -11.62
C THR C 233 16.36 22.31 -12.38
N SER C 234 16.45 23.23 -13.35
CA SER C 234 17.59 23.29 -14.25
C SER C 234 18.39 24.58 -14.18
N CYS C 235 17.85 25.65 -13.59
CA CYS C 235 18.60 26.89 -13.51
C CYS C 235 18.32 27.65 -12.20
N PRO C 236 18.37 26.98 -11.05
CA PRO C 236 17.90 27.63 -9.81
C PRO C 236 18.83 28.72 -9.29
N ASP C 237 20.03 28.86 -9.85
CA ASP C 237 21.02 29.78 -9.32
C ASP C 237 21.31 30.95 -10.25
N THR C 238 20.46 31.19 -11.25
CA THR C 238 20.65 32.36 -12.09
C THR C 238 20.37 33.62 -11.27
N GLU C 239 21.23 34.62 -11.42
CA GLU C 239 21.08 35.86 -10.66
C GLU C 239 19.79 36.57 -11.05
N PHE C 240 19.58 36.80 -12.34
CA PHE C 240 18.41 37.53 -12.81
C PHE C 240 17.81 36.81 -14.01
N VAL C 241 16.54 37.11 -14.27
CA VAL C 241 15.77 36.49 -15.33
C VAL C 241 15.03 37.57 -16.09
N PHE C 242 15.19 37.59 -17.42
CA PHE C 242 14.36 38.38 -18.30
C PHE C 242 13.43 37.45 -19.07
N LYS C 243 12.15 37.81 -19.14
CA LYS C 243 11.16 37.07 -19.88
C LYS C 243 10.42 38.03 -20.79
N GLY C 244 10.42 37.74 -22.10
CA GLY C 244 9.80 38.62 -23.06
C GLY C 244 9.35 37.87 -24.31
N ASP C 245 8.73 38.62 -25.21
CA ASP C 245 8.24 38.10 -26.48
C ASP C 245 9.32 38.19 -27.55
N ASP C 246 9.22 37.31 -28.55
CA ASP C 246 10.22 37.25 -29.62
C ASP C 246 10.05 38.34 -30.68
N ASP C 247 9.26 39.37 -30.41
CA ASP C 247 9.14 40.49 -31.33
C ASP C 247 9.40 41.83 -30.64
N VAL C 248 9.97 41.81 -29.44
CA VAL C 248 10.35 43.02 -28.72
C VAL C 248 11.86 43.22 -28.84
N PHE C 249 12.29 44.46 -29.03
CA PHE C 249 13.69 44.80 -28.97
C PHE C 249 14.06 45.14 -27.53
N VAL C 250 15.17 44.58 -27.06
CA VAL C 250 15.62 44.75 -25.69
C VAL C 250 17.04 45.28 -25.71
N ASN C 251 17.28 46.36 -24.95
CA ASN C 251 18.63 46.89 -24.78
C ASN C 251 19.29 46.12 -23.65
N THR C 252 19.99 45.04 -24.01
CA THR C 252 20.60 44.18 -22.99
C THR C 252 21.77 44.87 -22.31
N HIS C 253 22.52 45.71 -23.03
CA HIS C 253 23.60 46.47 -22.40
C HIS C 253 23.05 47.39 -21.32
N HIS C 254 21.95 48.09 -21.60
CA HIS C 254 21.30 48.92 -20.60
C HIS C 254 20.79 48.09 -19.42
N ILE C 255 20.34 46.86 -19.69
CA ILE C 255 19.81 46.02 -18.62
C ILE C 255 20.93 45.53 -17.72
N LEU C 256 22.07 45.15 -18.31
CA LEU C 256 23.17 44.61 -17.51
C LEU C 256 23.71 45.67 -16.55
N ASN C 257 23.95 46.88 -17.04
CA ASN C 257 24.46 47.94 -16.17
C ASN C 257 23.43 48.34 -15.13
N TYR C 258 22.14 48.26 -15.45
CA TYR C 258 21.12 48.48 -14.44
C TYR C 258 21.20 47.42 -13.35
N LEU C 259 21.35 46.16 -13.74
CA LEU C 259 21.45 45.09 -12.76
C LEU C 259 22.70 45.23 -11.91
N ASN C 260 23.82 45.61 -12.53
CA ASN C 260 25.07 45.78 -11.79
C ASN C 260 25.02 46.95 -10.82
N SER C 261 24.13 47.92 -11.05
CA SER C 261 24.02 49.10 -10.21
C SER C 261 23.08 48.90 -9.04
N LEU C 262 22.61 47.69 -8.81
CA LEU C 262 21.55 47.43 -7.86
C LEU C 262 22.10 46.97 -6.52
N SER C 263 21.53 47.50 -5.44
CA SER C 263 21.83 46.99 -4.11
C SER C 263 21.33 45.57 -3.98
N LYS C 264 21.94 44.81 -3.07
CA LYS C 264 21.60 43.40 -2.93
C LYS C 264 20.30 43.18 -2.15
N THR C 265 19.65 44.23 -1.67
CA THR C 265 18.32 44.08 -1.10
C THR C 265 17.21 44.35 -2.12
N LYS C 266 17.45 45.27 -3.06
CA LYS C 266 16.50 45.48 -4.15
C LYS C 266 16.68 44.44 -5.24
N ALA C 267 17.87 43.85 -5.36
CA ALA C 267 18.07 42.75 -6.29
C ALA C 267 17.33 41.49 -5.86
N LYS C 268 17.13 41.31 -4.55
CA LYS C 268 16.52 40.07 -4.06
C LYS C 268 15.06 39.97 -4.47
N ASP C 269 14.32 41.09 -4.42
CA ASP C 269 12.91 41.12 -4.77
C ASP C 269 12.66 41.92 -6.04
N LEU C 270 13.55 41.79 -7.02
CA LEU C 270 13.41 42.55 -8.26
C LEU C 270 12.21 42.06 -9.07
N PHE C 271 11.38 43.00 -9.52
CA PHE C 271 10.38 42.73 -10.55
C PHE C 271 9.94 44.08 -11.10
N ILE C 272 10.51 44.46 -12.26
CA ILE C 272 10.22 45.74 -12.88
C ILE C 272 9.71 45.50 -14.30
N GLY C 273 9.00 46.50 -14.80
CA GLY C 273 8.44 46.42 -16.14
C GLY C 273 7.47 47.57 -16.36
N ASP C 274 6.61 47.40 -17.37
CA ASP C 274 5.55 48.37 -17.64
C ASP C 274 4.33 47.93 -16.84
N VAL C 275 4.28 48.37 -15.59
CA VAL C 275 3.24 47.95 -14.65
C VAL C 275 2.01 48.83 -14.83
N ILE C 276 0.84 48.22 -14.77
CA ILE C 276 -0.43 48.91 -14.86
C ILE C 276 -1.27 48.55 -13.64
N HIS C 277 -1.80 49.56 -12.96
CA HIS C 277 -2.56 49.38 -11.74
C HIS C 277 -4.05 49.59 -11.98
N ASN C 278 -4.86 48.81 -11.26
CA ASN C 278 -6.31 48.95 -11.25
C ASN C 278 -6.94 48.69 -12.62
N ALA C 279 -6.27 47.90 -13.46
CA ALA C 279 -6.82 47.55 -14.76
C ALA C 279 -7.90 46.48 -14.62
N GLY C 280 -8.88 46.54 -15.51
CA GLY C 280 -9.94 45.56 -15.54
C GLY C 280 -9.91 44.75 -16.82
N PRO C 281 -10.79 43.76 -16.92
CA PRO C 281 -10.82 42.93 -18.13
C PRO C 281 -11.56 43.61 -19.27
N HIS C 282 -11.02 43.45 -20.47
CA HIS C 282 -11.66 43.98 -21.66
C HIS C 282 -12.89 43.14 -21.99
N ARG C 283 -14.04 43.80 -22.15
CA ARG C 283 -15.29 43.10 -22.44
C ARG C 283 -15.68 43.14 -23.92
N ASP C 284 -14.96 43.90 -24.74
CA ASP C 284 -15.24 43.92 -26.17
C ASP C 284 -14.78 42.61 -26.80
N LYS C 285 -15.72 41.84 -27.33
CA LYS C 285 -15.44 40.49 -27.82
C LYS C 285 -14.62 40.48 -29.09
N LYS C 286 -14.27 41.63 -29.66
CA LYS C 286 -13.40 41.66 -30.83
C LYS C 286 -11.92 41.83 -30.46
N LEU C 287 -11.64 42.33 -29.26
CA LEU C 287 -10.27 42.65 -28.88
C LEU C 287 -9.51 41.39 -28.43
N LYS C 288 -8.19 41.53 -28.42
CA LYS C 288 -7.30 40.42 -28.06
C LYS C 288 -7.62 39.88 -26.68
N TYR C 289 -7.61 40.77 -25.68
CA TYR C 289 -7.72 40.39 -24.27
C TYR C 289 -9.16 40.41 -23.78
N TYR C 290 -10.10 39.96 -24.61
CA TYR C 290 -11.51 39.93 -24.23
C TYR C 290 -11.74 38.86 -23.18
N ILE C 291 -12.30 39.26 -22.05
CA ILE C 291 -12.69 38.33 -20.99
C ILE C 291 -14.12 38.66 -20.56
N PRO C 292 -15.07 37.78 -20.79
CA PRO C 292 -16.47 38.08 -20.43
C PRO C 292 -16.65 38.06 -18.92
N GLU C 293 -17.72 38.74 -18.49
CA GLU C 293 -18.03 38.84 -17.05
C GLU C 293 -18.30 37.48 -16.44
N VAL C 294 -18.84 36.55 -17.24
CA VAL C 294 -19.16 35.22 -16.74
C VAL C 294 -17.89 34.46 -16.35
N VAL C 295 -16.74 34.88 -16.86
CA VAL C 295 -15.47 34.20 -16.61
C VAL C 295 -14.69 34.87 -15.48
N TYR C 296 -14.54 36.20 -15.54
CA TYR C 296 -13.80 36.93 -14.53
C TYR C 296 -14.57 38.20 -14.17
N SER C 297 -14.42 38.64 -12.92
CA SER C 297 -15.14 39.79 -12.41
C SER C 297 -14.20 40.70 -11.64
N GLY C 298 -14.43 42.01 -11.74
CA GLY C 298 -13.67 42.96 -10.96
C GLY C 298 -12.45 43.50 -11.65
N LEU C 299 -11.45 43.88 -10.88
CA LEU C 299 -10.22 44.48 -11.40
C LEU C 299 -9.07 43.49 -11.31
N TYR C 300 -8.09 43.69 -12.19
CA TYR C 300 -6.87 42.90 -12.14
C TYR C 300 -5.92 43.45 -11.09
N PRO C 301 -5.13 42.59 -10.46
CA PRO C 301 -4.03 43.07 -9.60
C PRO C 301 -2.99 43.81 -10.44
N PRO C 302 -2.05 44.50 -9.81
CA PRO C 302 -0.96 45.11 -10.58
C PRO C 302 -0.16 44.04 -11.31
N TYR C 303 0.14 44.30 -12.58
CA TYR C 303 0.87 43.34 -13.39
C TYR C 303 1.67 44.06 -14.45
N ALA C 304 2.89 43.58 -14.69
CA ALA C 304 3.71 44.06 -15.80
C ALA C 304 3.27 43.38 -17.08
N GLY C 305 3.11 44.16 -18.14
CA GLY C 305 2.69 43.60 -19.41
C GLY C 305 3.40 44.23 -20.59
N GLY C 306 2.95 43.92 -21.80
CA GLY C 306 3.50 44.51 -22.99
C GLY C 306 4.64 43.76 -23.64
N GLY C 307 5.00 42.60 -23.12
CA GLY C 307 6.00 41.76 -23.74
C GLY C 307 7.38 41.77 -23.13
N GLY C 308 7.51 42.05 -21.84
CA GLY C 308 8.79 41.98 -21.19
C GLY C 308 8.81 42.49 -19.75
N PHE C 309 9.42 41.72 -18.86
CA PHE C 309 9.71 42.19 -17.52
C PHE C 309 10.98 41.52 -17.02
N LEU C 310 11.59 42.12 -16.00
CA LEU C 310 12.88 41.70 -15.48
C LEU C 310 12.75 41.45 -13.98
N TYR C 311 13.22 40.29 -13.52
CA TYR C 311 13.09 39.95 -12.11
C TYR C 311 14.27 39.09 -11.69
N SER C 312 14.33 38.80 -10.39
CA SER C 312 15.43 38.05 -9.81
C SER C 312 15.14 36.55 -9.86
N GLY C 313 16.22 35.76 -9.95
CA GLY C 313 16.07 34.32 -9.82
C GLY C 313 15.58 33.91 -8.46
N HIS C 314 15.90 34.70 -7.42
CA HIS C 314 15.36 34.46 -6.10
C HIS C 314 13.84 34.58 -6.11
N LEU C 315 13.33 35.64 -6.74
CA LEU C 315 11.87 35.78 -6.86
C LEU C 315 11.28 34.70 -7.76
N ALA C 316 12.05 34.23 -8.74
CA ALA C 316 11.54 33.19 -9.65
C ALA C 316 11.24 31.90 -8.90
N LEU C 317 12.12 31.50 -7.98
CA LEU C 317 11.86 30.29 -7.20
C LEU C 317 10.64 30.46 -6.31
N ARG C 318 10.52 31.62 -5.63
CA ARG C 318 9.33 31.88 -4.85
C ARG C 318 8.09 31.96 -5.71
N LEU C 319 8.23 32.47 -6.95
CA LEU C 319 7.10 32.52 -7.86
C LEU C 319 6.61 31.12 -8.20
N TYR C 320 7.52 30.21 -8.54
CA TYR C 320 7.10 28.88 -8.96
C TYR C 320 6.40 28.14 -7.82
N HIS C 321 6.91 28.28 -6.60
CA HIS C 321 6.27 27.63 -5.46
C HIS C 321 4.83 28.12 -5.31
N ILE C 322 4.61 29.43 -5.51
CA ILE C 322 3.29 30.00 -5.30
C ILE C 322 2.32 29.70 -6.44
N THR C 323 2.79 29.26 -7.60
CA THR C 323 1.88 28.97 -8.71
C THR C 323 0.90 27.84 -8.37
N ASP C 324 1.24 26.99 -7.41
CA ASP C 324 0.33 25.91 -7.02
C ASP C 324 -0.97 26.45 -6.45
N GLN C 325 -0.94 27.65 -5.86
CA GLN C 325 -2.08 28.21 -5.16
C GLN C 325 -2.84 29.24 -5.99
N VAL C 326 -2.53 29.35 -7.28
CA VAL C 326 -3.22 30.27 -8.18
C VAL C 326 -3.69 29.49 -9.40
N HIS C 327 -4.98 29.56 -9.69
CA HIS C 327 -5.50 28.95 -10.91
C HIS C 327 -4.98 29.67 -12.14
N LEU C 328 -4.80 28.91 -13.22
CA LEU C 328 -4.38 29.49 -14.48
C LEU C 328 -5.37 30.54 -14.94
N TYR C 329 -4.87 31.58 -15.59
CA TYR C 329 -5.71 32.63 -16.15
C TYR C 329 -5.38 32.80 -17.63
N PRO C 330 -6.38 33.09 -18.47
CA PRO C 330 -6.13 33.17 -19.92
C PRO C 330 -5.05 34.17 -20.30
N ILE C 331 -4.98 35.30 -19.62
CA ILE C 331 -3.94 36.30 -19.90
C ILE C 331 -2.73 35.99 -19.01
N ASP C 332 -1.59 35.71 -19.63
CA ASP C 332 -0.42 35.26 -18.88
C ASP C 332 0.16 36.37 -18.02
N ASP C 333 0.26 37.59 -18.55
CA ASP C 333 0.81 38.69 -17.77
C ASP C 333 -0.07 39.02 -16.58
N VAL C 334 -1.37 38.77 -16.68
CA VAL C 334 -2.25 38.96 -15.53
C VAL C 334 -2.04 37.85 -14.50
N TYR C 335 -1.80 36.62 -14.97
CA TYR C 335 -1.55 35.51 -14.06
C TYR C 335 -0.29 35.75 -13.24
N THR C 336 0.74 36.31 -13.87
CA THR C 336 1.98 36.58 -13.12
C THR C 336 1.77 37.68 -12.10
N GLY C 337 0.83 38.59 -12.34
CA GLY C 337 0.51 39.59 -11.33
C GLY C 337 -0.25 39.02 -10.16
N MET C 338 -1.06 37.99 -10.40
CA MET C 338 -1.76 37.31 -9.31
C MET C 338 -0.81 36.54 -8.41
N CYS C 339 0.26 35.98 -8.99
CA CYS C 339 1.24 35.26 -8.19
C CYS C 339 2.07 36.22 -7.33
N LEU C 340 2.45 37.37 -7.90
CA LEU C 340 3.18 38.37 -7.12
C LEU C 340 2.32 38.91 -5.98
N GLN C 341 1.02 39.10 -6.25
CA GLN C 341 0.12 39.59 -5.22
C GLN C 341 -0.01 38.60 -4.07
N LYS C 342 -0.23 37.32 -4.41
CA LYS C 342 -0.32 36.28 -3.37
C LYS C 342 0.95 36.23 -2.53
N LEU C 343 2.09 36.61 -3.10
CA LEU C 343 3.34 36.70 -2.36
C LEU C 343 3.49 38.00 -1.59
N GLY C 344 2.54 38.92 -1.71
CA GLY C 344 2.63 40.19 -1.02
C GLY C 344 3.65 41.14 -1.60
N LEU C 345 3.70 41.24 -2.93
CA LEU C 345 4.62 42.14 -3.62
C LEU C 345 3.87 42.87 -4.72
N VAL C 346 4.43 43.99 -5.15
CA VAL C 346 3.88 44.80 -6.23
C VAL C 346 4.95 44.98 -7.29
N PRO C 347 4.66 44.71 -8.55
CA PRO C 347 5.66 44.96 -9.61
C PRO C 347 5.93 46.45 -9.75
N GLU C 348 7.19 46.80 -9.92
CA GLU C 348 7.63 48.19 -9.95
C GLU C 348 7.67 48.69 -11.39
N LYS C 349 7.00 49.81 -11.64
CA LYS C 349 7.04 50.42 -12.95
C LYS C 349 8.41 51.01 -13.23
N HIS C 350 8.91 50.76 -14.44
CA HIS C 350 10.13 51.39 -14.92
C HIS C 350 9.86 51.94 -16.32
N LYS C 351 10.14 53.23 -16.51
CA LYS C 351 9.80 53.89 -17.78
C LYS C 351 10.53 53.25 -18.95
N GLY C 352 11.70 52.64 -18.70
CA GLY C 352 12.47 52.05 -19.78
C GLY C 352 11.75 50.97 -20.57
N PHE C 353 10.64 50.46 -20.04
CA PHE C 353 9.82 49.46 -20.72
C PHE C 353 8.74 50.20 -21.50
N ARG C 354 9.07 50.63 -22.72
CA ARG C 354 8.13 51.33 -23.58
C ARG C 354 7.43 50.31 -24.47
N THR C 355 6.48 49.60 -23.86
CA THR C 355 5.69 48.62 -24.60
C THR C 355 4.87 49.26 -25.71
N PHE C 356 4.67 50.57 -25.64
CA PHE C 356 4.16 51.35 -26.75
C PHE C 356 5.33 52.06 -27.40
N ASP C 357 5.41 51.98 -28.73
CA ASP C 357 6.64 52.29 -29.46
C ASP C 357 7.05 53.75 -29.30
N ILE C 358 8.26 54.04 -29.76
CA ILE C 358 8.75 55.41 -29.86
C ILE C 358 7.98 56.13 -30.96
N GLU C 359 8.04 57.46 -30.96
CA GLU C 359 7.46 58.22 -32.05
C GLU C 359 8.26 58.03 -33.33
N GLU C 360 7.55 58.05 -34.47
CA GLU C 360 8.19 57.82 -35.75
C GLU C 360 9.29 58.84 -36.03
N LYS C 361 9.19 60.03 -35.43
CA LYS C 361 10.21 61.06 -35.63
C LYS C 361 11.55 60.64 -35.07
N ASN C 362 11.57 59.90 -33.96
CA ASN C 362 12.80 59.53 -33.29
C ASN C 362 13.29 58.13 -33.62
N LYS C 363 12.52 57.36 -34.40
CA LYS C 363 12.93 56.00 -34.74
C LYS C 363 14.20 55.99 -35.59
N ASN C 364 14.52 57.09 -36.27
CA ASN C 364 15.75 57.19 -37.05
C ASN C 364 16.93 57.67 -36.22
N ASN C 365 16.70 58.13 -34.99
CA ASN C 365 17.77 58.53 -34.08
C ASN C 365 18.07 57.35 -33.17
N ILE C 366 19.23 56.73 -33.37
CA ILE C 366 19.64 55.60 -32.52
C ILE C 366 19.72 56.03 -31.06
N CYS C 367 19.98 57.31 -30.81
CA CYS C 367 20.05 57.82 -29.44
C CYS C 367 18.73 57.71 -28.70
N SER C 368 17.61 57.58 -29.42
CA SER C 368 16.35 57.36 -28.71
C SER C 368 16.24 55.96 -28.13
N TYR C 369 17.25 55.11 -28.32
CA TYR C 369 17.26 53.75 -27.78
C TYR C 369 18.21 53.56 -26.61
N VAL C 370 19.17 54.47 -26.40
CA VAL C 370 20.24 54.21 -25.44
C VAL C 370 19.69 54.11 -24.02
N ASP C 371 18.69 54.91 -23.69
CA ASP C 371 18.21 55.03 -22.32
C ASP C 371 16.96 54.20 -22.05
N LEU C 372 16.44 53.47 -23.03
CA LEU C 372 15.35 52.54 -22.79
C LEU C 372 15.89 51.12 -22.65
N MET C 373 15.04 50.23 -22.16
CA MET C 373 15.40 48.82 -22.02
C MET C 373 14.63 47.89 -22.93
N LEU C 374 13.42 48.26 -23.32
CA LEU C 374 12.59 47.41 -24.16
C LEU C 374 11.67 48.28 -25.02
N VAL C 375 11.60 47.97 -26.30
CA VAL C 375 10.70 48.66 -27.22
C VAL C 375 9.95 47.60 -28.03
N HIS C 376 8.63 47.71 -28.05
CA HIS C 376 7.75 46.80 -28.78
C HIS C 376 7.03 47.56 -29.87
N SER C 377 6.97 46.98 -31.06
CA SER C 377 7.54 45.70 -31.49
C SER C 377 8.47 45.91 -32.68
N ARG C 378 9.31 44.92 -32.96
CA ARG C 378 10.29 45.06 -34.02
C ARG C 378 10.39 43.78 -34.84
N LYS C 379 10.59 43.93 -36.14
CA LYS C 379 10.75 42.83 -37.06
C LYS C 379 12.19 42.32 -37.06
N PRO C 380 12.42 41.07 -37.50
CA PRO C 380 13.79 40.52 -37.46
C PRO C 380 14.84 41.41 -38.09
N GLN C 381 14.53 42.08 -39.20
CA GLN C 381 15.50 42.96 -39.83
C GLN C 381 15.78 44.18 -38.97
N GLU C 382 14.75 44.75 -38.36
CA GLU C 382 14.93 45.93 -37.54
C GLU C 382 15.80 45.62 -36.31
N MET C 383 15.62 44.45 -35.71
CA MET C 383 16.38 44.12 -34.51
C MET C 383 17.87 44.04 -34.80
N ILE C 384 18.24 43.47 -35.95
CA ILE C 384 19.65 43.42 -36.32
C ILE C 384 20.16 44.81 -36.66
N ASP C 385 19.32 45.61 -37.33
CA ASP C 385 19.73 46.96 -37.70
C ASP C 385 19.95 47.84 -36.47
N ILE C 386 19.00 47.83 -35.54
CA ILE C 386 19.13 48.67 -34.35
C ILE C 386 20.32 48.22 -33.50
N TRP C 387 20.50 46.90 -33.36
CA TRP C 387 21.61 46.39 -32.56
C TRP C 387 22.95 46.78 -33.18
N SER C 388 23.05 46.75 -34.50
CA SER C 388 24.29 47.13 -35.17
C SER C 388 24.61 48.60 -34.95
N GLN C 389 23.61 49.47 -35.15
CA GLN C 389 23.81 50.89 -34.88
C GLN C 389 24.08 51.16 -33.41
N LEU C 390 23.48 50.37 -32.52
CA LEU C 390 23.65 50.60 -31.09
C LEU C 390 25.07 50.34 -30.62
N GLN C 391 25.79 49.44 -31.30
CA GLN C 391 27.14 49.09 -30.87
C GLN C 391 28.09 50.28 -30.96
N SER C 392 27.83 51.21 -31.88
CA SER C 392 28.65 52.40 -32.05
C SER C 392 27.87 53.67 -31.70
N ALA C 393 26.87 53.55 -30.83
CA ALA C 393 26.02 54.69 -30.50
C ALA C 393 26.69 55.66 -29.53
N HIS C 394 27.60 55.17 -28.69
CA HIS C 394 28.26 56.04 -27.72
C HIS C 394 29.12 57.10 -28.41
N LEU C 395 29.59 56.82 -29.62
CA LEU C 395 30.34 57.80 -30.40
C LEU C 395 29.46 58.86 -31.05
N LYS C 396 28.14 58.79 -30.88
CA LYS C 396 27.23 59.74 -31.49
C LYS C 396 26.18 60.31 -30.53
N CYS C 397 26.06 59.78 -29.32
CA CYS C 397 25.09 60.28 -28.35
C CYS C 397 25.78 60.85 -27.12
N GLU D 56 -49.23 -33.18 8.57
CA GLU D 56 -50.17 -33.47 7.50
C GLU D 56 -49.53 -33.27 6.12
N ALA D 57 -48.97 -32.08 5.90
CA ALA D 57 -48.28 -31.81 4.65
C ALA D 57 -47.05 -32.70 4.54
N TYR D 58 -46.64 -32.97 3.29
CA TYR D 58 -45.60 -33.97 3.08
C TYR D 58 -44.23 -33.47 3.53
N TRP D 59 -43.82 -32.28 3.06
CA TRP D 59 -42.47 -31.82 3.35
C TRP D 59 -42.29 -31.53 4.84
N ASN D 60 -43.30 -30.95 5.48
CA ASN D 60 -43.22 -30.71 6.92
C ASN D 60 -43.15 -32.03 7.69
N ARG D 61 -43.98 -33.00 7.32
CA ARG D 61 -43.96 -34.29 7.99
C ARG D 61 -42.62 -34.98 7.83
N GLU D 62 -42.02 -34.88 6.63
CA GLU D 62 -40.73 -35.50 6.40
C GLU D 62 -39.58 -34.72 7.02
N GLN D 63 -39.72 -33.39 7.13
CA GLN D 63 -38.67 -32.60 7.76
C GLN D 63 -38.62 -32.86 9.26
N GLU D 64 -39.78 -33.02 9.90
CA GLU D 64 -39.79 -33.32 11.34
C GLU D 64 -39.18 -34.69 11.62
N LYS D 65 -39.33 -35.64 10.69
CA LYS D 65 -38.62 -36.91 10.82
C LYS D 65 -37.12 -36.69 10.80
N LEU D 66 -36.64 -35.81 9.91
CA LEU D 66 -35.21 -35.52 9.86
C LEU D 66 -34.75 -34.82 11.13
N ASN D 67 -35.58 -33.94 11.68
CA ASN D 67 -35.17 -33.20 12.87
C ASN D 67 -35.07 -34.11 14.09
N ARG D 68 -35.93 -35.14 14.18
CA ARG D 68 -35.80 -36.11 15.26
C ARG D 68 -34.54 -36.96 15.10
N GLN D 69 -34.21 -37.32 13.86
CA GLN D 69 -33.06 -38.18 13.63
C GLN D 69 -31.75 -37.48 13.94
N TYR D 70 -31.71 -36.16 13.77
CA TYR D 70 -30.48 -35.40 14.01
C TYR D 70 -30.41 -34.81 15.41
N ASN D 71 -31.40 -35.07 16.25
CA ASN D 71 -31.35 -34.63 17.64
C ASN D 71 -30.73 -35.73 18.50
N PRO D 72 -29.79 -35.39 19.39
CA PRO D 72 -29.15 -36.43 20.21
C PRO D 72 -30.14 -37.24 21.05
N ILE D 73 -31.19 -36.60 21.55
CA ILE D 73 -32.14 -37.27 22.42
C ILE D 73 -33.25 -37.93 21.61
N LEU D 74 -33.97 -37.14 20.82
CA LEU D 74 -35.15 -37.62 20.11
C LEU D 74 -34.87 -38.76 19.14
N SER D 75 -33.61 -39.00 18.79
CA SER D 75 -33.27 -40.08 17.87
C SER D 75 -33.55 -41.46 18.44
N MET D 76 -33.83 -41.57 19.74
CA MET D 76 -34.05 -42.86 20.38
C MET D 76 -35.54 -43.12 20.62
N ILE D 90 -34.52 -46.56 4.29
CA ILE D 90 -33.88 -45.92 3.15
C ILE D 90 -33.16 -44.65 3.57
N SER D 91 -32.19 -44.23 2.78
CA SER D 91 -31.48 -42.98 3.05
C SER D 91 -32.30 -41.79 2.55
N HIS D 92 -31.82 -40.60 2.92
CA HIS D 92 -32.40 -39.35 2.42
C HIS D 92 -31.38 -38.51 1.67
N LEU D 93 -30.22 -39.08 1.35
CA LEU D 93 -29.16 -38.33 0.69
C LEU D 93 -28.66 -39.06 -0.56
N ASN D 94 -28.65 -40.39 -0.53
CA ASN D 94 -28.16 -41.16 -1.68
C ASN D 94 -29.10 -42.30 -2.05
N TYR D 95 -30.39 -42.12 -1.81
CA TYR D 95 -31.42 -43.03 -2.33
C TYR D 95 -31.91 -42.45 -3.65
N CYS D 96 -31.48 -43.04 -4.76
CA CYS D 96 -31.73 -42.47 -6.07
C CYS D 96 -32.63 -43.34 -6.94
N GLU D 97 -33.43 -44.19 -6.33
CA GLU D 97 -34.53 -44.85 -7.00
C GLU D 97 -35.82 -44.09 -6.74
N PRO D 98 -36.85 -44.28 -7.57
CA PRO D 98 -38.11 -43.55 -7.35
C PRO D 98 -38.74 -43.93 -6.01
N ASP D 99 -38.88 -42.93 -5.13
CA ASP D 99 -39.58 -43.11 -3.86
C ASP D 99 -41.06 -43.27 -4.18
N LEU D 100 -41.44 -44.52 -4.47
CA LEU D 100 -42.79 -44.79 -4.96
C LEU D 100 -43.85 -44.67 -3.87
N ARG D 101 -43.45 -44.67 -2.59
CA ARG D 101 -44.44 -44.56 -1.52
C ARG D 101 -45.14 -43.21 -1.53
N VAL D 102 -44.53 -42.18 -2.12
CA VAL D 102 -45.18 -40.88 -2.19
C VAL D 102 -46.42 -40.92 -3.06
N THR D 103 -46.56 -41.91 -3.93
CA THR D 103 -47.75 -42.00 -4.76
C THR D 103 -49.00 -42.31 -3.95
N SER D 104 -48.86 -42.89 -2.76
CA SER D 104 -50.00 -43.21 -1.90
C SER D 104 -50.13 -42.30 -0.69
N VAL D 105 -49.01 -41.83 -0.12
CA VAL D 105 -49.07 -40.99 1.07
C VAL D 105 -49.27 -39.52 0.75
N VAL D 106 -49.14 -39.12 -0.52
CA VAL D 106 -49.41 -37.76 -0.95
C VAL D 106 -50.75 -37.77 -1.66
N THR D 107 -51.78 -37.24 -1.01
CA THR D 107 -53.13 -37.29 -1.55
C THR D 107 -53.23 -36.39 -2.79
N GLY D 108 -53.68 -36.98 -3.90
CA GLY D 108 -53.78 -36.25 -5.15
C GLY D 108 -52.52 -36.26 -5.97
N PHE D 109 -51.67 -37.27 -5.82
CA PHE D 109 -50.37 -37.27 -6.47
C PHE D 109 -50.50 -37.25 -8.00
N ASN D 110 -51.44 -38.04 -8.54
CA ASN D 110 -51.53 -38.17 -9.99
C ASN D 110 -51.90 -36.85 -10.67
N ASN D 111 -52.58 -35.96 -9.96
CA ASN D 111 -53.03 -34.70 -10.53
C ASN D 111 -52.10 -33.53 -10.18
N LEU D 112 -50.91 -33.80 -9.66
CA LEU D 112 -49.93 -32.75 -9.49
C LEU D 112 -49.16 -32.52 -10.78
N PRO D 113 -48.69 -31.30 -11.03
CA PRO D 113 -47.85 -31.05 -12.20
C PRO D 113 -46.61 -31.94 -12.18
N ASP D 114 -46.04 -32.14 -13.38
CA ASP D 114 -44.95 -33.09 -13.53
C ASP D 114 -43.72 -32.69 -12.73
N ARG D 115 -43.50 -31.39 -12.51
CA ARG D 115 -42.35 -30.97 -11.72
C ARG D 115 -42.48 -31.38 -10.27
N PHE D 116 -43.70 -31.46 -9.74
CA PHE D 116 -43.89 -31.94 -8.38
C PHE D 116 -43.73 -33.44 -8.27
N LYS D 117 -44.15 -34.17 -9.31
CA LYS D 117 -44.00 -35.63 -9.30
C LYS D 117 -42.52 -36.01 -9.29
N ASP D 118 -41.72 -35.39 -10.14
CA ASP D 118 -40.30 -35.70 -10.16
C ASP D 118 -39.59 -35.21 -8.90
N PHE D 119 -40.05 -34.10 -8.31
CA PHE D 119 -39.43 -33.63 -7.08
C PHE D 119 -39.73 -34.57 -5.92
N LEU D 120 -40.97 -35.04 -5.82
CA LEU D 120 -41.33 -35.94 -4.72
C LEU D 120 -40.71 -37.32 -4.89
N LEU D 121 -40.45 -37.74 -6.13
CA LEU D 121 -39.99 -39.10 -6.38
C LEU D 121 -38.49 -39.26 -6.16
N TYR D 122 -37.71 -38.20 -6.35
CA TYR D 122 -36.26 -38.26 -6.21
C TYR D 122 -35.74 -37.25 -5.20
N LEU D 123 -36.58 -36.90 -4.21
CA LEU D 123 -36.18 -35.95 -3.18
C LEU D 123 -34.96 -36.45 -2.39
N ARG D 124 -34.84 -37.75 -2.21
CA ARG D 124 -33.82 -38.34 -1.35
C ARG D 124 -32.53 -38.67 -2.09
N CYS D 125 -32.28 -38.03 -3.23
CA CYS D 125 -31.06 -38.26 -4.00
C CYS D 125 -30.32 -36.94 -4.16
N ARG D 126 -29.01 -36.96 -3.87
CA ARG D 126 -28.20 -35.76 -4.09
C ARG D 126 -26.71 -36.06 -4.24
N ASN D 127 -26.31 -37.31 -4.52
CA ASN D 127 -24.91 -37.62 -4.77
C ASN D 127 -24.64 -37.66 -6.27
N TYR D 128 -24.67 -36.46 -6.86
CA TYR D 128 -24.38 -36.26 -8.27
C TYR D 128 -22.95 -35.76 -8.44
N SER D 129 -22.33 -36.14 -9.55
CA SER D 129 -20.91 -35.91 -9.76
C SER D 129 -20.67 -34.59 -10.49
N LEU D 130 -19.40 -34.24 -10.63
CA LEU D 130 -18.98 -33.05 -11.36
C LEU D 130 -18.53 -33.47 -12.75
N LEU D 131 -19.33 -33.14 -13.76
CA LEU D 131 -18.98 -33.50 -15.13
C LEU D 131 -17.90 -32.60 -15.69
N ILE D 132 -17.97 -31.30 -15.40
CA ILE D 132 -16.93 -30.35 -15.79
C ILE D 132 -16.52 -29.58 -14.54
N ASP D 133 -15.22 -29.56 -14.27
CA ASP D 133 -14.69 -28.94 -13.07
C ASP D 133 -13.49 -28.07 -13.40
N GLN D 134 -13.38 -26.95 -12.70
CA GLN D 134 -12.17 -26.13 -12.70
C GLN D 134 -11.48 -26.34 -11.37
N PRO D 135 -10.67 -27.39 -11.24
CA PRO D 135 -10.20 -27.81 -9.89
C PRO D 135 -9.35 -26.77 -9.18
N ASP D 136 -8.45 -26.09 -9.90
CA ASP D 136 -7.59 -25.08 -9.32
C ASP D 136 -8.07 -23.67 -9.58
N LYS D 137 -9.39 -23.49 -9.73
CA LYS D 137 -9.95 -22.15 -9.88
C LYS D 137 -9.63 -21.29 -8.67
N CYS D 138 -9.51 -21.89 -7.49
CA CYS D 138 -9.22 -21.16 -6.26
C CYS D 138 -7.83 -21.48 -5.72
N ALA D 139 -6.92 -21.93 -6.57
CA ALA D 139 -5.54 -22.18 -6.13
C ALA D 139 -4.91 -20.93 -5.56
N LYS D 140 -5.30 -19.76 -6.06
CA LYS D 140 -4.97 -18.48 -5.44
C LYS D 140 -6.15 -18.08 -4.57
N LYS D 141 -5.88 -17.87 -3.28
CA LYS D 141 -6.93 -17.59 -2.30
C LYS D 141 -7.76 -16.39 -2.72
N PRO D 142 -9.04 -16.60 -3.04
CA PRO D 142 -9.86 -15.51 -3.56
C PRO D 142 -10.45 -14.66 -2.45
N PHE D 143 -10.57 -13.36 -2.73
CA PHE D 143 -11.33 -12.48 -1.86
C PHE D 143 -12.83 -12.64 -2.10
N LEU D 144 -13.22 -12.84 -3.36
CA LEU D 144 -14.61 -12.93 -3.74
C LEU D 144 -14.79 -14.03 -4.77
N LEU D 145 -15.71 -14.96 -4.49
CA LEU D 145 -16.09 -16.00 -5.43
C LEU D 145 -17.43 -15.62 -6.07
N LEU D 146 -17.41 -15.38 -7.37
CA LEU D 146 -18.62 -15.05 -8.12
C LEU D 146 -19.22 -16.35 -8.65
N ALA D 147 -20.36 -16.73 -8.10
CA ALA D 147 -21.08 -17.94 -8.51
C ALA D 147 -22.37 -17.54 -9.19
N ILE D 148 -22.48 -17.85 -10.48
CA ILE D 148 -23.61 -17.43 -11.29
C ILE D 148 -24.37 -18.66 -11.77
N LYS D 149 -25.67 -18.71 -11.48
CA LYS D 149 -26.52 -19.78 -11.97
C LYS D 149 -26.90 -19.53 -13.42
N SER D 150 -26.67 -20.52 -14.28
CA SER D 150 -26.91 -20.34 -15.70
C SER D 150 -27.33 -21.66 -16.32
N LEU D 151 -28.04 -21.57 -17.44
CA LEU D 151 -28.43 -22.72 -18.23
C LEU D 151 -27.55 -22.79 -19.47
N THR D 152 -27.34 -24.01 -19.97
CA THR D 152 -26.37 -24.23 -21.03
C THR D 152 -26.57 -23.36 -22.28
N PRO D 153 -27.78 -23.08 -22.76
CA PRO D 153 -27.89 -22.24 -23.97
C PRO D 153 -27.64 -20.76 -23.72
N HIS D 154 -27.36 -20.35 -22.48
CA HIS D 154 -27.16 -18.93 -22.17
C HIS D 154 -25.71 -18.51 -22.41
N PHE D 155 -25.27 -18.65 -23.66
CA PHE D 155 -23.92 -18.25 -24.01
C PHE D 155 -23.76 -16.74 -24.00
N ALA D 156 -24.78 -16.02 -24.51
CA ALA D 156 -24.71 -14.56 -24.53
C ALA D 156 -24.70 -13.99 -23.12
N ARG D 157 -25.53 -14.55 -22.24
CA ARG D 157 -25.58 -14.06 -20.86
C ARG D 157 -24.23 -14.22 -20.17
N ARG D 158 -23.61 -15.40 -20.34
CA ARG D 158 -22.37 -15.68 -19.62
C ARG D 158 -21.22 -14.84 -20.15
N GLN D 159 -21.11 -14.68 -21.47
CA GLN D 159 -20.03 -13.88 -22.02
C GLN D 159 -20.20 -12.40 -21.70
N ALA D 160 -21.44 -11.92 -21.66
CA ALA D 160 -21.67 -10.52 -21.26
C ALA D 160 -21.21 -10.28 -19.84
N ILE D 161 -21.49 -11.23 -18.93
CA ILE D 161 -20.97 -11.12 -17.57
C ILE D 161 -19.46 -11.21 -17.57
N ARG D 162 -18.88 -12.10 -18.38
CA ARG D 162 -17.43 -12.24 -18.43
C ARG D 162 -16.76 -10.92 -18.79
N GLU D 163 -17.34 -10.18 -19.74
CA GLU D 163 -16.76 -8.92 -20.20
C GLU D 163 -17.15 -7.74 -19.33
N SER D 164 -18.24 -7.83 -18.58
CA SER D 164 -18.69 -6.71 -17.75
C SER D 164 -18.36 -6.94 -16.28
N TRP D 165 -19.40 -7.08 -15.44
CA TRP D 165 -19.22 -7.08 -14.00
C TRP D 165 -18.68 -8.40 -13.45
N GLY D 166 -18.44 -9.39 -14.29
CA GLY D 166 -17.91 -10.65 -13.81
C GLY D 166 -16.46 -10.86 -14.18
N GLN D 167 -15.72 -9.76 -14.34
CA GLN D 167 -14.33 -9.84 -14.74
C GLN D 167 -13.48 -10.38 -13.61
N GLU D 168 -12.71 -11.44 -13.90
CA GLU D 168 -11.79 -12.01 -12.93
C GLU D 168 -10.59 -11.08 -12.76
N SER D 169 -10.49 -10.44 -11.60
CA SER D 169 -9.41 -9.49 -11.35
C SER D 169 -8.38 -10.06 -10.39
N GLN D 174 -6.77 -8.87 -3.15
CA GLN D 174 -8.19 -8.83 -3.44
C GLN D 174 -8.49 -9.46 -4.80
N THR D 175 -8.14 -10.73 -4.95
CA THR D 175 -8.31 -11.44 -6.20
C THR D 175 -9.72 -12.01 -6.29
N VAL D 176 -10.34 -11.86 -7.47
CA VAL D 176 -11.72 -12.27 -7.71
C VAL D 176 -11.73 -13.42 -8.70
N VAL D 177 -12.50 -14.45 -8.39
CA VAL D 177 -12.69 -15.60 -9.29
C VAL D 177 -14.17 -15.70 -9.64
N ARG D 178 -14.44 -16.38 -10.74
CA ARG D 178 -15.80 -16.47 -11.29
C ARG D 178 -16.08 -17.90 -11.72
N VAL D 179 -17.27 -18.39 -11.38
CA VAL D 179 -17.74 -19.71 -11.80
C VAL D 179 -19.21 -19.60 -12.20
N PHE D 180 -19.57 -20.29 -13.27
CA PHE D 180 -20.96 -20.43 -13.69
C PHE D 180 -21.47 -21.81 -13.28
N LEU D 181 -22.67 -21.86 -12.73
CA LEU D 181 -23.24 -23.09 -12.19
C LEU D 181 -24.29 -23.63 -13.14
N LEU D 182 -24.07 -24.84 -13.63
CA LEU D 182 -24.93 -25.45 -14.63
C LEU D 182 -25.28 -26.88 -14.24
N GLY D 183 -26.51 -27.28 -14.55
CA GLY D 183 -26.89 -28.67 -14.62
C GLY D 183 -26.88 -29.17 -16.05
N GLN D 184 -27.64 -30.23 -16.30
CA GLN D 184 -27.72 -30.80 -17.62
C GLN D 184 -29.08 -30.51 -18.25
N THR D 185 -29.07 -30.14 -19.53
CA THR D 185 -30.25 -30.00 -20.36
C THR D 185 -30.29 -31.19 -21.30
N PRO D 186 -30.83 -32.33 -20.89
CA PRO D 186 -30.64 -33.57 -21.64
C PRO D 186 -31.54 -33.63 -22.86
N PRO D 187 -31.18 -34.46 -23.85
CA PRO D 187 -32.05 -34.60 -25.02
C PRO D 187 -33.41 -35.19 -24.71
N GLU D 188 -33.52 -36.01 -23.65
CA GLU D 188 -34.79 -36.66 -23.33
C GLU D 188 -35.87 -35.65 -22.95
N ASP D 189 -35.49 -34.44 -22.53
CA ASP D 189 -36.44 -33.35 -22.34
C ASP D 189 -36.54 -32.45 -23.56
N ASN D 190 -36.13 -32.94 -24.73
CA ASN D 190 -36.21 -32.22 -26.00
C ASN D 190 -35.31 -31.00 -26.02
N HIS D 191 -34.14 -31.08 -25.38
CA HIS D 191 -33.18 -29.99 -25.42
C HIS D 191 -32.21 -30.18 -26.58
N PRO D 192 -31.88 -29.10 -27.31
CA PRO D 192 -30.85 -29.21 -28.35
C PRO D 192 -29.49 -29.53 -27.74
N ASP D 193 -28.78 -30.45 -28.38
CA ASP D 193 -27.46 -30.86 -27.90
C ASP D 193 -26.46 -29.73 -28.08
N LEU D 194 -26.02 -29.14 -26.97
CA LEU D 194 -25.02 -28.08 -27.00
C LEU D 194 -23.76 -28.48 -26.24
N SER D 195 -23.52 -29.79 -26.09
CA SER D 195 -22.40 -30.26 -25.28
C SER D 195 -21.06 -29.85 -25.88
N ASP D 196 -20.91 -30.01 -27.21
CA ASP D 196 -19.67 -29.61 -27.86
C ASP D 196 -19.39 -28.13 -27.64
N MET D 197 -20.44 -27.29 -27.73
CA MET D 197 -20.27 -25.86 -27.51
C MET D 197 -19.90 -25.57 -26.07
N LEU D 198 -20.52 -26.27 -25.11
CA LEU D 198 -20.22 -26.03 -23.70
C LEU D 198 -18.78 -26.41 -23.38
N LYS D 199 -18.30 -27.54 -23.93
CA LYS D 199 -16.92 -27.94 -23.68
C LYS D 199 -15.94 -26.93 -24.28
N PHE D 200 -16.26 -26.38 -25.45
CA PHE D 200 -15.43 -25.33 -26.04
C PHE D 200 -15.41 -24.09 -25.16
N GLU D 201 -16.58 -23.67 -24.68
CA GLU D 201 -16.65 -22.51 -23.80
C GLU D 201 -15.91 -22.76 -22.49
N SER D 202 -16.03 -23.97 -21.95
CA SER D 202 -15.35 -24.29 -20.70
C SER D 202 -13.84 -24.37 -20.88
N GLU D 203 -13.39 -24.93 -22.01
CA GLU D 203 -11.97 -25.03 -22.27
C GLU D 203 -11.32 -23.69 -22.55
N LYS D 204 -12.10 -22.68 -22.92
CA LYS D 204 -11.57 -21.38 -23.31
C LYS D 204 -11.62 -20.35 -22.20
N HIS D 205 -12.60 -20.45 -21.29
CA HIS D 205 -12.72 -19.52 -20.18
C HIS D 205 -12.47 -20.15 -18.82
N GLN D 206 -12.51 -21.48 -18.72
CA GLN D 206 -12.18 -22.20 -17.50
C GLN D 206 -13.04 -21.74 -16.32
N ASP D 207 -14.35 -21.57 -16.55
CA ASP D 207 -15.22 -21.06 -15.51
C ASP D 207 -16.59 -21.73 -15.55
N ILE D 208 -16.67 -22.97 -16.03
CA ILE D 208 -17.91 -23.71 -16.12
C ILE D 208 -17.86 -24.88 -15.14
N LEU D 209 -18.84 -24.92 -14.23
CA LEU D 209 -19.06 -26.06 -13.36
C LEU D 209 -20.40 -26.68 -13.72
N MET D 210 -20.39 -27.97 -14.05
CA MET D 210 -21.60 -28.67 -14.47
C MET D 210 -21.70 -30.01 -13.78
N TRP D 211 -22.86 -30.30 -13.20
CA TRP D 211 -23.14 -31.54 -12.51
C TRP D 211 -24.12 -32.38 -13.32
N ASN D 212 -24.14 -33.69 -13.05
CA ASN D 212 -24.92 -34.64 -13.84
C ASN D 212 -26.30 -34.84 -13.22
N TYR D 213 -27.09 -33.78 -13.27
CA TYR D 213 -28.48 -33.81 -12.83
C TYR D 213 -29.29 -32.90 -13.75
N ARG D 214 -30.60 -33.13 -13.78
CA ARG D 214 -31.48 -32.35 -14.63
C ARG D 214 -31.61 -30.93 -14.09
N ASP D 215 -31.17 -29.95 -14.88
CA ASP D 215 -31.21 -28.54 -14.49
C ASP D 215 -32.64 -28.03 -14.64
N THR D 216 -33.41 -28.19 -13.57
CA THR D 216 -34.82 -27.84 -13.55
C THR D 216 -35.05 -26.78 -12.48
N PHE D 217 -36.09 -25.95 -12.69
CA PHE D 217 -36.47 -24.97 -11.68
C PHE D 217 -36.57 -25.59 -10.29
N PHE D 218 -37.34 -26.68 -10.17
CA PHE D 218 -37.50 -27.34 -8.88
C PHE D 218 -36.25 -28.08 -8.42
N ASN D 219 -35.18 -28.09 -9.22
CA ASN D 219 -33.91 -28.66 -8.82
C ASN D 219 -32.88 -27.60 -8.47
N LEU D 220 -33.30 -26.35 -8.32
CA LEU D 220 -32.35 -25.27 -8.05
C LEU D 220 -31.78 -25.37 -6.64
N SER D 221 -32.58 -25.80 -5.66
CA SER D 221 -32.02 -26.03 -4.33
C SER D 221 -30.96 -27.12 -4.38
N LEU D 222 -31.13 -28.11 -5.26
CA LEU D 222 -30.08 -29.09 -5.48
C LEU D 222 -28.87 -28.45 -6.13
N LYS D 223 -29.08 -27.42 -6.97
CA LYS D 223 -27.95 -26.66 -7.50
C LYS D 223 -27.22 -25.94 -6.38
N GLU D 224 -27.96 -25.35 -5.43
CA GLU D 224 -27.35 -24.71 -4.27
C GLU D 224 -26.47 -25.67 -3.50
N VAL D 225 -26.97 -26.88 -3.26
CA VAL D 225 -26.28 -27.83 -2.39
C VAL D 225 -24.99 -28.30 -3.03
N LEU D 226 -25.04 -28.66 -4.31
CA LEU D 226 -23.86 -29.18 -4.98
C LEU D 226 -22.79 -28.11 -5.14
N PHE D 227 -23.18 -26.85 -5.26
CA PHE D 227 -22.19 -25.78 -5.31
C PHE D 227 -21.57 -25.55 -3.93
N LEU D 228 -22.38 -25.60 -2.88
CA LEU D 228 -21.85 -25.48 -1.53
C LEU D 228 -20.90 -26.62 -1.21
N ARG D 229 -21.20 -27.83 -1.71
CA ARG D 229 -20.24 -28.92 -1.62
C ARG D 229 -18.94 -28.57 -2.32
N TRP D 230 -19.03 -28.07 -3.56
CA TRP D 230 -17.83 -27.75 -4.33
C TRP D 230 -16.98 -26.70 -3.63
N VAL D 231 -17.61 -25.72 -2.99
CA VAL D 231 -16.86 -24.72 -2.25
C VAL D 231 -16.09 -25.37 -1.11
N SER D 232 -16.77 -26.25 -0.36
CA SER D 232 -16.14 -26.85 0.81
C SER D 232 -14.95 -27.73 0.44
N THR D 233 -14.93 -28.28 -0.78
CA THR D 233 -13.87 -29.19 -1.18
C THR D 233 -12.88 -28.59 -2.16
N SER D 234 -13.30 -27.68 -3.03
CA SER D 234 -12.42 -27.14 -4.07
C SER D 234 -12.11 -25.67 -3.91
N CYS D 235 -12.77 -24.97 -2.98
CA CYS D 235 -12.52 -23.56 -2.77
C CYS D 235 -12.88 -23.14 -1.34
N PRO D 236 -12.33 -23.79 -0.32
CA PRO D 236 -12.78 -23.49 1.05
C PRO D 236 -12.19 -22.20 1.60
N ASP D 237 -11.14 -21.66 0.97
CA ASP D 237 -10.42 -20.51 1.50
C ASP D 237 -11.03 -19.17 1.09
N THR D 238 -12.02 -19.16 0.21
CA THR D 238 -12.55 -17.90 -0.29
C THR D 238 -13.11 -17.05 0.84
N GLU D 239 -12.82 -15.75 0.78
CA GLU D 239 -13.22 -14.85 1.87
C GLU D 239 -14.71 -14.58 1.83
N PHE D 240 -15.25 -14.24 0.65
CA PHE D 240 -16.66 -13.97 0.50
C PHE D 240 -17.16 -14.63 -0.77
N VAL D 241 -18.47 -14.88 -0.82
CA VAL D 241 -19.10 -15.56 -1.94
C VAL D 241 -20.32 -14.76 -2.36
N PHE D 242 -20.44 -14.53 -3.66
CA PHE D 242 -21.67 -14.00 -4.25
C PHE D 242 -22.32 -15.08 -5.11
N LYS D 243 -23.63 -15.21 -5.00
CA LYS D 243 -24.37 -16.17 -5.80
C LYS D 243 -25.57 -15.48 -6.40
N GLY D 244 -25.66 -15.50 -7.73
CA GLY D 244 -26.71 -14.77 -8.42
C GLY D 244 -27.09 -15.38 -9.75
N ASP D 245 -28.16 -14.84 -10.32
CA ASP D 245 -28.66 -15.25 -11.63
C ASP D 245 -27.79 -14.67 -12.74
N ASP D 246 -27.87 -15.29 -13.92
CA ASP D 246 -27.10 -14.82 -15.08
C ASP D 246 -27.81 -13.71 -15.84
N ASP D 247 -28.92 -13.21 -15.32
CA ASP D 247 -29.64 -12.10 -15.95
C ASP D 247 -29.75 -10.88 -15.04
N VAL D 248 -29.02 -10.85 -13.92
CA VAL D 248 -29.00 -9.71 -13.02
C VAL D 248 -27.70 -8.93 -13.24
N PHE D 249 -27.78 -7.62 -13.12
CA PHE D 249 -26.59 -6.78 -13.15
C PHE D 249 -26.12 -6.51 -11.73
N VAL D 250 -24.86 -6.79 -11.46
CA VAL D 250 -24.27 -6.63 -10.14
C VAL D 250 -23.18 -5.56 -10.22
N ASN D 251 -23.25 -4.57 -9.33
CA ASN D 251 -22.22 -3.55 -9.24
C ASN D 251 -21.07 -4.12 -8.43
N THR D 252 -20.13 -4.79 -9.12
CA THR D 252 -18.98 -5.37 -8.44
C THR D 252 -18.19 -4.32 -7.68
N HIS D 253 -18.13 -3.10 -8.21
CA HIS D 253 -17.40 -2.03 -7.52
C HIS D 253 -18.08 -1.67 -6.20
N HIS D 254 -19.39 -1.46 -6.23
CA HIS D 254 -20.11 -1.04 -5.02
C HIS D 254 -20.04 -2.11 -3.94
N ILE D 255 -20.32 -3.37 -4.31
CA ILE D 255 -20.36 -4.43 -3.32
C ILE D 255 -18.99 -4.63 -2.68
N LEU D 256 -17.92 -4.39 -3.44
CA LEU D 256 -16.59 -4.50 -2.86
C LEU D 256 -16.32 -3.39 -1.86
N ASN D 257 -16.93 -2.21 -2.07
CA ASN D 257 -16.82 -1.14 -1.09
C ASN D 257 -17.57 -1.51 0.19
N TYR D 258 -18.71 -2.18 0.07
CA TYR D 258 -19.42 -2.66 1.26
C TYR D 258 -18.59 -3.69 2.01
N LEU D 259 -17.91 -4.56 1.27
CA LEU D 259 -17.16 -5.65 1.90
C LEU D 259 -15.95 -5.13 2.66
N ASN D 260 -15.27 -4.12 2.13
CA ASN D 260 -14.16 -3.50 2.83
C ASN D 260 -14.60 -2.54 3.93
N SER D 261 -15.90 -2.23 3.99
CA SER D 261 -16.47 -1.41 5.06
C SER D 261 -17.05 -2.24 6.19
N LEU D 262 -16.51 -3.43 6.42
CA LEU D 262 -17.05 -4.37 7.40
C LEU D 262 -16.01 -4.69 8.45
N SER D 263 -16.45 -4.73 9.71
CA SER D 263 -15.62 -5.31 10.76
C SER D 263 -15.53 -6.82 10.58
N LYS D 264 -14.46 -7.40 11.13
CA LYS D 264 -14.25 -8.84 11.00
C LYS D 264 -15.46 -9.61 11.53
N THR D 265 -15.95 -9.24 12.72
CA THR D 265 -17.10 -9.94 13.31
C THR D 265 -18.27 -9.98 12.34
N LYS D 266 -18.65 -8.82 11.79
CA LYS D 266 -19.72 -8.79 10.81
C LYS D 266 -19.32 -9.50 9.51
N ALA D 267 -18.04 -9.45 9.16
CA ALA D 267 -17.56 -10.14 7.96
C ALA D 267 -17.53 -11.65 8.12
N LYS D 268 -17.72 -12.17 9.34
CA LYS D 268 -17.70 -13.60 9.57
C LYS D 268 -19.08 -14.24 9.43
N ASP D 269 -20.14 -13.51 9.79
CA ASP D 269 -21.50 -14.02 9.71
C ASP D 269 -22.34 -13.18 8.74
N LEU D 270 -21.71 -12.69 7.67
CA LEU D 270 -22.41 -11.85 6.71
C LEU D 270 -23.37 -12.68 5.86
N PHE D 271 -24.59 -12.17 5.69
CA PHE D 271 -25.55 -12.76 4.74
C PHE D 271 -26.57 -11.67 4.45
N ILE D 272 -26.40 -10.99 3.31
CA ILE D 272 -27.25 -9.85 2.95
C ILE D 272 -27.91 -10.11 1.61
N GLY D 273 -28.98 -9.36 1.36
CA GLY D 273 -29.79 -9.53 0.18
C GLY D 273 -31.17 -8.97 0.44
N ASP D 274 -32.07 -9.24 -0.50
CA ASP D 274 -33.46 -8.81 -0.36
C ASP D 274 -34.19 -9.86 0.47
N VAL D 275 -34.24 -9.63 1.78
CA VAL D 275 -34.79 -10.59 2.73
C VAL D 275 -36.27 -10.32 2.92
N ILE D 276 -37.09 -11.36 2.83
CA ILE D 276 -38.53 -11.27 3.04
C ILE D 276 -38.88 -12.03 4.30
N HIS D 277 -39.72 -11.44 5.15
CA HIS D 277 -40.18 -12.05 6.38
C HIS D 277 -41.67 -12.39 6.26
N ASN D 278 -42.06 -13.47 6.92
CA ASN D 278 -43.46 -13.91 7.00
C ASN D 278 -44.07 -14.13 5.62
N ALA D 279 -43.25 -14.56 4.66
CA ALA D 279 -43.77 -14.95 3.36
C ALA D 279 -44.33 -16.37 3.42
N GLY D 280 -45.28 -16.64 2.55
CA GLY D 280 -45.89 -17.95 2.49
C GLY D 280 -45.91 -18.51 1.08
N PRO D 281 -46.21 -19.79 0.95
CA PRO D 281 -46.31 -20.39 -0.38
C PRO D 281 -47.52 -19.85 -1.13
N HIS D 282 -47.30 -19.53 -2.40
CA HIS D 282 -48.41 -19.13 -3.26
C HIS D 282 -49.25 -20.37 -3.57
N ARG D 283 -50.57 -20.25 -3.42
CA ARG D 283 -51.47 -21.37 -3.57
C ARG D 283 -52.29 -21.32 -4.85
N ASP D 284 -52.11 -20.29 -5.67
CA ASP D 284 -52.79 -20.23 -6.97
C ASP D 284 -52.06 -21.16 -7.94
N LYS D 285 -52.80 -22.10 -8.52
CA LYS D 285 -52.18 -23.21 -9.25
C LYS D 285 -51.43 -22.77 -10.50
N LYS D 286 -51.70 -21.57 -11.03
CA LYS D 286 -51.11 -21.14 -12.29
C LYS D 286 -50.03 -20.08 -12.10
N LEU D 287 -49.50 -19.92 -10.90
CA LEU D 287 -48.35 -19.06 -10.68
C LEU D 287 -47.06 -19.88 -10.65
N LYS D 288 -45.94 -19.18 -10.81
CA LYS D 288 -44.65 -19.84 -10.91
C LYS D 288 -44.24 -20.47 -9.57
N TYR D 289 -44.44 -19.76 -8.46
CA TYR D 289 -44.09 -20.25 -7.14
C TYR D 289 -45.25 -20.97 -6.46
N TYR D 290 -46.11 -21.61 -7.24
CA TYR D 290 -47.24 -22.35 -6.67
C TYR D 290 -46.74 -23.56 -5.90
N ILE D 291 -47.18 -23.68 -4.64
CA ILE D 291 -46.88 -24.84 -3.81
C ILE D 291 -48.20 -25.28 -3.17
N PRO D 292 -48.68 -26.49 -3.42
CA PRO D 292 -49.96 -26.91 -2.85
C PRO D 292 -49.85 -27.21 -1.37
N GLU D 293 -51.02 -27.31 -0.73
CA GLU D 293 -51.08 -27.50 0.71
C GLU D 293 -50.62 -28.90 1.11
N VAL D 294 -50.81 -29.90 0.24
CA VAL D 294 -50.37 -31.25 0.55
C VAL D 294 -48.86 -31.39 0.56
N VAL D 295 -48.13 -30.35 0.20
CA VAL D 295 -46.67 -30.36 0.14
C VAL D 295 -46.06 -29.59 1.30
N TYR D 296 -46.49 -28.35 1.51
CA TYR D 296 -45.91 -27.51 2.56
C TYR D 296 -47.02 -26.75 3.26
N SER D 297 -47.02 -26.80 4.59
CA SER D 297 -47.97 -26.08 5.42
C SER D 297 -47.25 -24.98 6.19
N GLY D 298 -47.92 -23.84 6.35
CA GLY D 298 -47.38 -22.76 7.12
C GLY D 298 -46.61 -21.74 6.29
N LEU D 299 -45.95 -20.84 7.00
CA LEU D 299 -45.21 -19.75 6.38
C LEU D 299 -43.75 -20.16 6.15
N TYR D 300 -43.05 -19.33 5.34
CA TYR D 300 -41.63 -19.49 5.07
C TYR D 300 -40.81 -18.78 6.13
N PRO D 301 -39.59 -19.24 6.38
CA PRO D 301 -38.67 -18.49 7.24
C PRO D 301 -38.15 -17.26 6.52
N PRO D 302 -37.50 -16.34 7.22
CA PRO D 302 -36.79 -15.25 6.53
C PRO D 302 -35.82 -15.80 5.50
N TYR D 303 -35.91 -15.27 4.28
CA TYR D 303 -35.04 -15.72 3.21
C TYR D 303 -34.79 -14.58 2.24
N ALA D 304 -33.61 -14.59 1.62
CA ALA D 304 -33.21 -13.58 0.65
C ALA D 304 -33.27 -14.19 -0.74
N GLY D 305 -34.13 -13.65 -1.58
CA GLY D 305 -34.28 -14.12 -2.95
C GLY D 305 -34.42 -12.97 -3.92
N GLY D 306 -34.61 -13.32 -5.19
CA GLY D 306 -34.90 -12.37 -6.22
C GLY D 306 -33.76 -12.00 -7.14
N GLY D 307 -32.66 -12.75 -7.12
CA GLY D 307 -31.59 -12.45 -8.06
C GLY D 307 -30.19 -12.78 -7.57
N GLY D 308 -29.92 -12.55 -6.29
CA GLY D 308 -28.60 -12.81 -5.76
C GLY D 308 -28.50 -12.37 -4.32
N PHE D 309 -27.50 -12.92 -3.63
CA PHE D 309 -27.18 -12.55 -2.27
C PHE D 309 -25.68 -12.74 -2.02
N LEU D 310 -25.20 -12.10 -0.96
CA LEU D 310 -23.78 -12.04 -0.64
C LEU D 310 -23.57 -12.51 0.79
N TYR D 311 -22.65 -13.45 0.98
CA TYR D 311 -22.39 -14.02 2.29
C TYR D 311 -20.93 -14.40 2.42
N SER D 312 -20.53 -14.72 3.65
CA SER D 312 -19.13 -15.00 3.97
C SER D 312 -18.77 -16.43 3.61
N GLY D 313 -17.48 -16.63 3.31
CA GLY D 313 -16.98 -17.98 3.06
C GLY D 313 -17.06 -18.88 4.27
N HIS D 314 -16.87 -18.31 5.47
CA HIS D 314 -17.06 -19.08 6.69
C HIS D 314 -18.51 -19.56 6.81
N LEU D 315 -19.46 -18.67 6.51
CA LEU D 315 -20.87 -19.04 6.55
C LEU D 315 -21.19 -20.12 5.52
N ALA D 316 -20.42 -20.18 4.43
CA ALA D 316 -20.69 -21.16 3.38
C ALA D 316 -20.47 -22.58 3.90
N LEU D 317 -19.37 -22.82 4.61
CA LEU D 317 -19.12 -24.15 5.14
C LEU D 317 -20.12 -24.49 6.24
N ARG D 318 -20.47 -23.51 7.08
CA ARG D 318 -21.55 -23.73 8.04
C ARG D 318 -22.84 -24.09 7.34
N LEU D 319 -23.07 -23.55 6.14
CA LEU D 319 -24.26 -23.88 5.38
C LEU D 319 -24.18 -25.29 4.81
N TYR D 320 -23.04 -25.65 4.22
CA TYR D 320 -22.93 -26.97 3.60
C TYR D 320 -23.08 -28.09 4.62
N HIS D 321 -22.44 -27.95 5.79
CA HIS D 321 -22.43 -29.03 6.76
C HIS D 321 -23.84 -29.39 7.21
N ILE D 322 -24.76 -28.43 7.22
CA ILE D 322 -26.11 -28.66 7.73
C ILE D 322 -27.13 -28.89 6.63
N THR D 323 -26.74 -28.81 5.34
CA THR D 323 -27.69 -29.15 4.28
C THR D 323 -28.14 -30.60 4.41
N ASP D 324 -27.31 -31.45 5.04
CA ASP D 324 -27.72 -32.82 5.30
C ASP D 324 -28.97 -32.89 6.17
N GLN D 325 -29.20 -31.88 7.00
CA GLN D 325 -30.30 -31.90 7.95
C GLN D 325 -31.58 -31.27 7.41
N VAL D 326 -31.56 -30.73 6.20
CA VAL D 326 -32.72 -30.08 5.61
C VAL D 326 -33.06 -30.77 4.30
N HIS D 327 -34.31 -31.22 4.17
CA HIS D 327 -34.78 -31.78 2.91
C HIS D 327 -34.80 -30.69 1.84
N LEU D 328 -34.42 -31.07 0.62
CA LEU D 328 -34.48 -30.14 -0.50
C LEU D 328 -35.89 -29.59 -0.64
N TYR D 329 -35.99 -28.31 -1.00
CA TYR D 329 -37.26 -27.65 -1.24
C TYR D 329 -37.32 -27.17 -2.69
N PRO D 330 -38.50 -27.17 -3.31
CA PRO D 330 -38.56 -26.75 -4.73
C PRO D 330 -38.08 -25.33 -4.97
N ILE D 331 -38.26 -24.43 -4.00
CA ILE D 331 -37.86 -23.03 -4.14
C ILE D 331 -36.47 -22.90 -3.50
N ASP D 332 -35.45 -22.63 -4.33
CA ASP D 332 -34.07 -22.71 -3.85
C ASP D 332 -33.77 -21.65 -2.80
N ASP D 333 -34.26 -20.42 -3.01
CA ASP D 333 -33.97 -19.35 -2.07
C ASP D 333 -34.65 -19.58 -0.73
N VAL D 334 -35.83 -20.21 -0.73
CA VAL D 334 -36.47 -20.59 0.52
C VAL D 334 -35.65 -21.67 1.23
N TYR D 335 -35.05 -22.58 0.46
CA TYR D 335 -34.26 -23.65 1.07
C TYR D 335 -33.05 -23.08 1.82
N THR D 336 -32.35 -22.10 1.22
CA THR D 336 -31.24 -21.47 1.91
C THR D 336 -31.71 -20.79 3.21
N GLY D 337 -32.92 -20.24 3.21
CA GLY D 337 -33.46 -19.65 4.42
C GLY D 337 -33.68 -20.68 5.52
N MET D 338 -34.22 -21.84 5.16
CA MET D 338 -34.36 -22.93 6.13
C MET D 338 -33.01 -23.38 6.64
N CYS D 339 -32.01 -23.43 5.76
CA CYS D 339 -30.65 -23.79 6.18
C CYS D 339 -30.10 -22.76 7.16
N LEU D 340 -30.38 -21.48 6.92
CA LEU D 340 -29.91 -20.44 7.83
C LEU D 340 -30.64 -20.49 9.16
N GLN D 341 -31.96 -20.73 9.14
CA GLN D 341 -32.73 -20.75 10.37
C GLN D 341 -32.30 -21.89 11.27
N LYS D 342 -32.03 -23.06 10.70
CA LYS D 342 -31.50 -24.17 11.48
C LYS D 342 -30.09 -23.92 11.99
N LEU D 343 -29.40 -22.91 11.44
CA LEU D 343 -28.09 -22.51 11.94
C LEU D 343 -28.16 -21.42 13.00
N GLY D 344 -29.36 -20.94 13.32
CA GLY D 344 -29.53 -19.90 14.30
C GLY D 344 -29.33 -18.49 13.79
N LEU D 345 -29.20 -18.31 12.48
CA LEU D 345 -28.92 -17.01 11.89
C LEU D 345 -30.12 -16.51 11.10
N VAL D 346 -30.18 -15.18 10.95
CA VAL D 346 -31.27 -14.53 10.24
C VAL D 346 -30.68 -13.68 9.12
N PRO D 347 -31.11 -13.86 7.87
CA PRO D 347 -30.55 -13.07 6.77
C PRO D 347 -30.89 -11.60 6.93
N GLU D 348 -29.95 -10.75 6.55
CA GLU D 348 -30.03 -9.30 6.76
C GLU D 348 -30.48 -8.61 5.48
N LYS D 349 -31.59 -7.87 5.57
CA LYS D 349 -32.07 -7.11 4.43
C LYS D 349 -31.09 -6.00 4.08
N HIS D 350 -30.93 -5.74 2.78
CA HIS D 350 -30.06 -4.68 2.29
C HIS D 350 -30.75 -4.00 1.13
N LYS D 351 -31.05 -2.71 1.29
CA LYS D 351 -31.78 -1.96 0.27
C LYS D 351 -31.03 -1.86 -1.06
N GLY D 352 -29.72 -2.09 -1.05
CA GLY D 352 -28.96 -2.10 -2.29
C GLY D 352 -29.30 -3.25 -3.21
N PHE D 353 -30.07 -4.23 -2.73
CA PHE D 353 -30.49 -5.39 -3.53
C PHE D 353 -31.89 -5.11 -4.06
N ARG D 354 -31.95 -4.49 -5.25
CA ARG D 354 -33.22 -4.19 -5.90
C ARG D 354 -33.60 -5.37 -6.78
N THR D 355 -34.26 -6.35 -6.17
CA THR D 355 -34.74 -7.50 -6.94
C THR D 355 -35.84 -7.09 -7.91
N PHE D 356 -36.72 -6.20 -7.47
CA PHE D 356 -37.54 -5.45 -8.42
C PHE D 356 -36.69 -4.36 -9.04
N ASP D 357 -37.12 -3.91 -10.22
CA ASP D 357 -36.30 -2.96 -10.99
C ASP D 357 -36.28 -1.58 -10.34
N ILE D 358 -35.86 -0.58 -11.10
CA ILE D 358 -35.84 0.80 -10.64
C ILE D 358 -36.82 1.59 -11.50
N GLU D 359 -37.33 2.68 -10.92
CA GLU D 359 -38.33 3.51 -11.59
C GLU D 359 -37.86 3.95 -12.97
N GLU D 360 -38.74 3.79 -13.96
CA GLU D 360 -38.37 4.05 -15.35
C GLU D 360 -37.75 5.43 -15.53
N LYS D 361 -38.26 6.43 -14.79
CA LYS D 361 -37.73 7.78 -14.92
C LYS D 361 -36.29 7.87 -14.42
N ASN D 362 -35.96 7.11 -13.37
CA ASN D 362 -34.61 7.17 -12.82
C ASN D 362 -33.63 6.30 -13.59
N LYS D 363 -34.11 5.40 -14.43
CA LYS D 363 -33.24 4.69 -15.34
C LYS D 363 -32.59 5.69 -16.31
N ASN D 364 -31.61 5.20 -17.08
CA ASN D 364 -30.75 6.00 -17.94
C ASN D 364 -29.79 6.85 -17.11
N ASN D 365 -30.23 7.30 -15.94
CA ASN D 365 -29.35 8.01 -15.02
C ASN D 365 -28.45 6.98 -14.34
N ILE D 366 -27.17 6.98 -14.73
CA ILE D 366 -26.23 5.97 -14.25
C ILE D 366 -26.03 6.06 -12.74
N CYS D 367 -26.30 7.23 -12.14
CA CYS D 367 -26.13 7.38 -10.70
C CYS D 367 -27.05 6.46 -9.91
N SER D 368 -28.17 6.05 -10.51
CA SER D 368 -29.07 5.11 -9.86
C SER D 368 -28.48 3.72 -9.74
N TYR D 369 -27.32 3.47 -10.34
CA TYR D 369 -26.67 2.16 -10.32
C TYR D 369 -25.46 2.11 -9.41
N VAL D 370 -24.62 3.15 -9.41
CA VAL D 370 -23.43 3.15 -8.55
C VAL D 370 -23.79 3.25 -7.08
N ASP D 371 -25.06 3.53 -6.75
CA ASP D 371 -25.53 3.50 -5.38
C ASP D 371 -26.02 2.11 -4.97
N LEU D 372 -26.60 1.36 -5.91
CA LEU D 372 -27.11 0.04 -5.59
C LEU D 372 -26.03 -1.02 -5.77
N MET D 373 -26.39 -2.26 -5.47
CA MET D 373 -25.49 -3.40 -5.56
C MET D 373 -25.98 -4.46 -6.53
N LEU D 374 -27.29 -4.54 -6.77
CA LEU D 374 -27.88 -5.60 -7.57
C LEU D 374 -29.18 -5.07 -8.17
N VAL D 375 -29.38 -5.33 -9.46
CA VAL D 375 -30.61 -4.91 -10.15
C VAL D 375 -31.06 -6.05 -11.05
N HIS D 376 -32.35 -6.37 -11.01
CA HIS D 376 -32.94 -7.45 -11.80
C HIS D 376 -34.07 -6.88 -12.63
N SER D 377 -34.03 -7.10 -13.95
CA SER D 377 -33.01 -7.87 -14.65
C SER D 377 -32.55 -7.13 -15.91
N ARG D 378 -31.42 -7.55 -16.49
CA ARG D 378 -30.87 -6.90 -17.66
C ARG D 378 -30.44 -7.95 -18.68
N LYS D 379 -30.51 -7.56 -19.95
CA LYS D 379 -30.14 -8.41 -21.08
C LYS D 379 -28.63 -8.29 -21.33
N PRO D 380 -28.07 -9.19 -22.14
CA PRO D 380 -26.60 -9.19 -22.32
C PRO D 380 -26.01 -7.85 -22.75
N GLN D 381 -26.61 -7.18 -23.74
CA GLN D 381 -26.04 -5.92 -24.21
C GLN D 381 -26.15 -4.84 -23.14
N GLU D 382 -27.24 -4.86 -22.35
CA GLU D 382 -27.41 -3.86 -21.30
C GLU D 382 -26.31 -3.96 -20.26
N MET D 383 -25.96 -5.18 -19.86
CA MET D 383 -24.90 -5.37 -18.85
C MET D 383 -23.58 -4.81 -19.33
N ILE D 384 -23.24 -5.03 -20.61
CA ILE D 384 -22.01 -4.45 -21.16
C ILE D 384 -22.15 -2.93 -21.25
N ASP D 385 -23.36 -2.44 -21.51
CA ASP D 385 -23.59 -1.00 -21.62
C ASP D 385 -23.44 -0.31 -20.27
N ILE D 386 -24.22 -0.75 -19.28
CA ILE D 386 -24.20 -0.11 -17.97
C ILE D 386 -22.83 -0.22 -17.32
N TRP D 387 -22.12 -1.32 -17.56
CA TRP D 387 -20.78 -1.46 -16.99
C TRP D 387 -19.82 -0.42 -17.55
N SER D 388 -19.99 -0.02 -18.80
CA SER D 388 -19.12 1.00 -19.39
C SER D 388 -19.61 2.41 -19.10
N GLN D 389 -20.93 2.61 -18.95
CA GLN D 389 -21.43 3.87 -18.44
C GLN D 389 -21.09 4.08 -16.97
N LEU D 390 -20.61 3.05 -16.28
CA LEU D 390 -20.24 3.13 -14.87
C LEU D 390 -18.80 3.58 -14.67
N GLN D 391 -17.89 3.18 -15.56
CA GLN D 391 -16.48 3.51 -15.40
C GLN D 391 -16.18 4.98 -15.66
N SER D 392 -17.21 5.78 -16.01
CA SER D 392 -17.06 7.22 -16.14
C SER D 392 -18.15 7.95 -15.35
N ALA D 393 -18.80 7.25 -14.41
CA ALA D 393 -19.92 7.82 -13.67
C ALA D 393 -19.49 8.71 -12.52
N HIS D 394 -18.23 8.63 -12.09
CA HIS D 394 -17.79 9.49 -10.99
C HIS D 394 -17.62 10.93 -11.43
N LEU D 395 -17.54 11.19 -12.74
CA LEU D 395 -17.45 12.57 -13.22
C LEU D 395 -18.71 13.37 -12.94
N LYS D 396 -19.84 12.70 -12.72
CA LYS D 396 -21.13 13.37 -12.63
C LYS D 396 -21.88 13.11 -11.33
N CYS D 397 -21.61 12.01 -10.64
CA CYS D 397 -22.31 11.72 -9.40
C CYS D 397 -21.35 11.14 -8.35
#